data_7JL6
# 
_entry.id   7JL6 
# 
_audit_conform.dict_name       mmcif_pdbx.dic 
_audit_conform.dict_version    5.387 
_audit_conform.dict_location   http://mmcif.pdb.org/dictionaries/ascii/mmcif_pdbx.dic 
# 
loop_
_database_2.database_id 
_database_2.database_code 
_database_2.pdbx_database_accession 
_database_2.pdbx_DOI 
PDB   7JL6         pdb_00007jl6 10.2210/pdb7jl6/pdb 
WWPDB D_1000250158 ?            ?                   
# 
loop_
_pdbx_audit_revision_history.ordinal 
_pdbx_audit_revision_history.data_content_type 
_pdbx_audit_revision_history.major_revision 
_pdbx_audit_revision_history.minor_revision 
_pdbx_audit_revision_history.revision_date 
1 'Structure model' 1 0 2021-08-04 
2 'Structure model' 1 1 2024-03-06 
# 
_pdbx_audit_revision_details.ordinal             1 
_pdbx_audit_revision_details.revision_ordinal    1 
_pdbx_audit_revision_details.data_content_type   'Structure model' 
_pdbx_audit_revision_details.provider            repository 
_pdbx_audit_revision_details.type                'Initial release' 
_pdbx_audit_revision_details.description         ? 
_pdbx_audit_revision_details.details             ? 
# 
loop_
_pdbx_audit_revision_group.ordinal 
_pdbx_audit_revision_group.revision_ordinal 
_pdbx_audit_revision_group.data_content_type 
_pdbx_audit_revision_group.group 
1 2 'Structure model' 'Data collection'     
2 2 'Structure model' 'Database references' 
# 
loop_
_pdbx_audit_revision_category.ordinal 
_pdbx_audit_revision_category.revision_ordinal 
_pdbx_audit_revision_category.data_content_type 
_pdbx_audit_revision_category.category 
1 2 'Structure model' chem_comp_atom 
2 2 'Structure model' chem_comp_bond 
3 2 'Structure model' database_2     
# 
loop_
_pdbx_audit_revision_item.ordinal 
_pdbx_audit_revision_item.revision_ordinal 
_pdbx_audit_revision_item.data_content_type 
_pdbx_audit_revision_item.item 
1 2 'Structure model' '_database_2.pdbx_DOI'                
2 2 'Structure model' '_database_2.pdbx_database_accession' 
# 
_pdbx_database_status.status_code                     REL 
_pdbx_database_status.status_code_sf                  REL 
_pdbx_database_status.status_code_mr                  ? 
_pdbx_database_status.entry_id                        7JL6 
_pdbx_database_status.recvd_initial_deposition_date   2020-07-29 
_pdbx_database_status.SG_entry                        N 
_pdbx_database_status.deposit_site                    RCSB 
_pdbx_database_status.process_site                    RCSB 
_pdbx_database_status.status_code_cs                  ? 
_pdbx_database_status.status_code_nmr_data            ? 
_pdbx_database_status.methods_development_category    ? 
_pdbx_database_status.pdb_format_compatible           Y 
# 
loop_
_audit_author.name 
_audit_author.pdbx_ordinal 
_audit_author.identifier_ORCID 
'Tiwari, N.'    1 0000-0001-5327-672X 
'Sun, Y.J.'     2 ?                   
'Gakhar, L.'    3 ?                   
'Fuentes, E.J.' 4 ?                   
# 
_citation.abstract                  ? 
_citation.abstract_id_CAS           ? 
_citation.book_id_ISBN              ? 
_citation.book_publisher            ? 
_citation.book_publisher_city       ? 
_citation.book_title                ? 
_citation.coordinate_linkage        ? 
_citation.country                   ? 
_citation.database_id_Medline       ? 
_citation.details                   ? 
_citation.id                        primary 
_citation.journal_abbrev            'To Be Published' 
_citation.journal_id_ASTM           ? 
_citation.journal_id_CSD            0353 
_citation.journal_id_ISSN           ? 
_citation.journal_full              ? 
_citation.journal_issue             ? 
_citation.journal_volume            ? 
_citation.language                  ? 
_citation.page_first                ? 
_citation.page_last                 ? 
_citation.title                     
'Heme binding to SrrB PAS domain plays a role in redox regulation of S. aureus SrrAB two-component system' 
_citation.year                      ? 
_citation.database_id_CSD           ? 
_citation.pdbx_database_id_DOI      ? 
_citation.pdbx_database_id_PubMed   ? 
_citation.unpublished_flag          ? 
# 
loop_
_citation_author.citation_id 
_citation_author.name 
_citation_author.ordinal 
_citation_author.identifier_ORCID 
primary 'Tiwari, N.'    1 0000-0001-5327-672X 
primary 'Sun, Y.J.'     2 ?                   
primary 'Fuentes, E.J.' 3 ?                   
# 
loop_
_entity.id 
_entity.type 
_entity.src_method 
_entity.pdbx_description 
_entity.formula_weight 
_entity.pdbx_number_of_molecules 
_entity.pdbx_ec 
_entity.pdbx_mutation 
_entity.pdbx_fragment 
_entity.details 
1 polymer man 'Sensor protein SrrB' 11829.364 2  2.7.13.3 ? ? ? 
2 water   nat water                 18.015    27 ?        ? ? ? 
# 
_entity_name_com.entity_id   1 
_entity_name_com.name        'Staphylococcal respiratory response protein B' 
# 
_entity_poly.entity_id                      1 
_entity_poly.type                           'polypeptide(L)' 
_entity_poly.nstd_linkage                   no 
_entity_poly.nstd_monomer                   no 
_entity_poly.pdbx_seq_one_letter_code       
;AMGRDSLINSMVEGVLGINESRQIILSNKMANDIMDNIDEDAKAFLLRQIEDTFKSKQTEMRDLEMNTRFFVVTTSYIDK
IEQGGKSGVVVTVRDMTNEHNLDQ
;
_entity_poly.pdbx_seq_one_letter_code_can   
;AMGRDSLINSMVEGVLGINESRQIILSNKMANDIMDNIDEDAKAFLLRQIEDTFKSKQTEMRDLEMNTRFFVVTTSYIDK
IEQGGKSGVVVTVRDMTNEHNLDQ
;
_entity_poly.pdbx_strand_id                 A,B 
_entity_poly.pdbx_target_identifier         ? 
# 
_pdbx_entity_nonpoly.entity_id   2 
_pdbx_entity_nonpoly.name        water 
_pdbx_entity_nonpoly.comp_id     HOH 
# 
loop_
_entity_poly_seq.entity_id 
_entity_poly_seq.num 
_entity_poly_seq.mon_id 
_entity_poly_seq.hetero 
1 1   ALA n 
1 2   MET n 
1 3   GLY n 
1 4   ARG n 
1 5   ASP n 
1 6   SER n 
1 7   LEU n 
1 8   ILE n 
1 9   ASN n 
1 10  SER n 
1 11  MET n 
1 12  VAL n 
1 13  GLU n 
1 14  GLY n 
1 15  VAL n 
1 16  LEU n 
1 17  GLY n 
1 18  ILE n 
1 19  ASN n 
1 20  GLU n 
1 21  SER n 
1 22  ARG n 
1 23  GLN n 
1 24  ILE n 
1 25  ILE n 
1 26  LEU n 
1 27  SER n 
1 28  ASN n 
1 29  LYS n 
1 30  MET n 
1 31  ALA n 
1 32  ASN n 
1 33  ASP n 
1 34  ILE n 
1 35  MET n 
1 36  ASP n 
1 37  ASN n 
1 38  ILE n 
1 39  ASP n 
1 40  GLU n 
1 41  ASP n 
1 42  ALA n 
1 43  LYS n 
1 44  ALA n 
1 45  PHE n 
1 46  LEU n 
1 47  LEU n 
1 48  ARG n 
1 49  GLN n 
1 50  ILE n 
1 51  GLU n 
1 52  ASP n 
1 53  THR n 
1 54  PHE n 
1 55  LYS n 
1 56  SER n 
1 57  LYS n 
1 58  GLN n 
1 59  THR n 
1 60  GLU n 
1 61  MET n 
1 62  ARG n 
1 63  ASP n 
1 64  LEU n 
1 65  GLU n 
1 66  MET n 
1 67  ASN n 
1 68  THR n 
1 69  ARG n 
1 70  PHE n 
1 71  PHE n 
1 72  VAL n 
1 73  VAL n 
1 74  THR n 
1 75  THR n 
1 76  SER n 
1 77  TYR n 
1 78  ILE n 
1 79  ASP n 
1 80  LYS n 
1 81  ILE n 
1 82  GLU n 
1 83  GLN n 
1 84  GLY n 
1 85  GLY n 
1 86  LYS n 
1 87  SER n 
1 88  GLY n 
1 89  VAL n 
1 90  VAL n 
1 91  VAL n 
1 92  THR n 
1 93  VAL n 
1 94  ARG n 
1 95  ASP n 
1 96  MET n 
1 97  THR n 
1 98  ASN n 
1 99  GLU n 
1 100 HIS n 
1 101 ASN n 
1 102 LEU n 
1 103 ASP n 
1 104 GLN n 
# 
_entity_src_gen.entity_id                          1 
_entity_src_gen.pdbx_src_id                        1 
_entity_src_gen.pdbx_alt_source_flag               sample 
_entity_src_gen.pdbx_seq_type                      'Biological sequence' 
_entity_src_gen.pdbx_beg_seq_num                   1 
_entity_src_gen.pdbx_end_seq_num                   104 
_entity_src_gen.gene_src_common_name               ? 
_entity_src_gen.gene_src_genus                     ? 
_entity_src_gen.pdbx_gene_src_gene                 srrB 
_entity_src_gen.gene_src_species                   ? 
_entity_src_gen.gene_src_strain                    ? 
_entity_src_gen.gene_src_tissue                    ? 
_entity_src_gen.gene_src_tissue_fraction           ? 
_entity_src_gen.gene_src_details                   ? 
_entity_src_gen.pdbx_gene_src_fragment             ? 
_entity_src_gen.pdbx_gene_src_scientific_name      'Staphylococcus aureus' 
_entity_src_gen.pdbx_gene_src_ncbi_taxonomy_id     1280 
_entity_src_gen.pdbx_gene_src_variant              ? 
_entity_src_gen.pdbx_gene_src_cell_line            ? 
_entity_src_gen.pdbx_gene_src_atcc                 ? 
_entity_src_gen.pdbx_gene_src_organ                ? 
_entity_src_gen.pdbx_gene_src_organelle            ? 
_entity_src_gen.pdbx_gene_src_cell                 ? 
_entity_src_gen.pdbx_gene_src_cellular_location    ? 
_entity_src_gen.host_org_common_name               ? 
_entity_src_gen.pdbx_host_org_scientific_name      'Escherichia coli BL21(DE3)' 
_entity_src_gen.pdbx_host_org_ncbi_taxonomy_id     469008 
_entity_src_gen.host_org_genus                     ? 
_entity_src_gen.pdbx_host_org_gene                 ? 
_entity_src_gen.pdbx_host_org_organ                ? 
_entity_src_gen.host_org_species                   ? 
_entity_src_gen.pdbx_host_org_tissue               ? 
_entity_src_gen.pdbx_host_org_tissue_fraction      ? 
_entity_src_gen.pdbx_host_org_strain               ? 
_entity_src_gen.pdbx_host_org_variant              ? 
_entity_src_gen.pdbx_host_org_cell_line            ? 
_entity_src_gen.pdbx_host_org_atcc                 ? 
_entity_src_gen.pdbx_host_org_culture_collection   ? 
_entity_src_gen.pdbx_host_org_cell                 ? 
_entity_src_gen.pdbx_host_org_organelle            ? 
_entity_src_gen.pdbx_host_org_cellular_location    ? 
_entity_src_gen.pdbx_host_org_vector_type          ? 
_entity_src_gen.pdbx_host_org_vector               ? 
_entity_src_gen.host_org_details                   ? 
_entity_src_gen.expression_system_id               ? 
_entity_src_gen.plasmid_name                       ? 
_entity_src_gen.plasmid_details                    ? 
_entity_src_gen.pdbx_description                   ? 
# 
loop_
_chem_comp.id 
_chem_comp.type 
_chem_comp.mon_nstd_flag 
_chem_comp.name 
_chem_comp.pdbx_synonyms 
_chem_comp.formula 
_chem_comp.formula_weight 
ALA 'L-peptide linking' y ALANINE         ? 'C3 H7 N O2'     89.093  
ARG 'L-peptide linking' y ARGININE        ? 'C6 H15 N4 O2 1' 175.209 
ASN 'L-peptide linking' y ASPARAGINE      ? 'C4 H8 N2 O3'    132.118 
ASP 'L-peptide linking' y 'ASPARTIC ACID' ? 'C4 H7 N O4'     133.103 
GLN 'L-peptide linking' y GLUTAMINE       ? 'C5 H10 N2 O3'   146.144 
GLU 'L-peptide linking' y 'GLUTAMIC ACID' ? 'C5 H9 N O4'     147.129 
GLY 'peptide linking'   y GLYCINE         ? 'C2 H5 N O2'     75.067  
HIS 'L-peptide linking' y HISTIDINE       ? 'C6 H10 N3 O2 1' 156.162 
HOH non-polymer         . WATER           ? 'H2 O'           18.015  
ILE 'L-peptide linking' y ISOLEUCINE      ? 'C6 H13 N O2'    131.173 
LEU 'L-peptide linking' y LEUCINE         ? 'C6 H13 N O2'    131.173 
LYS 'L-peptide linking' y LYSINE          ? 'C6 H15 N2 O2 1' 147.195 
MET 'L-peptide linking' y METHIONINE      ? 'C5 H11 N O2 S'  149.211 
PHE 'L-peptide linking' y PHENYLALANINE   ? 'C9 H11 N O2'    165.189 
SER 'L-peptide linking' y SERINE          ? 'C3 H7 N O3'     105.093 
THR 'L-peptide linking' y THREONINE       ? 'C4 H9 N O3'     119.119 
TYR 'L-peptide linking' y TYROSINE        ? 'C9 H11 N O3'    181.189 
VAL 'L-peptide linking' y VALINE          ? 'C5 H11 N O2'    117.146 
# 
loop_
_pdbx_poly_seq_scheme.asym_id 
_pdbx_poly_seq_scheme.entity_id 
_pdbx_poly_seq_scheme.seq_id 
_pdbx_poly_seq_scheme.mon_id 
_pdbx_poly_seq_scheme.ndb_seq_num 
_pdbx_poly_seq_scheme.pdb_seq_num 
_pdbx_poly_seq_scheme.auth_seq_num 
_pdbx_poly_seq_scheme.pdb_mon_id 
_pdbx_poly_seq_scheme.auth_mon_id 
_pdbx_poly_seq_scheme.pdb_strand_id 
_pdbx_poly_seq_scheme.pdb_ins_code 
_pdbx_poly_seq_scheme.hetero 
A 1 1   ALA 1   2   2   ALA ALA A . n 
A 1 2   MET 2   3   3   MET MET A . n 
A 1 3   GLY 3   4   4   GLY GLY A . n 
A 1 4   ARG 4   5   5   ARG ARG A . n 
A 1 5   ASP 5   6   6   ASP ASP A . n 
A 1 6   SER 6   7   7   SER SER A . n 
A 1 7   LEU 7   8   8   LEU LEU A . n 
A 1 8   ILE 8   9   9   ILE ILE A . n 
A 1 9   ASN 9   10  10  ASN ASN A . n 
A 1 10  SER 10  11  11  SER SER A . n 
A 1 11  MET 11  12  12  MET MET A . n 
A 1 12  VAL 12  13  13  VAL VAL A . n 
A 1 13  GLU 13  14  14  GLU GLU A . n 
A 1 14  GLY 14  15  15  GLY GLY A . n 
A 1 15  VAL 15  16  16  VAL VAL A . n 
A 1 16  LEU 16  17  17  LEU LEU A . n 
A 1 17  GLY 17  18  18  GLY GLY A . n 
A 1 18  ILE 18  19  19  ILE ILE A . n 
A 1 19  ASN 19  20  20  ASN ASN A . n 
A 1 20  GLU 20  21  21  GLU GLU A . n 
A 1 21  SER 21  22  22  SER SER A . n 
A 1 22  ARG 22  23  23  ARG ARG A . n 
A 1 23  GLN 23  24  24  GLN GLN A . n 
A 1 24  ILE 24  25  25  ILE ILE A . n 
A 1 25  ILE 25  26  26  ILE ILE A . n 
A 1 26  LEU 26  27  27  LEU LEU A . n 
A 1 27  SER 27  28  28  SER SER A . n 
A 1 28  ASN 28  29  29  ASN ASN A . n 
A 1 29  LYS 29  30  30  LYS LYS A . n 
A 1 30  MET 30  31  31  MET MET A . n 
A 1 31  ALA 31  32  32  ALA ALA A . n 
A 1 32  ASN 32  33  33  ASN ASN A . n 
A 1 33  ASP 33  34  34  ASP ASP A . n 
A 1 34  ILE 34  35  35  ILE ILE A . n 
A 1 35  MET 35  36  36  MET MET A . n 
A 1 36  ASP 36  37  37  ASP ASP A . n 
A 1 37  ASN 37  38  38  ASN ASN A . n 
A 1 38  ILE 38  39  39  ILE ILE A . n 
A 1 39  ASP 39  40  40  ASP ASP A . n 
A 1 40  GLU 40  41  41  GLU GLU A . n 
A 1 41  ASP 41  42  42  ASP ASP A . n 
A 1 42  ALA 42  43  43  ALA ALA A . n 
A 1 43  LYS 43  44  44  LYS LYS A . n 
A 1 44  ALA 44  45  45  ALA ALA A . n 
A 1 45  PHE 45  46  46  PHE PHE A . n 
A 1 46  LEU 46  47  47  LEU LEU A . n 
A 1 47  LEU 47  48  48  LEU LEU A . n 
A 1 48  ARG 48  49  49  ARG ARG A . n 
A 1 49  GLN 49  50  50  GLN GLN A . n 
A 1 50  ILE 50  51  51  ILE ILE A . n 
A 1 51  GLU 51  52  52  GLU GLU A . n 
A 1 52  ASP 52  53  53  ASP ASP A . n 
A 1 53  THR 53  54  54  THR THR A . n 
A 1 54  PHE 54  55  55  PHE PHE A . n 
A 1 55  LYS 55  56  56  LYS LYS A . n 
A 1 56  SER 56  57  57  SER SER A . n 
A 1 57  LYS 57  58  58  LYS LYS A . n 
A 1 58  GLN 58  59  59  GLN GLN A . n 
A 1 59  THR 59  60  60  THR THR A . n 
A 1 60  GLU 60  61  61  GLU GLU A . n 
A 1 61  MET 61  62  62  MET MET A . n 
A 1 62  ARG 62  63  63  ARG ARG A . n 
A 1 63  ASP 63  64  64  ASP ASP A . n 
A 1 64  LEU 64  65  65  LEU LEU A . n 
A 1 65  GLU 65  66  66  GLU GLU A . n 
A 1 66  MET 66  67  67  MET MET A . n 
A 1 67  ASN 67  68  68  ASN ASN A . n 
A 1 68  THR 68  69  69  THR THR A . n 
A 1 69  ARG 69  70  70  ARG ARG A . n 
A 1 70  PHE 70  71  71  PHE PHE A . n 
A 1 71  PHE 71  72  72  PHE PHE A . n 
A 1 72  VAL 72  73  73  VAL VAL A . n 
A 1 73  VAL 73  74  74  VAL VAL A . n 
A 1 74  THR 74  75  75  THR THR A . n 
A 1 75  THR 75  76  76  THR THR A . n 
A 1 76  SER 76  77  77  SER SER A . n 
A 1 77  TYR 77  78  78  TYR TYR A . n 
A 1 78  ILE 78  79  79  ILE ILE A . n 
A 1 79  ASP 79  80  80  ASP ASP A . n 
A 1 80  LYS 80  81  81  LYS LYS A . n 
A 1 81  ILE 81  82  82  ILE ILE A . n 
A 1 82  GLU 82  83  83  GLU GLU A . n 
A 1 83  GLN 83  84  84  GLN GLN A . n 
A 1 84  GLY 84  85  85  GLY GLY A . n 
A 1 85  GLY 85  86  86  GLY GLY A . n 
A 1 86  LYS 86  87  87  LYS LYS A . n 
A 1 87  SER 87  88  88  SER SER A . n 
A 1 88  GLY 88  89  89  GLY GLY A . n 
A 1 89  VAL 89  90  90  VAL VAL A . n 
A 1 90  VAL 90  91  91  VAL VAL A . n 
A 1 91  VAL 91  92  92  VAL VAL A . n 
A 1 92  THR 92  93  93  THR THR A . n 
A 1 93  VAL 93  94  94  VAL VAL A . n 
A 1 94  ARG 94  95  95  ARG ARG A . n 
A 1 95  ASP 95  96  96  ASP ASP A . n 
A 1 96  MET 96  97  97  MET MET A . n 
A 1 97  THR 97  98  98  THR THR A . n 
A 1 98  ASN 98  99  99  ASN ASN A . n 
A 1 99  GLU 99  100 100 GLU GLU A . n 
A 1 100 HIS 100 101 101 HIS HIS A . n 
A 1 101 ASN 101 102 102 ASN ASN A . n 
A 1 102 LEU 102 103 103 LEU LEU A . n 
A 1 103 ASP 103 104 104 ASP ASP A . n 
A 1 104 GLN 104 105 105 GLN GLN A . n 
B 1 1   ALA 1   2   ?   ?   ?   B . n 
B 1 2   MET 2   3   ?   ?   ?   B . n 
B 1 3   GLY 3   4   ?   ?   ?   B . n 
B 1 4   ARG 4   5   ?   ?   ?   B . n 
B 1 5   ASP 5   6   ?   ?   ?   B . n 
B 1 6   SER 6   7   ?   ?   ?   B . n 
B 1 7   LEU 7   8   ?   ?   ?   B . n 
B 1 8   ILE 8   9   9   ILE ILE B . n 
B 1 9   ASN 9   10  10  ASN ASN B . n 
B 1 10  SER 10  11  11  SER SER B . n 
B 1 11  MET 11  12  12  MET MET B . n 
B 1 12  VAL 12  13  13  VAL VAL B . n 
B 1 13  GLU 13  14  14  GLU GLU B . n 
B 1 14  GLY 14  15  15  GLY GLY B . n 
B 1 15  VAL 15  16  16  VAL VAL B . n 
B 1 16  LEU 16  17  17  LEU LEU B . n 
B 1 17  GLY 17  18  18  GLY GLY B . n 
B 1 18  ILE 18  19  19  ILE ILE B . n 
B 1 19  ASN 19  20  20  ASN ASN B . n 
B 1 20  GLU 20  21  21  GLU GLU B . n 
B 1 21  SER 21  22  22  SER SER B . n 
B 1 22  ARG 22  23  23  ARG ARG B . n 
B 1 23  GLN 23  24  24  GLN GLN B . n 
B 1 24  ILE 24  25  25  ILE ILE B . n 
B 1 25  ILE 25  26  26  ILE ILE B . n 
B 1 26  LEU 26  27  27  LEU LEU B . n 
B 1 27  SER 27  28  28  SER SER B . n 
B 1 28  ASN 28  29  29  ASN ASN B . n 
B 1 29  LYS 29  30  30  LYS LYS B . n 
B 1 30  MET 30  31  31  MET MET B . n 
B 1 31  ALA 31  32  32  ALA ALA B . n 
B 1 32  ASN 32  33  33  ASN ASN B . n 
B 1 33  ASP 33  34  34  ASP ASP B . n 
B 1 34  ILE 34  35  35  ILE ILE B . n 
B 1 35  MET 35  36  36  MET MET B . n 
B 1 36  ASP 36  37  37  ASP ASP B . n 
B 1 37  ASN 37  38  38  ASN ASN B . n 
B 1 38  ILE 38  39  39  ILE ILE B . n 
B 1 39  ASP 39  40  40  ASP ASP B . n 
B 1 40  GLU 40  41  41  GLU GLU B . n 
B 1 41  ASP 41  42  42  ASP ASP B . n 
B 1 42  ALA 42  43  43  ALA ALA B . n 
B 1 43  LYS 43  44  44  LYS LYS B . n 
B 1 44  ALA 44  45  45  ALA ALA B . n 
B 1 45  PHE 45  46  46  PHE PHE B . n 
B 1 46  LEU 46  47  47  LEU LEU B . n 
B 1 47  LEU 47  48  48  LEU LEU B . n 
B 1 48  ARG 48  49  49  ARG ARG B . n 
B 1 49  GLN 49  50  50  GLN GLN B . n 
B 1 50  ILE 50  51  51  ILE ILE B . n 
B 1 51  GLU 51  52  52  GLU GLU B . n 
B 1 52  ASP 52  53  53  ASP ASP B . n 
B 1 53  THR 53  54  54  THR THR B . n 
B 1 54  PHE 54  55  55  PHE PHE B . n 
B 1 55  LYS 55  56  56  LYS LYS B . n 
B 1 56  SER 56  57  57  SER SER B . n 
B 1 57  LYS 57  58  58  LYS LYS B . n 
B 1 58  GLN 58  59  59  GLN GLN B . n 
B 1 59  THR 59  60  60  THR THR B . n 
B 1 60  GLU 60  61  61  GLU GLU B . n 
B 1 61  MET 61  62  62  MET MET B . n 
B 1 62  ARG 62  63  63  ARG ARG B . n 
B 1 63  ASP 63  64  64  ASP ASP B . n 
B 1 64  LEU 64  65  65  LEU LEU B . n 
B 1 65  GLU 65  66  66  GLU GLU B . n 
B 1 66  MET 66  67  67  MET MET B . n 
B 1 67  ASN 67  68  68  ASN ASN B . n 
B 1 68  THR 68  69  69  THR THR B . n 
B 1 69  ARG 69  70  70  ARG ARG B . n 
B 1 70  PHE 70  71  71  PHE PHE B . n 
B 1 71  PHE 71  72  72  PHE PHE B . n 
B 1 72  VAL 72  73  73  VAL VAL B . n 
B 1 73  VAL 73  74  74  VAL VAL B . n 
B 1 74  THR 74  75  75  THR THR B . n 
B 1 75  THR 75  76  76  THR THR B . n 
B 1 76  SER 76  77  77  SER SER B . n 
B 1 77  TYR 77  78  78  TYR TYR B . n 
B 1 78  ILE 78  79  79  ILE ILE B . n 
B 1 79  ASP 79  80  80  ASP ASP B . n 
B 1 80  LYS 80  81  81  LYS LYS B . n 
B 1 81  ILE 81  82  82  ILE ILE B . n 
B 1 82  GLU 82  83  83  GLU GLU B . n 
B 1 83  GLN 83  84  84  GLN GLN B . n 
B 1 84  GLY 84  85  85  GLY GLY B . n 
B 1 85  GLY 85  86  86  GLY GLY B . n 
B 1 86  LYS 86  87  87  LYS LYS B . n 
B 1 87  SER 87  88  88  SER SER B . n 
B 1 88  GLY 88  89  89  GLY GLY B . n 
B 1 89  VAL 89  90  90  VAL VAL B . n 
B 1 90  VAL 90  91  91  VAL VAL B . n 
B 1 91  VAL 91  92  92  VAL VAL B . n 
B 1 92  THR 92  93  93  THR THR B . n 
B 1 93  VAL 93  94  94  VAL VAL B . n 
B 1 94  ARG 94  95  95  ARG ARG B . n 
B 1 95  ASP 95  96  96  ASP ASP B . n 
B 1 96  MET 96  97  97  MET MET B . n 
B 1 97  THR 97  98  98  THR THR B . n 
B 1 98  ASN 98  99  ?   ?   ?   B . n 
B 1 99  GLU 99  100 ?   ?   ?   B . n 
B 1 100 HIS 100 101 ?   ?   ?   B . n 
B 1 101 ASN 101 102 ?   ?   ?   B . n 
B 1 102 LEU 102 103 ?   ?   ?   B . n 
B 1 103 ASP 103 104 ?   ?   ?   B . n 
B 1 104 GLN 104 105 ?   ?   ?   B . n 
# 
loop_
_pdbx_nonpoly_scheme.asym_id 
_pdbx_nonpoly_scheme.entity_id 
_pdbx_nonpoly_scheme.mon_id 
_pdbx_nonpoly_scheme.ndb_seq_num 
_pdbx_nonpoly_scheme.pdb_seq_num 
_pdbx_nonpoly_scheme.auth_seq_num 
_pdbx_nonpoly_scheme.pdb_mon_id 
_pdbx_nonpoly_scheme.auth_mon_id 
_pdbx_nonpoly_scheme.pdb_strand_id 
_pdbx_nonpoly_scheme.pdb_ins_code 
C 2 HOH 1  201 7  HOH HOH A . 
C 2 HOH 2  202 12 HOH HOH A . 
C 2 HOH 3  203 4  HOH HOH A . 
C 2 HOH 4  204 3  HOH HOH A . 
C 2 HOH 5  205 2  HOH HOH A . 
C 2 HOH 6  206 26 HOH HOH A . 
C 2 HOH 7  207 20 HOH HOH A . 
C 2 HOH 8  208 27 HOH HOH A . 
C 2 HOH 9  209 21 HOH HOH A . 
C 2 HOH 10 210 14 HOH HOH A . 
C 2 HOH 11 211 1  HOH HOH A . 
C 2 HOH 12 212 23 HOH HOH A . 
C 2 HOH 13 213 19 HOH HOH A . 
C 2 HOH 14 214 24 HOH HOH A . 
C 2 HOH 15 215 10 HOH HOH A . 
C 2 HOH 16 216 9  HOH HOH A . 
C 2 HOH 17 217 15 HOH HOH A . 
C 2 HOH 18 218 28 HOH HOH A . 
D 2 HOH 1  201 22 HOH HOH B . 
D 2 HOH 2  202 17 HOH HOH B . 
D 2 HOH 3  203 11 HOH HOH B . 
D 2 HOH 4  204 25 HOH HOH B . 
D 2 HOH 5  205 5  HOH HOH B . 
D 2 HOH 6  206 8  HOH HOH B . 
D 2 HOH 7  207 6  HOH HOH B . 
D 2 HOH 8  208 16 HOH HOH B . 
D 2 HOH 9  209 18 HOH HOH B . 
# 
loop_
_software.citation_id 
_software.classification 
_software.compiler_name 
_software.compiler_version 
_software.contact_author 
_software.contact_author_email 
_software.date 
_software.description 
_software.dependencies 
_software.hardware 
_software.language 
_software.location 
_software.mods 
_software.name 
_software.os 
_software.os_version 
_software.type 
_software.version 
_software.pdbx_ordinal 
? refinement       ? ? ? ? ? ? ? ? ? ? ? REFMAC   ? ? ? 5.8.0258 1 
? 'data reduction' ? ? ? ? ? ? ? ? ? ? ? HKL-2000 ? ? ? .        2 
? 'data scaling'   ? ? ? ? ? ? ? ? ? ? ? HKL-2000 ? ? ? .        3 
? phasing          ? ? ? ? ? ? ? ? ? ? ? PHASER   ? ? ? .        4 
# 
_cell.angle_alpha                  90.00 
_cell.angle_alpha_esd              ? 
_cell.angle_beta                   91.11 
_cell.angle_beta_esd               ? 
_cell.angle_gamma                  90.00 
_cell.angle_gamma_esd              ? 
_cell.entry_id                     7JL6 
_cell.details                      ? 
_cell.formula_units_Z              ? 
_cell.length_a                     84.072 
_cell.length_a_esd                 ? 
_cell.length_b                     65.140 
_cell.length_b_esd                 ? 
_cell.length_c                     37.513 
_cell.length_c_esd                 ? 
_cell.volume                       ? 
_cell.volume_esd                   ? 
_cell.Z_PDB                        8 
_cell.reciprocal_angle_alpha       ? 
_cell.reciprocal_angle_beta        ? 
_cell.reciprocal_angle_gamma       ? 
_cell.reciprocal_angle_alpha_esd   ? 
_cell.reciprocal_angle_beta_esd    ? 
_cell.reciprocal_angle_gamma_esd   ? 
_cell.reciprocal_length_a          ? 
_cell.reciprocal_length_b          ? 
_cell.reciprocal_length_c          ? 
_cell.reciprocal_length_a_esd      ? 
_cell.reciprocal_length_b_esd      ? 
_cell.reciprocal_length_c_esd      ? 
_cell.pdbx_unique_axis             ? 
# 
_symmetry.entry_id                         7JL6 
_symmetry.cell_setting                     ? 
_symmetry.Int_Tables_number                5 
_symmetry.space_group_name_Hall            ? 
_symmetry.space_group_name_H-M             'C 1 2 1' 
_symmetry.pdbx_full_space_group_name_H-M   ? 
# 
_exptl.absorpt_coefficient_mu     ? 
_exptl.absorpt_correction_T_max   ? 
_exptl.absorpt_correction_T_min   ? 
_exptl.absorpt_correction_type    ? 
_exptl.absorpt_process_details    ? 
_exptl.entry_id                   7JL6 
_exptl.crystals_number            1 
_exptl.details                    ? 
_exptl.method                     'X-RAY DIFFRACTION' 
_exptl.method_details             ? 
# 
_exptl_crystal.colour                      ? 
_exptl_crystal.density_diffrn              ? 
_exptl_crystal.density_Matthews            2.33 
_exptl_crystal.density_method              ? 
_exptl_crystal.density_percent_sol         47.12 
_exptl_crystal.description                 ? 
_exptl_crystal.F_000                       ? 
_exptl_crystal.id                          1 
_exptl_crystal.preparation                 ? 
_exptl_crystal.size_max                    ? 
_exptl_crystal.size_mid                    ? 
_exptl_crystal.size_min                    ? 
_exptl_crystal.size_rad                    ? 
_exptl_crystal.colour_lustre               ? 
_exptl_crystal.colour_modifier             ? 
_exptl_crystal.colour_primary              ? 
_exptl_crystal.density_meas                ? 
_exptl_crystal.density_meas_esd            ? 
_exptl_crystal.density_meas_gt             ? 
_exptl_crystal.density_meas_lt             ? 
_exptl_crystal.density_meas_temp           ? 
_exptl_crystal.density_meas_temp_esd       ? 
_exptl_crystal.density_meas_temp_gt        ? 
_exptl_crystal.density_meas_temp_lt        ? 
_exptl_crystal.pdbx_crystal_image_url      ? 
_exptl_crystal.pdbx_crystal_image_format   ? 
_exptl_crystal.pdbx_mosaicity              ? 
_exptl_crystal.pdbx_mosaicity_esd          ? 
# 
_exptl_crystal_grow.apparatus       ? 
_exptl_crystal_grow.atmosphere      ? 
_exptl_crystal_grow.crystal_id      1 
_exptl_crystal_grow.details         ? 
_exptl_crystal_grow.method          'VAPOR DIFFUSION, HANGING DROP' 
_exptl_crystal_grow.method_ref      ? 
_exptl_crystal_grow.pH              7 
_exptl_crystal_grow.pressure        ? 
_exptl_crystal_grow.pressure_esd    ? 
_exptl_crystal_grow.seeding         ? 
_exptl_crystal_grow.seeding_ref     ? 
_exptl_crystal_grow.temp            298 
_exptl_crystal_grow.temp_details    ? 
_exptl_crystal_grow.temp_esd        ? 
_exptl_crystal_grow.time            ? 
_exptl_crystal_grow.pdbx_details    '2.4M sodium malonate pH 7.0' 
_exptl_crystal_grow.pdbx_pH_range   7-8 
# 
_diffrn.ambient_environment              ? 
_diffrn.ambient_temp                     100 
_diffrn.ambient_temp_details             ? 
_diffrn.ambient_temp_esd                 ? 
_diffrn.crystal_id                       1 
_diffrn.crystal_support                  ? 
_diffrn.crystal_treatment                ? 
_diffrn.details                          ? 
_diffrn.id                               1 
_diffrn.ambient_pressure                 ? 
_diffrn.ambient_pressure_esd             ? 
_diffrn.ambient_pressure_gt              ? 
_diffrn.ambient_pressure_lt              ? 
_diffrn.ambient_temp_gt                  ? 
_diffrn.ambient_temp_lt                  ? 
_diffrn.pdbx_serial_crystal_experiment   N 
# 
_diffrn_detector.details                      ? 
_diffrn_detector.detector                     CCD 
_diffrn_detector.diffrn_id                    1 
_diffrn_detector.type                         NOIR-1 
_diffrn_detector.area_resol_mean              ? 
_diffrn_detector.dtime                        ? 
_diffrn_detector.pdbx_frames_total            ? 
_diffrn_detector.pdbx_collection_time_total   ? 
_diffrn_detector.pdbx_collection_date         2015-01-30 
_diffrn_detector.pdbx_frequency               ? 
# 
_diffrn_radiation.collimation                      ? 
_diffrn_radiation.diffrn_id                        1 
_diffrn_radiation.filter_edge                      ? 
_diffrn_radiation.inhomogeneity                    ? 
_diffrn_radiation.monochromator                    ? 
_diffrn_radiation.polarisn_norm                    ? 
_diffrn_radiation.polarisn_ratio                   ? 
_diffrn_radiation.probe                            ? 
_diffrn_radiation.type                             ? 
_diffrn_radiation.xray_symbol                      ? 
_diffrn_radiation.wavelength_id                    1 
_diffrn_radiation.pdbx_monochromatic_or_laue_m_l   M 
_diffrn_radiation.pdbx_wavelength_list             ? 
_diffrn_radiation.pdbx_wavelength                  ? 
_diffrn_radiation.pdbx_diffrn_protocol             'SINGLE WAVELENGTH' 
_diffrn_radiation.pdbx_analyzer                    ? 
_diffrn_radiation.pdbx_scattering_type             x-ray 
# 
_diffrn_radiation_wavelength.id           1 
_diffrn_radiation_wavelength.wavelength   1.00003 
_diffrn_radiation_wavelength.wt           1.0 
# 
_diffrn_source.current                     ? 
_diffrn_source.details                     ? 
_diffrn_source.diffrn_id                   1 
_diffrn_source.power                       ? 
_diffrn_source.size                        ? 
_diffrn_source.source                      SYNCHROTRON 
_diffrn_source.target                      ? 
_diffrn_source.type                        'ALS BEAMLINE 4.2.2' 
_diffrn_source.voltage                     ? 
_diffrn_source.take-off_angle              ? 
_diffrn_source.pdbx_wavelength_list        1.00003 
_diffrn_source.pdbx_wavelength             ? 
_diffrn_source.pdbx_synchrotron_beamline   4.2.2 
_diffrn_source.pdbx_synchrotron_site       ALS 
# 
_reflns.B_iso_Wilson_estimate            25.18 
_reflns.entry_id                         7JL6 
_reflns.data_reduction_details           ? 
_reflns.data_reduction_method            ? 
_reflns.d_resolution_high                2.10 
_reflns.d_resolution_low                 51.49 
_reflns.details                          ? 
_reflns.limit_h_max                      ? 
_reflns.limit_h_min                      ? 
_reflns.limit_k_max                      ? 
_reflns.limit_k_min                      ? 
_reflns.limit_l_max                      ? 
_reflns.limit_l_min                      ? 
_reflns.number_all                       ? 
_reflns.number_obs                       10615 
_reflns.observed_criterion               ? 
_reflns.observed_criterion_F_max         ? 
_reflns.observed_criterion_F_min         ? 
_reflns.observed_criterion_I_max         ? 
_reflns.observed_criterion_I_min         ? 
_reflns.observed_criterion_sigma_F       ? 
_reflns.observed_criterion_sigma_I       ? 
_reflns.percent_possible_obs             94.0 
_reflns.R_free_details                   ? 
_reflns.Rmerge_F_all                     ? 
_reflns.Rmerge_F_obs                     ? 
_reflns.Friedel_coverage                 ? 
_reflns.number_gt                        ? 
_reflns.threshold_expression             ? 
_reflns.pdbx_redundancy                  10.8 
_reflns.pdbx_Rmerge_I_obs                ? 
_reflns.pdbx_Rmerge_I_all                ? 
_reflns.pdbx_Rsym_value                  ? 
_reflns.pdbx_netI_over_av_sigmaI         ? 
_reflns.pdbx_netI_over_sigmaI            3.28 
_reflns.pdbx_res_netI_over_av_sigmaI_2   ? 
_reflns.pdbx_res_netI_over_sigmaI_2      ? 
_reflns.pdbx_chi_squared                 ? 
_reflns.pdbx_scaling_rejects             ? 
_reflns.pdbx_d_res_high_opt              ? 
_reflns.pdbx_d_res_low_opt               ? 
_reflns.pdbx_d_res_opt_method            ? 
_reflns.phase_calculation_details        ? 
_reflns.pdbx_Rrim_I_all                  0.2348 
_reflns.pdbx_Rpim_I_all                  ? 
_reflns.pdbx_d_opt                       ? 
_reflns.pdbx_number_measured_all         ? 
_reflns.pdbx_diffrn_id                   1 
_reflns.pdbx_ordinal                     1 
_reflns.pdbx_CC_half                     ? 
_reflns.pdbx_CC_star                     ? 
_reflns.pdbx_R_split                     ? 
# 
_reflns_shell.d_res_high                  2.10 
_reflns_shell.d_res_low                   51.49 
_reflns_shell.meanI_over_sigI_all         ? 
_reflns_shell.meanI_over_sigI_obs         ? 
_reflns_shell.number_measured_all         ? 
_reflns_shell.number_measured_obs         ? 
_reflns_shell.number_possible             ? 
_reflns_shell.number_unique_all           ? 
_reflns_shell.number_unique_obs           1041 
_reflns_shell.percent_possible_all        94.13 
_reflns_shell.percent_possible_obs        ? 
_reflns_shell.Rmerge_F_all                ? 
_reflns_shell.Rmerge_F_obs                ? 
_reflns_shell.Rmerge_I_all                ? 
_reflns_shell.Rmerge_I_obs                ? 
_reflns_shell.meanI_over_sigI_gt          ? 
_reflns_shell.meanI_over_uI_all           ? 
_reflns_shell.meanI_over_uI_gt            ? 
_reflns_shell.number_measured_gt          ? 
_reflns_shell.number_unique_gt            ? 
_reflns_shell.percent_possible_gt         ? 
_reflns_shell.Rmerge_F_gt                 ? 
_reflns_shell.Rmerge_I_gt                 ? 
_reflns_shell.pdbx_redundancy             ? 
_reflns_shell.pdbx_Rsym_value             ? 
_reflns_shell.pdbx_chi_squared            ? 
_reflns_shell.pdbx_netI_over_sigmaI_all   ? 
_reflns_shell.pdbx_netI_over_sigmaI_obs   ? 
_reflns_shell.pdbx_Rrim_I_all             0.2348 
_reflns_shell.pdbx_Rpim_I_all             ? 
_reflns_shell.pdbx_rejects                ? 
_reflns_shell.pdbx_ordinal                1 
_reflns_shell.pdbx_diffrn_id              1 
_reflns_shell.pdbx_CC_half                ? 
_reflns_shell.pdbx_CC_star                ? 
_reflns_shell.pdbx_R_split                ? 
# 
_refine.aniso_B[1][1]                            4.99 
_refine.aniso_B[1][2]                            0.00 
_refine.aniso_B[1][3]                            0.40 
_refine.aniso_B[2][2]                            -1.64 
_refine.aniso_B[2][3]                            -0.00 
_refine.aniso_B[3][3]                            -3.36 
_refine.B_iso_max                                ? 
_refine.B_iso_mean                               33.401 
_refine.B_iso_min                                ? 
_refine.correlation_coeff_Fo_to_Fc               0.955 
_refine.correlation_coeff_Fo_to_Fc_free          0.924 
_refine.details                                  
;HYDROGENS HAVE BEEN ADDED IN THE RIDING POSITIONS
U VALUES : REFINED INDIVIDUALLY
;
_refine.diff_density_max                         ? 
_refine.diff_density_max_esd                     ? 
_refine.diff_density_min                         ? 
_refine.diff_density_min_esd                     ? 
_refine.diff_density_rms                         ? 
_refine.diff_density_rms_esd                     ? 
_refine.entry_id                                 7JL6 
_refine.pdbx_refine_id                           'X-RAY DIFFRACTION' 
_refine.ls_abs_structure_details                 ? 
_refine.ls_abs_structure_Flack                   ? 
_refine.ls_abs_structure_Flack_esd               ? 
_refine.ls_abs_structure_Rogers                  ? 
_refine.ls_abs_structure_Rogers_esd              ? 
_refine.ls_d_res_high                            2.10 
_refine.ls_d_res_low                             51.49 
_refine.ls_extinction_coef                       ? 
_refine.ls_extinction_coef_esd                   ? 
_refine.ls_extinction_expression                 ? 
_refine.ls_extinction_method                     ? 
_refine.ls_goodness_of_fit_all                   ? 
_refine.ls_goodness_of_fit_all_esd               ? 
_refine.ls_goodness_of_fit_obs                   ? 
_refine.ls_goodness_of_fit_obs_esd               ? 
_refine.ls_hydrogen_treatment                    ? 
_refine.ls_matrix_type                           ? 
_refine.ls_number_constraints                    ? 
_refine.ls_number_parameters                     ? 
_refine.ls_number_reflns_all                     ? 
_refine.ls_number_reflns_obs                     10615 
_refine.ls_number_reflns_R_free                  592 
_refine.ls_number_reflns_R_work                  ? 
_refine.ls_number_restraints                     ? 
_refine.ls_percent_reflns_obs                    94.20 
_refine.ls_percent_reflns_R_free                 5.3 
_refine.ls_R_factor_all                          ? 
_refine.ls_R_factor_obs                          0.19444 
_refine.ls_R_factor_R_free                       0.23437 
_refine.ls_R_factor_R_free_error                 ? 
_refine.ls_R_factor_R_free_error_details         ? 
_refine.ls_R_factor_R_work                       0.19211 
_refine.ls_R_Fsqd_factor_obs                     ? 
_refine.ls_R_I_factor_obs                        ? 
_refine.ls_redundancy_reflns_all                 ? 
_refine.ls_redundancy_reflns_obs                 ? 
_refine.ls_restrained_S_all                      ? 
_refine.ls_restrained_S_obs                      ? 
_refine.ls_shift_over_esd_max                    ? 
_refine.ls_shift_over_esd_mean                   ? 
_refine.ls_structure_factor_coef                 ? 
_refine.ls_weighting_details                     ? 
_refine.ls_weighting_scheme                      ? 
_refine.ls_wR_factor_all                         ? 
_refine.ls_wR_factor_obs                         ? 
_refine.ls_wR_factor_R_free                      ? 
_refine.ls_wR_factor_R_work                      ? 
_refine.occupancy_max                            ? 
_refine.occupancy_min                            ? 
_refine.solvent_model_details                    MASK 
_refine.solvent_model_param_bsol                 ? 
_refine.solvent_model_param_ksol                 ? 
_refine.pdbx_R_complete                          ? 
_refine.ls_R_factor_gt                           ? 
_refine.ls_goodness_of_fit_gt                    ? 
_refine.ls_goodness_of_fit_ref                   ? 
_refine.ls_shift_over_su_max                     ? 
_refine.ls_shift_over_su_max_lt                  ? 
_refine.ls_shift_over_su_mean                    ? 
_refine.ls_shift_over_su_mean_lt                 ? 
_refine.pdbx_ls_sigma_I                          ? 
_refine.pdbx_ls_sigma_F                          ? 
_refine.pdbx_ls_sigma_Fsqd                       ? 
_refine.pdbx_data_cutoff_high_absF               ? 
_refine.pdbx_data_cutoff_high_rms_absF           ? 
_refine.pdbx_data_cutoff_low_absF                ? 
_refine.pdbx_isotropic_thermal_model             ? 
_refine.pdbx_ls_cross_valid_method               THROUGHOUT 
_refine.pdbx_method_to_determine_struct          'AB INITIO PHASING' 
_refine.pdbx_starting_model                      ? 
_refine.pdbx_stereochemistry_target_values       'MAXIMUM LIKELIHOOD' 
_refine.pdbx_R_Free_selection_details            RANDOM 
_refine.pdbx_stereochem_target_val_spec_case     ? 
_refine.pdbx_overall_ESU_R                       0.251 
_refine.pdbx_overall_ESU_R_Free                  0.196 
_refine.pdbx_solvent_vdw_probe_radii             1.20 
_refine.pdbx_solvent_ion_probe_radii             0.90 
_refine.pdbx_solvent_shrinkage_radii             0.90 
_refine.pdbx_real_space_R                        ? 
_refine.pdbx_density_correlation                 ? 
_refine.pdbx_pd_number_of_powder_patterns        ? 
_refine.pdbx_pd_number_of_points                 ? 
_refine.pdbx_pd_meas_number_of_points            ? 
_refine.pdbx_pd_proc_ls_prof_R_factor            ? 
_refine.pdbx_pd_proc_ls_prof_wR_factor           ? 
_refine.pdbx_pd_Marquardt_correlation_coeff      ? 
_refine.pdbx_pd_Fsqrd_R_factor                   ? 
_refine.pdbx_pd_ls_matrix_band_width             ? 
_refine.pdbx_overall_phase_error                 ? 
_refine.pdbx_overall_SU_R_free_Cruickshank_DPI   ? 
_refine.pdbx_overall_SU_R_free_Blow_DPI          ? 
_refine.pdbx_overall_SU_R_Blow_DPI               ? 
_refine.pdbx_TLS_residual_ADP_flag               ? 
_refine.pdbx_diffrn_id                           1 
_refine.overall_SU_B                             6.369 
_refine.overall_SU_ML                            0.160 
_refine.overall_SU_R_Cruickshank_DPI             ? 
_refine.overall_SU_R_free                        ? 
_refine.overall_FOM_free_R_set                   ? 
_refine.overall_FOM_work_R_set                   ? 
_refine.pdbx_average_fsc_overall                 ? 
_refine.pdbx_average_fsc_work                    ? 
_refine.pdbx_average_fsc_free                    ? 
# 
_refine_hist.pdbx_refine_id                   'X-RAY DIFFRACTION' 
_refine_hist.cycle_id                         LAST 
_refine_hist.details                          ? 
_refine_hist.d_res_high                       2.10 
_refine_hist.d_res_low                        51.49 
_refine_hist.number_atoms_solvent             27 
_refine_hist.number_atoms_total               1562 
_refine_hist.number_reflns_all                ? 
_refine_hist.number_reflns_obs                ? 
_refine_hist.number_reflns_R_free             ? 
_refine_hist.number_reflns_R_work             ? 
_refine_hist.R_factor_all                     ? 
_refine_hist.R_factor_obs                     ? 
_refine_hist.R_factor_R_free                  ? 
_refine_hist.R_factor_R_work                  ? 
_refine_hist.pdbx_number_residues_total       ? 
_refine_hist.pdbx_B_iso_mean_ligand           ? 
_refine_hist.pdbx_B_iso_mean_solvent          ? 
_refine_hist.pdbx_number_atoms_protein        1535 
_refine_hist.pdbx_number_atoms_nucleic_acid   0 
_refine_hist.pdbx_number_atoms_ligand         0 
_refine_hist.pdbx_number_atoms_lipid          ? 
_refine_hist.pdbx_number_atoms_carb           ? 
_refine_hist.pdbx_pseudo_atom_details         ? 
# 
loop_
_refine_ls_restr.pdbx_refine_id 
_refine_ls_restr.criterion 
_refine_ls_restr.dev_ideal 
_refine_ls_restr.dev_ideal_target 
_refine_ls_restr.number 
_refine_ls_restr.rejects 
_refine_ls_restr.type 
_refine_ls_restr.weight 
_refine_ls_restr.pdbx_restraint_function 
'X-RAY DIFFRACTION' ? 0.008  0.019  1544 ? r_bond_refined_d       ? ? 
'X-RAY DIFFRACTION' ? 0.001  0.020  1464 ? r_bond_other_d         ? ? 
'X-RAY DIFFRACTION' ? 1.305  1.902  2069 ? r_angle_refined_deg    ? ? 
'X-RAY DIFFRACTION' ? 1.015  2.934  3401 ? r_angle_other_deg      ? ? 
'X-RAY DIFFRACTION' ? 5.850  5.000  192  ? r_dihedral_angle_1_deg ? ? 
'X-RAY DIFFRACTION' ? 35.061 25.769 78   ? r_dihedral_angle_2_deg ? ? 
'X-RAY DIFFRACTION' ? 13.670 15.000 314  ? r_dihedral_angle_3_deg ? ? 
'X-RAY DIFFRACTION' ? 22.748 15.000 11   ? r_dihedral_angle_4_deg ? ? 
'X-RAY DIFFRACTION' ? 0.077  0.200  243  ? r_chiral_restr         ? ? 
'X-RAY DIFFRACTION' ? 0.004  0.020  1705 ? r_gen_planes_refined   ? ? 
'X-RAY DIFFRACTION' ? 0.001  0.020  286  ? r_gen_planes_other     ? ? 
'X-RAY DIFFRACTION' ? 3.602  3.099  774  ? r_mcbond_it            ? ? 
'X-RAY DIFFRACTION' ? 3.585  3.095  773  ? r_mcbond_other         ? ? 
'X-RAY DIFFRACTION' ? 5.112  4.629  964  ? r_mcangle_it           ? ? 
'X-RAY DIFFRACTION' ? 5.110  4.634  965  ? r_mcangle_other        ? ? 
'X-RAY DIFFRACTION' ? 4.462  3.636  770  ? r_scbond_it            ? ? 
'X-RAY DIFFRACTION' ? 4.459  3.640  771  ? r_scbond_other         ? ? 
'X-RAY DIFFRACTION' ? 6.536  5.241  1106 ? r_scangle_other        ? ? 
'X-RAY DIFFRACTION' ? 8.400  36.654 1615 ? r_long_range_B_refined ? ? 
'X-RAY DIFFRACTION' ? 8.401  36.691 1614 ? r_long_range_B_other   ? ? 
# 
_refine_ls_shell.pdbx_refine_id                   'X-RAY DIFFRACTION' 
_refine_ls_shell.d_res_high                       2.100 
_refine_ls_shell.d_res_low                        2.154 
_refine_ls_shell.number_reflns_all                ? 
_refine_ls_shell.number_reflns_obs                ? 
_refine_ls_shell.number_reflns_R_free             34 
_refine_ls_shell.number_reflns_R_work             720 
_refine_ls_shell.percent_reflns_obs               86.77 
_refine_ls_shell.percent_reflns_R_free            ? 
_refine_ls_shell.R_factor_all                     ? 
_refine_ls_shell.R_factor_obs                     ? 
_refine_ls_shell.R_factor_R_free                  0.305 
_refine_ls_shell.R_factor_R_free_error            ? 
_refine_ls_shell.R_factor_R_work                  0.258 
_refine_ls_shell.redundancy_reflns_all            ? 
_refine_ls_shell.redundancy_reflns_obs            ? 
_refine_ls_shell.wR_factor_all                    ? 
_refine_ls_shell.wR_factor_obs                    ? 
_refine_ls_shell.wR_factor_R_free                 ? 
_refine_ls_shell.wR_factor_R_work                 ? 
_refine_ls_shell.pdbx_R_complete                  ? 
_refine_ls_shell.pdbx_total_number_of_bins_used   20 
_refine_ls_shell.pdbx_phase_error                 ? 
_refine_ls_shell.pdbx_fsc_work                    ? 
_refine_ls_shell.pdbx_fsc_free                    ? 
# 
_struct.entry_id                     7JL6 
_struct.title                        
'Heme binding to SrrB PAS domain plays a role in redox regulation of S. aureus SrrAB two-component system' 
_struct.pdbx_model_details           ? 
_struct.pdbx_formula_weight          ? 
_struct.pdbx_formula_weight_method   ? 
_struct.pdbx_model_type_details      ? 
_struct.pdbx_CASP_flag               N 
# 
_struct_keywords.entry_id        7JL6 
_struct_keywords.text            'metal binding protein, MEMBRANE PROTEIN' 
_struct_keywords.pdbx_keywords   'MEMBRANE PROTEIN' 
# 
loop_
_struct_asym.id 
_struct_asym.pdbx_blank_PDB_chainid_flag 
_struct_asym.pdbx_modified 
_struct_asym.entity_id 
_struct_asym.details 
A N N 1 ? 
B N N 1 ? 
C N N 2 ? 
D N N 2 ? 
# 
_struct_ref.id                         1 
_struct_ref.db_name                    UNP 
_struct_ref.db_code                    SRRB_STAAU 
_struct_ref.pdbx_db_accession          Q9L523 
_struct_ref.pdbx_db_isoform            ? 
_struct_ref.entity_id                  1 
_struct_ref.pdbx_seq_one_letter_code   
;RDSLINSMVEGVLGINESRQIILSNKMANDIMDNIDEDAKAFLLRQIEDTFKSKQTEMRDLEMNTRFFVVTTSYIDKIEQ
GGKSGVVVTVRDMTNEHNLDQ
;
_struct_ref.pdbx_align_begin           258 
# 
loop_
_struct_ref_seq.align_id 
_struct_ref_seq.ref_id 
_struct_ref_seq.pdbx_PDB_id_code 
_struct_ref_seq.pdbx_strand_id 
_struct_ref_seq.seq_align_beg 
_struct_ref_seq.pdbx_seq_align_beg_ins_code 
_struct_ref_seq.seq_align_end 
_struct_ref_seq.pdbx_seq_align_end_ins_code 
_struct_ref_seq.pdbx_db_accession 
_struct_ref_seq.db_align_beg 
_struct_ref_seq.pdbx_db_align_beg_ins_code 
_struct_ref_seq.db_align_end 
_struct_ref_seq.pdbx_db_align_end_ins_code 
_struct_ref_seq.pdbx_auth_seq_align_beg 
_struct_ref_seq.pdbx_auth_seq_align_end 
1 1 7JL6 A 4 ? 104 ? Q9L523 258 ? 358 ? 5 105 
2 1 7JL6 B 4 ? 104 ? Q9L523 258 ? 358 ? 5 105 
# 
loop_
_struct_ref_seq_dif.align_id 
_struct_ref_seq_dif.pdbx_pdb_id_code 
_struct_ref_seq_dif.mon_id 
_struct_ref_seq_dif.pdbx_pdb_strand_id 
_struct_ref_seq_dif.seq_num 
_struct_ref_seq_dif.pdbx_pdb_ins_code 
_struct_ref_seq_dif.pdbx_seq_db_name 
_struct_ref_seq_dif.pdbx_seq_db_accession_code 
_struct_ref_seq_dif.db_mon_id 
_struct_ref_seq_dif.pdbx_seq_db_seq_num 
_struct_ref_seq_dif.details 
_struct_ref_seq_dif.pdbx_auth_seq_num 
_struct_ref_seq_dif.pdbx_ordinal 
1 7JL6 ALA A 1 ? UNP Q9L523 ? ? 'expression tag' 2 1 
1 7JL6 MET A 2 ? UNP Q9L523 ? ? 'expression tag' 3 2 
1 7JL6 GLY A 3 ? UNP Q9L523 ? ? 'expression tag' 4 3 
2 7JL6 ALA B 1 ? UNP Q9L523 ? ? 'expression tag' 2 4 
2 7JL6 MET B 2 ? UNP Q9L523 ? ? 'expression tag' 3 5 
2 7JL6 GLY B 3 ? UNP Q9L523 ? ? 'expression tag' 4 6 
# 
_pdbx_struct_assembly.id                   1 
_pdbx_struct_assembly.details              author_and_software_defined_assembly 
_pdbx_struct_assembly.method_details       PISA 
_pdbx_struct_assembly.oligomeric_details   dimeric 
_pdbx_struct_assembly.oligomeric_count     2 
# 
loop_
_pdbx_struct_assembly_prop.biol_id 
_pdbx_struct_assembly_prop.type 
_pdbx_struct_assembly_prop.value 
_pdbx_struct_assembly_prop.details 
1 'ABSA (A^2)' 1920  ? 
1 MORE         -12   ? 
1 'SSA (A^2)'  11060 ? 
# 
_pdbx_struct_assembly_gen.assembly_id       1 
_pdbx_struct_assembly_gen.oper_expression   1 
_pdbx_struct_assembly_gen.asym_id_list      A,B,C,D 
# 
_pdbx_struct_assembly_auth_evidence.id                     1 
_pdbx_struct_assembly_auth_evidence.assembly_id            1 
_pdbx_struct_assembly_auth_evidence.experimental_support   'light scattering' 
_pdbx_struct_assembly_auth_evidence.details                ? 
# 
_pdbx_struct_oper_list.id                   1 
_pdbx_struct_oper_list.type                 'identity operation' 
_pdbx_struct_oper_list.name                 1_555 
_pdbx_struct_oper_list.symmetry_operation   x,y,z 
_pdbx_struct_oper_list.matrix[1][1]         1.0000000000 
_pdbx_struct_oper_list.matrix[1][2]         0.0000000000 
_pdbx_struct_oper_list.matrix[1][3]         0.0000000000 
_pdbx_struct_oper_list.vector[1]            0.0000000000 
_pdbx_struct_oper_list.matrix[2][1]         0.0000000000 
_pdbx_struct_oper_list.matrix[2][2]         1.0000000000 
_pdbx_struct_oper_list.matrix[2][3]         0.0000000000 
_pdbx_struct_oper_list.vector[2]            0.0000000000 
_pdbx_struct_oper_list.matrix[3][1]         0.0000000000 
_pdbx_struct_oper_list.matrix[3][2]         0.0000000000 
_pdbx_struct_oper_list.matrix[3][3]         1.0000000000 
_pdbx_struct_oper_list.vector[3]            0.0000000000 
# 
loop_
_struct_conf.conf_type_id 
_struct_conf.id 
_struct_conf.pdbx_PDB_helix_id 
_struct_conf.beg_label_comp_id 
_struct_conf.beg_label_asym_id 
_struct_conf.beg_label_seq_id 
_struct_conf.pdbx_beg_PDB_ins_code 
_struct_conf.end_label_comp_id 
_struct_conf.end_label_asym_id 
_struct_conf.end_label_seq_id 
_struct_conf.pdbx_end_PDB_ins_code 
_struct_conf.beg_auth_comp_id 
_struct_conf.beg_auth_asym_id 
_struct_conf.beg_auth_seq_id 
_struct_conf.end_auth_comp_id 
_struct_conf.end_auth_asym_id 
_struct_conf.end_auth_seq_id 
_struct_conf.pdbx_PDB_helix_class 
_struct_conf.details 
_struct_conf.pdbx_PDB_helix_length 
HELX_P HELX_P1 AA1 ASN A 28 ? ASN A 37  ? ASN A 29 ASN A 38  1 ? 10 
HELX_P HELX_P2 AA2 ASP A 39 ? LYS A 57  ? ASP A 40 LYS A 58  1 ? 19 
HELX_P HELX_P3 AA3 MET A 96 ? HIS A 100 ? MET A 97 HIS A 101 1 ? 5  
HELX_P HELX_P4 AA4 ASN B 28 ? ASN B 37  ? ASN B 29 ASN B 38  1 ? 10 
HELX_P HELX_P5 AA5 ASP B 39 ? LYS B 57  ? ASP B 40 LYS B 58  1 ? 19 
# 
_struct_conf_type.id          HELX_P 
_struct_conf_type.criteria    ? 
_struct_conf_type.reference   ? 
# 
loop_
_struct_sheet.id 
_struct_sheet.type 
_struct_sheet.number_strands 
_struct_sheet.details 
AA1 ? 6 ? 
AA2 ? 5 ? 
# 
loop_
_struct_sheet_order.sheet_id 
_struct_sheet_order.range_id_1 
_struct_sheet_order.range_id_2 
_struct_sheet_order.offset 
_struct_sheet_order.sense 
AA1 1 2 ? anti-parallel 
AA1 2 3 ? anti-parallel 
AA1 3 4 ? anti-parallel 
AA1 4 5 ? anti-parallel 
AA1 5 6 ? anti-parallel 
AA2 1 2 ? anti-parallel 
AA2 2 3 ? anti-parallel 
AA2 3 4 ? anti-parallel 
AA2 4 5 ? anti-parallel 
# 
loop_
_struct_sheet_range.sheet_id 
_struct_sheet_range.id 
_struct_sheet_range.beg_label_comp_id 
_struct_sheet_range.beg_label_asym_id 
_struct_sheet_range.beg_label_seq_id 
_struct_sheet_range.pdbx_beg_PDB_ins_code 
_struct_sheet_range.end_label_comp_id 
_struct_sheet_range.end_label_asym_id 
_struct_sheet_range.end_label_seq_id 
_struct_sheet_range.pdbx_end_PDB_ins_code 
_struct_sheet_range.beg_auth_comp_id 
_struct_sheet_range.beg_auth_asym_id 
_struct_sheet_range.beg_auth_seq_id 
_struct_sheet_range.end_auth_comp_id 
_struct_sheet_range.end_auth_asym_id 
_struct_sheet_range.end_auth_seq_id 
AA1 1 GLU A 60 ? MET A 66 ? GLU A 61 MET A 67 
AA1 2 ARG A 69 ? ILE A 78 ? ARG A 70 ILE A 79 
AA1 3 GLY A 88 ? ASP A 95 ? GLY A 89 ASP A 96 
AA1 4 GLY A 14 ? ASN A 19 ? GLY A 15 ASN A 20 
AA1 5 ILE A 24 ? SER A 27 ? ILE A 25 SER A 28 
AA1 6 LYS B 80 ? ILE B 81 ? LYS B 81 ILE B 82 
AA2 1 ILE B 24 ? SER B 27 ? ILE B 25 SER B 28 
AA2 2 GLY B 14 ? ASN B 19 ? GLY B 15 ASN B 20 
AA2 3 GLY B 88 ? ASP B 95 ? GLY B 89 ASP B 96 
AA2 4 PHE B 70 ? ILE B 78 ? PHE B 71 ILE B 79 
AA2 5 GLU B 60 ? GLU B 65 ? GLU B 61 GLU B 66 
# 
loop_
_pdbx_struct_sheet_hbond.sheet_id 
_pdbx_struct_sheet_hbond.range_id_1 
_pdbx_struct_sheet_hbond.range_id_2 
_pdbx_struct_sheet_hbond.range_1_label_atom_id 
_pdbx_struct_sheet_hbond.range_1_label_comp_id 
_pdbx_struct_sheet_hbond.range_1_label_asym_id 
_pdbx_struct_sheet_hbond.range_1_label_seq_id 
_pdbx_struct_sheet_hbond.range_1_PDB_ins_code 
_pdbx_struct_sheet_hbond.range_1_auth_atom_id 
_pdbx_struct_sheet_hbond.range_1_auth_comp_id 
_pdbx_struct_sheet_hbond.range_1_auth_asym_id 
_pdbx_struct_sheet_hbond.range_1_auth_seq_id 
_pdbx_struct_sheet_hbond.range_2_label_atom_id 
_pdbx_struct_sheet_hbond.range_2_label_comp_id 
_pdbx_struct_sheet_hbond.range_2_label_asym_id 
_pdbx_struct_sheet_hbond.range_2_label_seq_id 
_pdbx_struct_sheet_hbond.range_2_PDB_ins_code 
_pdbx_struct_sheet_hbond.range_2_auth_atom_id 
_pdbx_struct_sheet_hbond.range_2_auth_comp_id 
_pdbx_struct_sheet_hbond.range_2_auth_asym_id 
_pdbx_struct_sheet_hbond.range_2_auth_seq_id 
AA1 1 2 N LEU A 64 ? N LEU A 65 O PHE A 71 ? O PHE A 72 
AA1 2 3 N ILE A 78 ? N ILE A 79 O GLY A 88 ? O GLY A 89 
AA1 3 4 O VAL A 91 ? O VAL A 92 N LEU A 16 ? N LEU A 17 
AA1 4 5 N GLY A 17 ? N GLY A 18 O LEU A 26 ? O LEU A 27 
AA1 5 6 N SER A 27 ? N SER A 28 O LYS B 80 ? O LYS B 81 
AA2 1 2 O LEU B 26 ? O LEU B 27 N GLY B 17 ? N GLY B 18 
AA2 2 3 N LEU B 16 ? N LEU B 17 O VAL B 91 ? O VAL B 92 
AA2 3 4 O GLY B 88 ? O GLY B 89 N ILE B 78 ? N ILE B 79 
AA2 4 5 O PHE B 71 ? O PHE B 72 N LEU B 64 ? N LEU B 65 
# 
loop_
_pdbx_validate_torsion.id 
_pdbx_validate_torsion.PDB_model_num 
_pdbx_validate_torsion.auth_comp_id 
_pdbx_validate_torsion.auth_asym_id 
_pdbx_validate_torsion.auth_seq_id 
_pdbx_validate_torsion.PDB_ins_code 
_pdbx_validate_torsion.label_alt_id 
_pdbx_validate_torsion.phi 
_pdbx_validate_torsion.psi 
1 1 ASN A 68 ? ? 33.27 52.54 
2 1 THR A 69 ? ? 73.66 -6.03 
3 1 THR B 69 ? ? 74.36 -8.18 
# 
loop_
_pdbx_unobs_or_zero_occ_residues.id 
_pdbx_unobs_or_zero_occ_residues.PDB_model_num 
_pdbx_unobs_or_zero_occ_residues.polymer_flag 
_pdbx_unobs_or_zero_occ_residues.occupancy_flag 
_pdbx_unobs_or_zero_occ_residues.auth_asym_id 
_pdbx_unobs_or_zero_occ_residues.auth_comp_id 
_pdbx_unobs_or_zero_occ_residues.auth_seq_id 
_pdbx_unobs_or_zero_occ_residues.PDB_ins_code 
_pdbx_unobs_or_zero_occ_residues.label_asym_id 
_pdbx_unobs_or_zero_occ_residues.label_comp_id 
_pdbx_unobs_or_zero_occ_residues.label_seq_id 
1  1 Y 1 B ALA 2   ? B ALA 1   
2  1 Y 1 B MET 3   ? B MET 2   
3  1 Y 1 B GLY 4   ? B GLY 3   
4  1 Y 1 B ARG 5   ? B ARG 4   
5  1 Y 1 B ASP 6   ? B ASP 5   
6  1 Y 1 B SER 7   ? B SER 6   
7  1 Y 1 B LEU 8   ? B LEU 7   
8  1 Y 1 B ASN 99  ? B ASN 98  
9  1 Y 1 B GLU 100 ? B GLU 99  
10 1 Y 1 B HIS 101 ? B HIS 100 
11 1 Y 1 B ASN 102 ? B ASN 101 
12 1 Y 1 B LEU 103 ? B LEU 102 
13 1 Y 1 B ASP 104 ? B ASP 103 
14 1 Y 1 B GLN 105 ? B GLN 104 
# 
loop_
_chem_comp_atom.comp_id 
_chem_comp_atom.atom_id 
_chem_comp_atom.type_symbol 
_chem_comp_atom.pdbx_aromatic_flag 
_chem_comp_atom.pdbx_stereo_config 
_chem_comp_atom.pdbx_ordinal 
ALA N    N N N 1   
ALA CA   C N S 2   
ALA C    C N N 3   
ALA O    O N N 4   
ALA CB   C N N 5   
ALA OXT  O N N 6   
ALA H    H N N 7   
ALA H2   H N N 8   
ALA HA   H N N 9   
ALA HB1  H N N 10  
ALA HB2  H N N 11  
ALA HB3  H N N 12  
ALA HXT  H N N 13  
ARG N    N N N 14  
ARG CA   C N S 15  
ARG C    C N N 16  
ARG O    O N N 17  
ARG CB   C N N 18  
ARG CG   C N N 19  
ARG CD   C N N 20  
ARG NE   N N N 21  
ARG CZ   C N N 22  
ARG NH1  N N N 23  
ARG NH2  N N N 24  
ARG OXT  O N N 25  
ARG H    H N N 26  
ARG H2   H N N 27  
ARG HA   H N N 28  
ARG HB2  H N N 29  
ARG HB3  H N N 30  
ARG HG2  H N N 31  
ARG HG3  H N N 32  
ARG HD2  H N N 33  
ARG HD3  H N N 34  
ARG HE   H N N 35  
ARG HH11 H N N 36  
ARG HH12 H N N 37  
ARG HH21 H N N 38  
ARG HH22 H N N 39  
ARG HXT  H N N 40  
ASN N    N N N 41  
ASN CA   C N S 42  
ASN C    C N N 43  
ASN O    O N N 44  
ASN CB   C N N 45  
ASN CG   C N N 46  
ASN OD1  O N N 47  
ASN ND2  N N N 48  
ASN OXT  O N N 49  
ASN H    H N N 50  
ASN H2   H N N 51  
ASN HA   H N N 52  
ASN HB2  H N N 53  
ASN HB3  H N N 54  
ASN HD21 H N N 55  
ASN HD22 H N N 56  
ASN HXT  H N N 57  
ASP N    N N N 58  
ASP CA   C N S 59  
ASP C    C N N 60  
ASP O    O N N 61  
ASP CB   C N N 62  
ASP CG   C N N 63  
ASP OD1  O N N 64  
ASP OD2  O N N 65  
ASP OXT  O N N 66  
ASP H    H N N 67  
ASP H2   H N N 68  
ASP HA   H N N 69  
ASP HB2  H N N 70  
ASP HB3  H N N 71  
ASP HD2  H N N 72  
ASP HXT  H N N 73  
GLN N    N N N 74  
GLN CA   C N S 75  
GLN C    C N N 76  
GLN O    O N N 77  
GLN CB   C N N 78  
GLN CG   C N N 79  
GLN CD   C N N 80  
GLN OE1  O N N 81  
GLN NE2  N N N 82  
GLN OXT  O N N 83  
GLN H    H N N 84  
GLN H2   H N N 85  
GLN HA   H N N 86  
GLN HB2  H N N 87  
GLN HB3  H N N 88  
GLN HG2  H N N 89  
GLN HG3  H N N 90  
GLN HE21 H N N 91  
GLN HE22 H N N 92  
GLN HXT  H N N 93  
GLU N    N N N 94  
GLU CA   C N S 95  
GLU C    C N N 96  
GLU O    O N N 97  
GLU CB   C N N 98  
GLU CG   C N N 99  
GLU CD   C N N 100 
GLU OE1  O N N 101 
GLU OE2  O N N 102 
GLU OXT  O N N 103 
GLU H    H N N 104 
GLU H2   H N N 105 
GLU HA   H N N 106 
GLU HB2  H N N 107 
GLU HB3  H N N 108 
GLU HG2  H N N 109 
GLU HG3  H N N 110 
GLU HE2  H N N 111 
GLU HXT  H N N 112 
GLY N    N N N 113 
GLY CA   C N N 114 
GLY C    C N N 115 
GLY O    O N N 116 
GLY OXT  O N N 117 
GLY H    H N N 118 
GLY H2   H N N 119 
GLY HA2  H N N 120 
GLY HA3  H N N 121 
GLY HXT  H N N 122 
HIS N    N N N 123 
HIS CA   C N S 124 
HIS C    C N N 125 
HIS O    O N N 126 
HIS CB   C N N 127 
HIS CG   C Y N 128 
HIS ND1  N Y N 129 
HIS CD2  C Y N 130 
HIS CE1  C Y N 131 
HIS NE2  N Y N 132 
HIS OXT  O N N 133 
HIS H    H N N 134 
HIS H2   H N N 135 
HIS HA   H N N 136 
HIS HB2  H N N 137 
HIS HB3  H N N 138 
HIS HD1  H N N 139 
HIS HD2  H N N 140 
HIS HE1  H N N 141 
HIS HE2  H N N 142 
HIS HXT  H N N 143 
HOH O    O N N 144 
HOH H1   H N N 145 
HOH H2   H N N 146 
ILE N    N N N 147 
ILE CA   C N S 148 
ILE C    C N N 149 
ILE O    O N N 150 
ILE CB   C N S 151 
ILE CG1  C N N 152 
ILE CG2  C N N 153 
ILE CD1  C N N 154 
ILE OXT  O N N 155 
ILE H    H N N 156 
ILE H2   H N N 157 
ILE HA   H N N 158 
ILE HB   H N N 159 
ILE HG12 H N N 160 
ILE HG13 H N N 161 
ILE HG21 H N N 162 
ILE HG22 H N N 163 
ILE HG23 H N N 164 
ILE HD11 H N N 165 
ILE HD12 H N N 166 
ILE HD13 H N N 167 
ILE HXT  H N N 168 
LEU N    N N N 169 
LEU CA   C N S 170 
LEU C    C N N 171 
LEU O    O N N 172 
LEU CB   C N N 173 
LEU CG   C N N 174 
LEU CD1  C N N 175 
LEU CD2  C N N 176 
LEU OXT  O N N 177 
LEU H    H N N 178 
LEU H2   H N N 179 
LEU HA   H N N 180 
LEU HB2  H N N 181 
LEU HB3  H N N 182 
LEU HG   H N N 183 
LEU HD11 H N N 184 
LEU HD12 H N N 185 
LEU HD13 H N N 186 
LEU HD21 H N N 187 
LEU HD22 H N N 188 
LEU HD23 H N N 189 
LEU HXT  H N N 190 
LYS N    N N N 191 
LYS CA   C N S 192 
LYS C    C N N 193 
LYS O    O N N 194 
LYS CB   C N N 195 
LYS CG   C N N 196 
LYS CD   C N N 197 
LYS CE   C N N 198 
LYS NZ   N N N 199 
LYS OXT  O N N 200 
LYS H    H N N 201 
LYS H2   H N N 202 
LYS HA   H N N 203 
LYS HB2  H N N 204 
LYS HB3  H N N 205 
LYS HG2  H N N 206 
LYS HG3  H N N 207 
LYS HD2  H N N 208 
LYS HD3  H N N 209 
LYS HE2  H N N 210 
LYS HE3  H N N 211 
LYS HZ1  H N N 212 
LYS HZ2  H N N 213 
LYS HZ3  H N N 214 
LYS HXT  H N N 215 
MET N    N N N 216 
MET CA   C N S 217 
MET C    C N N 218 
MET O    O N N 219 
MET CB   C N N 220 
MET CG   C N N 221 
MET SD   S N N 222 
MET CE   C N N 223 
MET OXT  O N N 224 
MET H    H N N 225 
MET H2   H N N 226 
MET HA   H N N 227 
MET HB2  H N N 228 
MET HB3  H N N 229 
MET HG2  H N N 230 
MET HG3  H N N 231 
MET HE1  H N N 232 
MET HE2  H N N 233 
MET HE3  H N N 234 
MET HXT  H N N 235 
PHE N    N N N 236 
PHE CA   C N S 237 
PHE C    C N N 238 
PHE O    O N N 239 
PHE CB   C N N 240 
PHE CG   C Y N 241 
PHE CD1  C Y N 242 
PHE CD2  C Y N 243 
PHE CE1  C Y N 244 
PHE CE2  C Y N 245 
PHE CZ   C Y N 246 
PHE OXT  O N N 247 
PHE H    H N N 248 
PHE H2   H N N 249 
PHE HA   H N N 250 
PHE HB2  H N N 251 
PHE HB3  H N N 252 
PHE HD1  H N N 253 
PHE HD2  H N N 254 
PHE HE1  H N N 255 
PHE HE2  H N N 256 
PHE HZ   H N N 257 
PHE HXT  H N N 258 
SER N    N N N 259 
SER CA   C N S 260 
SER C    C N N 261 
SER O    O N N 262 
SER CB   C N N 263 
SER OG   O N N 264 
SER OXT  O N N 265 
SER H    H N N 266 
SER H2   H N N 267 
SER HA   H N N 268 
SER HB2  H N N 269 
SER HB3  H N N 270 
SER HG   H N N 271 
SER HXT  H N N 272 
THR N    N N N 273 
THR CA   C N S 274 
THR C    C N N 275 
THR O    O N N 276 
THR CB   C N R 277 
THR OG1  O N N 278 
THR CG2  C N N 279 
THR OXT  O N N 280 
THR H    H N N 281 
THR H2   H N N 282 
THR HA   H N N 283 
THR HB   H N N 284 
THR HG1  H N N 285 
THR HG21 H N N 286 
THR HG22 H N N 287 
THR HG23 H N N 288 
THR HXT  H N N 289 
TYR N    N N N 290 
TYR CA   C N S 291 
TYR C    C N N 292 
TYR O    O N N 293 
TYR CB   C N N 294 
TYR CG   C Y N 295 
TYR CD1  C Y N 296 
TYR CD2  C Y N 297 
TYR CE1  C Y N 298 
TYR CE2  C Y N 299 
TYR CZ   C Y N 300 
TYR OH   O N N 301 
TYR OXT  O N N 302 
TYR H    H N N 303 
TYR H2   H N N 304 
TYR HA   H N N 305 
TYR HB2  H N N 306 
TYR HB3  H N N 307 
TYR HD1  H N N 308 
TYR HD2  H N N 309 
TYR HE1  H N N 310 
TYR HE2  H N N 311 
TYR HH   H N N 312 
TYR HXT  H N N 313 
VAL N    N N N 314 
VAL CA   C N S 315 
VAL C    C N N 316 
VAL O    O N N 317 
VAL CB   C N N 318 
VAL CG1  C N N 319 
VAL CG2  C N N 320 
VAL OXT  O N N 321 
VAL H    H N N 322 
VAL H2   H N N 323 
VAL HA   H N N 324 
VAL HB   H N N 325 
VAL HG11 H N N 326 
VAL HG12 H N N 327 
VAL HG13 H N N 328 
VAL HG21 H N N 329 
VAL HG22 H N N 330 
VAL HG23 H N N 331 
VAL HXT  H N N 332 
# 
loop_
_chem_comp_bond.comp_id 
_chem_comp_bond.atom_id_1 
_chem_comp_bond.atom_id_2 
_chem_comp_bond.value_order 
_chem_comp_bond.pdbx_aromatic_flag 
_chem_comp_bond.pdbx_stereo_config 
_chem_comp_bond.pdbx_ordinal 
ALA N   CA   sing N N 1   
ALA N   H    sing N N 2   
ALA N   H2   sing N N 3   
ALA CA  C    sing N N 4   
ALA CA  CB   sing N N 5   
ALA CA  HA   sing N N 6   
ALA C   O    doub N N 7   
ALA C   OXT  sing N N 8   
ALA CB  HB1  sing N N 9   
ALA CB  HB2  sing N N 10  
ALA CB  HB3  sing N N 11  
ALA OXT HXT  sing N N 12  
ARG N   CA   sing N N 13  
ARG N   H    sing N N 14  
ARG N   H2   sing N N 15  
ARG CA  C    sing N N 16  
ARG CA  CB   sing N N 17  
ARG CA  HA   sing N N 18  
ARG C   O    doub N N 19  
ARG C   OXT  sing N N 20  
ARG CB  CG   sing N N 21  
ARG CB  HB2  sing N N 22  
ARG CB  HB3  sing N N 23  
ARG CG  CD   sing N N 24  
ARG CG  HG2  sing N N 25  
ARG CG  HG3  sing N N 26  
ARG CD  NE   sing N N 27  
ARG CD  HD2  sing N N 28  
ARG CD  HD3  sing N N 29  
ARG NE  CZ   sing N N 30  
ARG NE  HE   sing N N 31  
ARG CZ  NH1  sing N N 32  
ARG CZ  NH2  doub N N 33  
ARG NH1 HH11 sing N N 34  
ARG NH1 HH12 sing N N 35  
ARG NH2 HH21 sing N N 36  
ARG NH2 HH22 sing N N 37  
ARG OXT HXT  sing N N 38  
ASN N   CA   sing N N 39  
ASN N   H    sing N N 40  
ASN N   H2   sing N N 41  
ASN CA  C    sing N N 42  
ASN CA  CB   sing N N 43  
ASN CA  HA   sing N N 44  
ASN C   O    doub N N 45  
ASN C   OXT  sing N N 46  
ASN CB  CG   sing N N 47  
ASN CB  HB2  sing N N 48  
ASN CB  HB3  sing N N 49  
ASN CG  OD1  doub N N 50  
ASN CG  ND2  sing N N 51  
ASN ND2 HD21 sing N N 52  
ASN ND2 HD22 sing N N 53  
ASN OXT HXT  sing N N 54  
ASP N   CA   sing N N 55  
ASP N   H    sing N N 56  
ASP N   H2   sing N N 57  
ASP CA  C    sing N N 58  
ASP CA  CB   sing N N 59  
ASP CA  HA   sing N N 60  
ASP C   O    doub N N 61  
ASP C   OXT  sing N N 62  
ASP CB  CG   sing N N 63  
ASP CB  HB2  sing N N 64  
ASP CB  HB3  sing N N 65  
ASP CG  OD1  doub N N 66  
ASP CG  OD2  sing N N 67  
ASP OD2 HD2  sing N N 68  
ASP OXT HXT  sing N N 69  
GLN N   CA   sing N N 70  
GLN N   H    sing N N 71  
GLN N   H2   sing N N 72  
GLN CA  C    sing N N 73  
GLN CA  CB   sing N N 74  
GLN CA  HA   sing N N 75  
GLN C   O    doub N N 76  
GLN C   OXT  sing N N 77  
GLN CB  CG   sing N N 78  
GLN CB  HB2  sing N N 79  
GLN CB  HB3  sing N N 80  
GLN CG  CD   sing N N 81  
GLN CG  HG2  sing N N 82  
GLN CG  HG3  sing N N 83  
GLN CD  OE1  doub N N 84  
GLN CD  NE2  sing N N 85  
GLN NE2 HE21 sing N N 86  
GLN NE2 HE22 sing N N 87  
GLN OXT HXT  sing N N 88  
GLU N   CA   sing N N 89  
GLU N   H    sing N N 90  
GLU N   H2   sing N N 91  
GLU CA  C    sing N N 92  
GLU CA  CB   sing N N 93  
GLU CA  HA   sing N N 94  
GLU C   O    doub N N 95  
GLU C   OXT  sing N N 96  
GLU CB  CG   sing N N 97  
GLU CB  HB2  sing N N 98  
GLU CB  HB3  sing N N 99  
GLU CG  CD   sing N N 100 
GLU CG  HG2  sing N N 101 
GLU CG  HG3  sing N N 102 
GLU CD  OE1  doub N N 103 
GLU CD  OE2  sing N N 104 
GLU OE2 HE2  sing N N 105 
GLU OXT HXT  sing N N 106 
GLY N   CA   sing N N 107 
GLY N   H    sing N N 108 
GLY N   H2   sing N N 109 
GLY CA  C    sing N N 110 
GLY CA  HA2  sing N N 111 
GLY CA  HA3  sing N N 112 
GLY C   O    doub N N 113 
GLY C   OXT  sing N N 114 
GLY OXT HXT  sing N N 115 
HIS N   CA   sing N N 116 
HIS N   H    sing N N 117 
HIS N   H2   sing N N 118 
HIS CA  C    sing N N 119 
HIS CA  CB   sing N N 120 
HIS CA  HA   sing N N 121 
HIS C   O    doub N N 122 
HIS C   OXT  sing N N 123 
HIS CB  CG   sing N N 124 
HIS CB  HB2  sing N N 125 
HIS CB  HB3  sing N N 126 
HIS CG  ND1  sing Y N 127 
HIS CG  CD2  doub Y N 128 
HIS ND1 CE1  doub Y N 129 
HIS ND1 HD1  sing N N 130 
HIS CD2 NE2  sing Y N 131 
HIS CD2 HD2  sing N N 132 
HIS CE1 NE2  sing Y N 133 
HIS CE1 HE1  sing N N 134 
HIS NE2 HE2  sing N N 135 
HIS OXT HXT  sing N N 136 
HOH O   H1   sing N N 137 
HOH O   H2   sing N N 138 
ILE N   CA   sing N N 139 
ILE N   H    sing N N 140 
ILE N   H2   sing N N 141 
ILE CA  C    sing N N 142 
ILE CA  CB   sing N N 143 
ILE CA  HA   sing N N 144 
ILE C   O    doub N N 145 
ILE C   OXT  sing N N 146 
ILE CB  CG1  sing N N 147 
ILE CB  CG2  sing N N 148 
ILE CB  HB   sing N N 149 
ILE CG1 CD1  sing N N 150 
ILE CG1 HG12 sing N N 151 
ILE CG1 HG13 sing N N 152 
ILE CG2 HG21 sing N N 153 
ILE CG2 HG22 sing N N 154 
ILE CG2 HG23 sing N N 155 
ILE CD1 HD11 sing N N 156 
ILE CD1 HD12 sing N N 157 
ILE CD1 HD13 sing N N 158 
ILE OXT HXT  sing N N 159 
LEU N   CA   sing N N 160 
LEU N   H    sing N N 161 
LEU N   H2   sing N N 162 
LEU CA  C    sing N N 163 
LEU CA  CB   sing N N 164 
LEU CA  HA   sing N N 165 
LEU C   O    doub N N 166 
LEU C   OXT  sing N N 167 
LEU CB  CG   sing N N 168 
LEU CB  HB2  sing N N 169 
LEU CB  HB3  sing N N 170 
LEU CG  CD1  sing N N 171 
LEU CG  CD2  sing N N 172 
LEU CG  HG   sing N N 173 
LEU CD1 HD11 sing N N 174 
LEU CD1 HD12 sing N N 175 
LEU CD1 HD13 sing N N 176 
LEU CD2 HD21 sing N N 177 
LEU CD2 HD22 sing N N 178 
LEU CD2 HD23 sing N N 179 
LEU OXT HXT  sing N N 180 
LYS N   CA   sing N N 181 
LYS N   H    sing N N 182 
LYS N   H2   sing N N 183 
LYS CA  C    sing N N 184 
LYS CA  CB   sing N N 185 
LYS CA  HA   sing N N 186 
LYS C   O    doub N N 187 
LYS C   OXT  sing N N 188 
LYS CB  CG   sing N N 189 
LYS CB  HB2  sing N N 190 
LYS CB  HB3  sing N N 191 
LYS CG  CD   sing N N 192 
LYS CG  HG2  sing N N 193 
LYS CG  HG3  sing N N 194 
LYS CD  CE   sing N N 195 
LYS CD  HD2  sing N N 196 
LYS CD  HD3  sing N N 197 
LYS CE  NZ   sing N N 198 
LYS CE  HE2  sing N N 199 
LYS CE  HE3  sing N N 200 
LYS NZ  HZ1  sing N N 201 
LYS NZ  HZ2  sing N N 202 
LYS NZ  HZ3  sing N N 203 
LYS OXT HXT  sing N N 204 
MET N   CA   sing N N 205 
MET N   H    sing N N 206 
MET N   H2   sing N N 207 
MET CA  C    sing N N 208 
MET CA  CB   sing N N 209 
MET CA  HA   sing N N 210 
MET C   O    doub N N 211 
MET C   OXT  sing N N 212 
MET CB  CG   sing N N 213 
MET CB  HB2  sing N N 214 
MET CB  HB3  sing N N 215 
MET CG  SD   sing N N 216 
MET CG  HG2  sing N N 217 
MET CG  HG3  sing N N 218 
MET SD  CE   sing N N 219 
MET CE  HE1  sing N N 220 
MET CE  HE2  sing N N 221 
MET CE  HE3  sing N N 222 
MET OXT HXT  sing N N 223 
PHE N   CA   sing N N 224 
PHE N   H    sing N N 225 
PHE N   H2   sing N N 226 
PHE CA  C    sing N N 227 
PHE CA  CB   sing N N 228 
PHE CA  HA   sing N N 229 
PHE C   O    doub N N 230 
PHE C   OXT  sing N N 231 
PHE CB  CG   sing N N 232 
PHE CB  HB2  sing N N 233 
PHE CB  HB3  sing N N 234 
PHE CG  CD1  doub Y N 235 
PHE CG  CD2  sing Y N 236 
PHE CD1 CE1  sing Y N 237 
PHE CD1 HD1  sing N N 238 
PHE CD2 CE2  doub Y N 239 
PHE CD2 HD2  sing N N 240 
PHE CE1 CZ   doub Y N 241 
PHE CE1 HE1  sing N N 242 
PHE CE2 CZ   sing Y N 243 
PHE CE2 HE2  sing N N 244 
PHE CZ  HZ   sing N N 245 
PHE OXT HXT  sing N N 246 
SER N   CA   sing N N 247 
SER N   H    sing N N 248 
SER N   H2   sing N N 249 
SER CA  C    sing N N 250 
SER CA  CB   sing N N 251 
SER CA  HA   sing N N 252 
SER C   O    doub N N 253 
SER C   OXT  sing N N 254 
SER CB  OG   sing N N 255 
SER CB  HB2  sing N N 256 
SER CB  HB3  sing N N 257 
SER OG  HG   sing N N 258 
SER OXT HXT  sing N N 259 
THR N   CA   sing N N 260 
THR N   H    sing N N 261 
THR N   H2   sing N N 262 
THR CA  C    sing N N 263 
THR CA  CB   sing N N 264 
THR CA  HA   sing N N 265 
THR C   O    doub N N 266 
THR C   OXT  sing N N 267 
THR CB  OG1  sing N N 268 
THR CB  CG2  sing N N 269 
THR CB  HB   sing N N 270 
THR OG1 HG1  sing N N 271 
THR CG2 HG21 sing N N 272 
THR CG2 HG22 sing N N 273 
THR CG2 HG23 sing N N 274 
THR OXT HXT  sing N N 275 
TYR N   CA   sing N N 276 
TYR N   H    sing N N 277 
TYR N   H2   sing N N 278 
TYR CA  C    sing N N 279 
TYR CA  CB   sing N N 280 
TYR CA  HA   sing N N 281 
TYR C   O    doub N N 282 
TYR C   OXT  sing N N 283 
TYR CB  CG   sing N N 284 
TYR CB  HB2  sing N N 285 
TYR CB  HB3  sing N N 286 
TYR CG  CD1  doub Y N 287 
TYR CG  CD2  sing Y N 288 
TYR CD1 CE1  sing Y N 289 
TYR CD1 HD1  sing N N 290 
TYR CD2 CE2  doub Y N 291 
TYR CD2 HD2  sing N N 292 
TYR CE1 CZ   doub Y N 293 
TYR CE1 HE1  sing N N 294 
TYR CE2 CZ   sing Y N 295 
TYR CE2 HE2  sing N N 296 
TYR CZ  OH   sing N N 297 
TYR OH  HH   sing N N 298 
TYR OXT HXT  sing N N 299 
VAL N   CA   sing N N 300 
VAL N   H    sing N N 301 
VAL N   H2   sing N N 302 
VAL CA  C    sing N N 303 
VAL CA  CB   sing N N 304 
VAL CA  HA   sing N N 305 
VAL C   O    doub N N 306 
VAL C   OXT  sing N N 307 
VAL CB  CG1  sing N N 308 
VAL CB  CG2  sing N N 309 
VAL CB  HB   sing N N 310 
VAL CG1 HG11 sing N N 311 
VAL CG1 HG12 sing N N 312 
VAL CG1 HG13 sing N N 313 
VAL CG2 HG21 sing N N 314 
VAL CG2 HG22 sing N N 315 
VAL CG2 HG23 sing N N 316 
VAL OXT HXT  sing N N 317 
# 
_pdbx_audit_support.funding_organization   
'National Institutes of Health/National Institute Of Allergy and Infectious Diseases (NIH/NIAID)' 
_pdbx_audit_support.country                'United States' 
_pdbx_audit_support.grant_number           AI135305 
_pdbx_audit_support.ordinal                1 
# 
_atom_sites.entry_id                    7JL6 
_atom_sites.Cartn_transf_matrix[1][1]   ? 
_atom_sites.Cartn_transf_matrix[1][2]   ? 
_atom_sites.Cartn_transf_matrix[1][3]   ? 
_atom_sites.Cartn_transf_matrix[2][1]   ? 
_atom_sites.Cartn_transf_matrix[2][2]   ? 
_atom_sites.Cartn_transf_matrix[2][3]   ? 
_atom_sites.Cartn_transf_matrix[3][1]   ? 
_atom_sites.Cartn_transf_matrix[3][2]   ? 
_atom_sites.Cartn_transf_matrix[3][3]   ? 
_atom_sites.Cartn_transf_vector[1]      ? 
_atom_sites.Cartn_transf_vector[2]      ? 
_atom_sites.Cartn_transf_vector[3]      ? 
_atom_sites.fract_transf_matrix[1][1]   0.00875162 
_atom_sites.fract_transf_matrix[1][2]   0.00798674 
_atom_sites.fract_transf_matrix[1][3]   -0.00107958 
_atom_sites.fract_transf_matrix[2][1]   -0.00940439 
_atom_sites.fract_transf_matrix[2][2]   0.00924221 
_atom_sites.fract_transf_matrix[2][3]   -0.00786276 
_atom_sites.fract_transf_matrix[3][1]   -0.00732822 
_atom_sites.fract_transf_matrix[3][2]   0.01187229 
_atom_sites.fract_transf_matrix[3][3]   0.02272022 
_atom_sites.fract_transf_vector[1]      0.257865 
_atom_sites.fract_transf_vector[2]      0.048897 
_atom_sites.fract_transf_vector[3]      0.287675 
_atom_sites.solution_primary            ? 
_atom_sites.solution_secondary          ? 
_atom_sites.solution_hydrogens          ? 
_atom_sites.special_details             ? 
# 
loop_
_atom_type.symbol 
C 
N 
O 
S 
# 
loop_
_atom_site.group_PDB 
_atom_site.id 
_atom_site.type_symbol 
_atom_site.label_atom_id 
_atom_site.label_alt_id 
_atom_site.label_comp_id 
_atom_site.label_asym_id 
_atom_site.label_entity_id 
_atom_site.label_seq_id 
_atom_site.pdbx_PDB_ins_code 
_atom_site.Cartn_x 
_atom_site.Cartn_y 
_atom_site.Cartn_z 
_atom_site.occupancy 
_atom_site.B_iso_or_equiv 
_atom_site.pdbx_formal_charge 
_atom_site.auth_seq_id 
_atom_site.auth_comp_id 
_atom_site.auth_asym_id 
_atom_site.auth_atom_id 
_atom_site.pdbx_PDB_model_num 
ATOM   1    N N   . ALA A 1 1   ? -22.502 -1.847  23.899  1.00 58.88 ? 2   ALA A N   1 
ATOM   2    C CA  . ALA A 1 1   ? -21.632 -1.188  24.921  1.00 63.47 ? 2   ALA A CA  1 
ATOM   3    C C   . ALA A 1 1   ? -20.551 -0.341  24.240  1.00 65.73 ? 2   ALA A C   1 
ATOM   4    O O   . ALA A 1 1   ? -20.556 -0.186  23.018  1.00 80.28 ? 2   ALA A O   1 
ATOM   5    C CB  . ALA A 1 1   ? -21.010 -2.234  25.842  1.00 63.31 ? 2   ALA A CB  1 
ATOM   6    N N   . MET A 1 2   ? -19.658 0.240   25.050  1.00 58.00 ? 3   MET A N   1 
ATOM   7    C CA  . MET A 1 2   ? -18.474 0.946   24.570  1.00 52.59 ? 3   MET A CA  1 
ATOM   8    C C   . MET A 1 2   ? -17.251 0.087   24.876  1.00 49.62 ? 3   MET A C   1 
ATOM   9    O O   . MET A 1 2   ? -17.126 -0.447  25.973  1.00 44.89 ? 3   MET A O   1 
ATOM   10   C CB  . MET A 1 2   ? -18.322 2.307   25.251  1.00 47.46 ? 3   MET A CB  1 
ATOM   11   C CG  . MET A 1 2   ? -17.206 3.163   24.677  1.00 38.90 ? 3   MET A CG  1 
ATOM   12   S SD  . MET A 1 2   ? -16.474 4.235   25.927  1.00 46.52 ? 3   MET A SD  1 
ATOM   13   C CE  . MET A 1 2   ? -15.544 3.048   26.904  1.00 48.31 ? 3   MET A CE  1 
ATOM   14   N N   . GLY A 1 3   ? -16.364 -0.038  23.881  1.00 41.73 ? 4   GLY A N   1 
ATOM   15   C CA  . GLY A 1 3   ? -15.116 -0.768  23.992  1.00 38.52 ? 4   GLY A CA  1 
ATOM   16   C C   . GLY A 1 3   ? -13.976 0.102   23.494  1.00 38.53 ? 4   GLY A C   1 
ATOM   17   O O   . GLY A 1 3   ? -14.182 1.257   23.107  1.00 36.79 ? 4   GLY A O   1 
ATOM   18   N N   . ARG A 1 4   ? -12.768 -0.467  23.506  1.00 37.11 ? 5   ARG A N   1 
ATOM   19   C CA  . ARG A 1 4   ? -11.554 0.212   23.079  1.00 34.20 ? 5   ARG A CA  1 
ATOM   20   C C   . ARG A 1 4   ? -11.678 0.821   21.673  1.00 34.06 ? 5   ARG A C   1 
ATOM   21   O O   . ARG A 1 4   ? -11.158 1.919   21.420  1.00 31.61 ? 5   ARG A O   1 
ATOM   22   C CB  . ARG A 1 4   ? -10.364 -0.757  23.143  1.00 34.91 ? 5   ARG A CB  1 
ATOM   23   C CG  . ARG A 1 4   ? -8.998  -0.092  22.994  1.00 42.09 ? 5   ARG A CG  1 
ATOM   24   C CD  . ARG A 1 4   ? -7.905  -1.109  22.719  1.00 45.84 ? 5   ARG A CD  1 
ATOM   25   N NE  . ARG A 1 4   ? -8.259  -1.952  21.583  1.00 58.64 ? 5   ARG A NE  1 
ATOM   26   C CZ  . ARG A 1 4   ? -7.758  -3.160  21.342  1.00 60.94 ? 5   ARG A CZ  1 
ATOM   27   N NH1 . ARG A 1 4   ? -6.844  -3.695  22.148  1.00 65.05 ? 5   ARG A NH1 1 
ATOM   28   N NH2 . ARG A 1 4   ? -8.178  -3.834  20.278  1.00 57.29 ? 5   ARG A NH2 1 
ATOM   29   N N   . ASP A 1 5   ? -12.392 0.119   20.782  1.00 34.15 ? 6   ASP A N   1 
ATOM   30   C CA  . ASP A 1 5   ? -12.473 0.450   19.356  1.00 34.33 ? 6   ASP A CA  1 
ATOM   31   C C   . ASP A 1 5   ? -13.760 1.150   18.903  1.00 34.53 ? 6   ASP A C   1 
ATOM   32   O O   . ASP A 1 5   ? -14.022 1.259   17.699  1.00 35.04 ? 6   ASP A O   1 
ATOM   33   C CB  . ASP A 1 5   ? -12.265 -0.825  18.530  1.00 35.41 ? 6   ASP A CB  1 
ATOM   34   C CG  . ASP A 1 5   ? -10.875 -1.437  18.722  1.00 41.84 ? 6   ASP A CG  1 
ATOM   35   O OD1 . ASP A 1 5   ? -9.955  -0.761  19.241  1.00 39.87 ? 6   ASP A OD1 1 
ATOM   36   O OD2 . ASP A 1 5   ? -10.695 -2.605  18.326  1.00 53.82 ? 6   ASP A OD2 1 
ATOM   37   N N   . SER A 1 6   ? -14.543 1.660   19.859  1.00 35.55 ? 7   SER A N   1 
ATOM   38   C CA  . SER A 1 6   ? -15.819 2.314   19.554  1.00 39.09 ? 7   SER A CA  1 
ATOM   39   C C   . SER A 1 6   ? -15.697 3.491   18.575  1.00 37.90 ? 7   SER A C   1 
ATOM   40   O O   . SER A 1 6   ? -16.621 3.754   17.821  1.00 43.31 ? 7   SER A O   1 
ATOM   41   C CB  . SER A 1 6   ? -16.521 2.787   20.834  1.00 40.67 ? 7   SER A CB  1 
ATOM   42   O OG  . SER A 1 6   ? -16.741 1.698   21.716  1.00 36.78 ? 7   SER A OG  1 
ATOM   43   N N   . LEU A 1 7   ? -14.556 4.188   18.588  1.00 35.19 ? 8   LEU A N   1 
ATOM   44   C CA  . LEU A 1 7   ? -14.346 5.359   17.720  1.00 32.77 ? 8   LEU A CA  1 
ATOM   45   C C   . LEU A 1 7   ? -13.670 5.061   16.393  1.00 32.16 ? 8   LEU A C   1 
ATOM   46   O O   . LEU A 1 7   ? -13.388 5.982   15.631  1.00 34.93 ? 8   LEU A O   1 
ATOM   47   C CB  . LEU A 1 7   ? -13.559 6.450   18.456  1.00 29.83 ? 8   LEU A CB  1 
ATOM   48   C CG  . LEU A 1 7   ? -14.403 7.308   19.401  1.00 29.94 ? 8   LEU A CG  1 
ATOM   49   C CD1 . LEU A 1 7   ? -13.509 8.181   20.262  1.00 30.13 ? 8   LEU A CD1 1 
ATOM   50   C CD2 . LEU A 1 7   ? -15.398 8.161   18.635  1.00 29.62 ? 8   LEU A CD2 1 
ATOM   51   N N   . ILE A 1 8   ? -13.416 3.777   16.123  1.00 33.63 ? 9   ILE A N   1 
ATOM   52   C CA  . ILE A 1 8   ? -12.742 3.344   14.897  1.00 34.81 ? 9   ILE A CA  1 
ATOM   53   C C   . ILE A 1 8   ? -13.732 2.776   13.873  1.00 34.76 ? 9   ILE A C   1 
ATOM   54   O O   . ILE A 1 8   ? -14.423 1.787   14.152  1.00 35.26 ? 9   ILE A O   1 
ATOM   55   C CB  . ILE A 1 8   ? -11.634 2.310   15.222  1.00 35.47 ? 9   ILE A CB  1 
ATOM   56   C CG1 . ILE A 1 8   ? -10.547 2.994   16.070  1.00 33.32 ? 9   ILE A CG1 1 
ATOM   57   C CG2 . ILE A 1 8   ? -11.010 1.717   13.943  1.00 32.44 ? 9   ILE A CG2 1 
ATOM   58   C CD1 . ILE A 1 8   ? -9.474  2.068   16.601  1.00 34.07 ? 9   ILE A CD1 1 
ATOM   59   N N   . ASN A 1 9   ? -13.785 3.409   12.694  1.00 38.23 ? 10  ASN A N   1 
ATOM   60   C CA  . ASN A 1 9   ? -14.455 2.859   11.503  1.00 45.48 ? 10  ASN A CA  1 
ATOM   61   C C   . ASN A 1 9   ? -13.457 2.008   10.728  1.00 41.96 ? 10  ASN A C   1 
ATOM   62   O O   . ASN A 1 9   ? -12.551 2.537   10.110  1.00 44.24 ? 10  ASN A O   1 
ATOM   63   C CB  . ASN A 1 9   ? -14.992 3.982   10.610  1.00 48.55 ? 10  ASN A CB  1 
ATOM   64   C CG  . ASN A 1 9   ? -16.057 4.821   11.301  1.00 50.80 ? 10  ASN A CG  1 
ATOM   65   O OD1 . ASN A 1 9   ? -17.130 4.325   11.649  1.00 56.06 ? 10  ASN A OD1 1 
ATOM   66   N ND2 . ASN A 1 9   ? -15.762 6.102   11.501  1.00 45.69 ? 10  ASN A ND2 1 
ATOM   67   N N   . SER A 1 10  ? -13.609 0.684   10.819  1.00 44.95 ? 11  SER A N   1 
ATOM   68   C CA  . SER A 1 10  ? -12.646 -0.267  10.293  1.00 47.30 ? 11  SER A CA  1 
ATOM   69   C C   . SER A 1 10  ? -12.546 -0.244  8.767   1.00 47.10 ? 11  SER A C   1 
ATOM   70   O O   . SER A 1 10  ? -13.398 -0.783  8.059   1.00 57.06 ? 11  SER A O   1 
ATOM   71   C CB  . SER A 1 10  ? -12.953 -1.687  10.786  1.00 52.47 ? 11  SER A CB  1 
ATOM   72   O OG  . SER A 1 10  ? -12.507 -1.860  12.116  1.00 51.65 ? 11  SER A OG  1 
ATOM   73   N N   . MET A 1 11  ? -11.456 0.367   8.285   1.00 42.43 ? 12  MET A N   1 
ATOM   74   C CA  . MET A 1 11  ? -11.151 0.557   6.875   1.00 38.18 ? 12  MET A CA  1 
ATOM   75   C C   . MET A 1 11  ? -10.033 -0.411  6.435   1.00 36.47 ? 12  MET A C   1 
ATOM   76   O O   . MET A 1 11  ? -9.136  -0.759  7.218   1.00 29.56 ? 12  MET A O   1 
ATOM   77   C CB  . MET A 1 11  ? -10.741 2.022   6.670   1.00 43.94 ? 12  MET A CB  1 
ATOM   78   C CG  . MET A 1 11  ? -10.403 2.379   5.247   1.00 50.02 ? 12  MET A CG  1 
ATOM   79   S SD  . MET A 1 11  ? -8.658  2.116   4.986   1.00 63.17 ? 12  MET A SD  1 
ATOM   80   C CE  . MET A 1 11  ? -8.041  3.799   5.147   1.00 55.57 ? 12  MET A CE  1 
ATOM   81   N N   . VAL A 1 12  ? -10.098 -0.838  5.169   1.00 31.92 ? 13  VAL A N   1 
ATOM   82   C CA  . VAL A 1 12  ? -9.154  -1.762  4.569   1.00 31.62 ? 13  VAL A CA  1 
ATOM   83   C C   . VAL A 1 12  ? -8.947  -1.310  3.122   1.00 28.02 ? 13  VAL A C   1 
ATOM   84   O O   . VAL A 1 12  ? -9.908  -1.045  2.413   1.00 25.13 ? 13  VAL A O   1 
ATOM   85   C CB  . VAL A 1 12  ? -9.699  -3.212  4.570   1.00 34.47 ? 13  VAL A CB  1 
ATOM   86   C CG1 . VAL A 1 12  ? -8.617  -4.189  4.164   1.00 37.36 ? 13  VAL A CG1 1 
ATOM   87   C CG2 . VAL A 1 12  ? -10.238 -3.581  5.943   1.00 39.83 ? 13  VAL A CG2 1 
ATOM   88   N N   . GLU A 1 13  ? -7.681  -1.178  2.719   1.00 26.05 ? 14  GLU A N   1 
ATOM   89   C CA  . GLU A 1 13  ? -7.296  -1.010  1.328   1.00 24.35 ? 14  GLU A CA  1 
ATOM   90   C C   . GLU A 1 13  ? -6.909  -2.370  0.752   1.00 23.16 ? 14  GLU A C   1 
ATOM   91   O O   . GLU A 1 13  ? -6.419  -3.233  1.468   1.00 24.08 ? 14  GLU A O   1 
ATOM   92   C CB  . GLU A 1 13  ? -6.091  -0.071  1.211   1.00 24.90 ? 14  GLU A CB  1 
ATOM   93   C CG  . GLU A 1 13  ? -6.398  1.397   1.473   1.00 22.96 ? 14  GLU A CG  1 
ATOM   94   C CD  . GLU A 1 13  ? -5.287  2.320   1.021   1.00 23.61 ? 14  GLU A CD  1 
ATOM   95   O OE1 . GLU A 1 13  ? -4.271  1.841   0.470   1.00 23.08 ? 14  GLU A OE1 1 
ATOM   96   O OE2 . GLU A 1 13  ? -5.441  3.545   1.201   1.00 26.89 ? 14  GLU A OE2 1 
ATOM   97   N N   . GLY A 1 14  ? -7.111  -2.542  -0.560  1.00 19.91 ? 15  GLY A N   1 
ATOM   98   C CA  . GLY A 1 14  ? -6.602  -3.691  -1.292  1.00 19.07 ? 15  GLY A CA  1 
ATOM   99   C C   . GLY A 1 14  ? -5.127  -3.503  -1.567  1.00 19.13 ? 15  GLY A C   1 
ATOM   100  O O   . GLY A 1 14  ? -4.698  -2.390  -1.901  1.00 19.92 ? 15  GLY A O   1 
ATOM   101  N N   . VAL A 1 15  ? -4.340  -4.567  -1.378  1.00 21.33 ? 16  VAL A N   1 
ATOM   102  C CA  . VAL A 1 15  ? -2.901  -4.555  -1.691  1.00 21.84 ? 16  VAL A CA  1 
ATOM   103  C C   . VAL A 1 15  ? -2.525  -5.739  -2.555  1.00 20.35 ? 16  VAL A C   1 
ATOM   104  O O   . VAL A 1 15  ? -2.896  -6.857  -2.229  1.00 20.14 ? 16  VAL A O   1 
ATOM   105  C CB  . VAL A 1 15  ? -2.027  -4.632  -0.424  1.00 20.22 ? 16  VAL A CB  1 
ATOM   106  C CG1 . VAL A 1 15  ? -0.553  -4.501  -0.779  1.00 20.98 ? 16  VAL A CG1 1 
ATOM   107  C CG2 . VAL A 1 15  ? -2.459  -3.570  0.568   1.00 21.28 ? 16  VAL A CG2 1 
ATOM   108  N N   . LEU A 1 16  ? -1.782  -5.474  -3.643  1.00 21.14 ? 17  LEU A N   1 
ATOM   109  C CA  . LEU A 1 16  ? -1.180  -6.488  -4.505  1.00 17.72 ? 17  LEU A CA  1 
ATOM   110  C C   . LEU A 1 16  ? 0.271   -6.140  -4.751  1.00 19.90 ? 17  LEU A C   1 
ATOM   111  O O   . LEU A 1 16  ? 0.606   -4.987  -4.931  1.00 17.64 ? 17  LEU A O   1 
ATOM   112  C CB  . LEU A 1 16  ? -1.854  -6.527  -5.873  1.00 18.59 ? 17  LEU A CB  1 
ATOM   113  C CG  . LEU A 1 16  ? -3.295  -7.006  -5.960  1.00 20.62 ? 17  LEU A CG  1 
ATOM   114  C CD1 . LEU A 1 16  ? -3.830  -6.857  -7.376  1.00 25.25 ? 17  LEU A CD1 1 
ATOM   115  C CD2 . LEU A 1 16  ? -3.351  -8.456  -5.514  1.00 18.85 ? 17  LEU A CD2 1 
ATOM   116  N N   . GLY A 1 17  ? 1.129   -7.162  -4.786  1.00 20.05 ? 18  GLY A N   1 
ATOM   117  C CA  . GLY A 1 17  ? 2.491   -7.050  -5.282  1.00 22.47 ? 18  GLY A CA  1 
ATOM   118  C C   . GLY A 1 17  ? 2.584   -7.857  -6.554  1.00 21.63 ? 18  GLY A C   1 
ATOM   119  O O   . GLY A 1 17  ? 2.063   -8.968  -6.600  1.00 26.59 ? 18  GLY A O   1 
ATOM   120  N N   . ILE A 1 18  ? 3.211   -7.279  -7.589  1.00 22.59 ? 19  ILE A N   1 
ATOM   121  C CA  . ILE A 1 18  ? 3.320   -7.877  -8.917  1.00 18.65 ? 19  ILE A CA  1 
ATOM   122  C C   . ILE A 1 18  ? 4.762   -7.805  -9.404  1.00 21.30 ? 19  ILE A C   1 
ATOM   123  O O   . ILE A 1 18  ? 5.373   -6.728  -9.346  1.00 20.19 ? 19  ILE A O   1 
ATOM   124  C CB  . ILE A 1 18  ? 2.314   -7.189  -9.874  1.00 23.33 ? 19  ILE A CB  1 
ATOM   125  C CG1 . ILE A 1 18  ? 0.887   -7.558  -9.415  1.00 28.32 ? 19  ILE A CG1 1 
ATOM   126  C CG2 . ILE A 1 18  ? 2.481   -7.672  -11.304 1.00 21.62 ? 19  ILE A CG2 1 
ATOM   127  C CD1 . ILE A 1 18  ? -0.195  -6.700  -9.986  1.00 34.41 ? 19  ILE A CD1 1 
ATOM   128  N N   . ASN A 1 19  ? 5.321   -8.947  -9.838  1.00 20.21 ? 20  ASN A N   1 
ATOM   129  C CA  . ASN A 1 19  ? 6.706   -8.996  -10.329 1.00 27.23 ? 20  ASN A CA  1 
ATOM   130  C C   . ASN A 1 19  ? 6.786   -8.779  -11.846 1.00 28.12 ? 20  ASN A C   1 
ATOM   131  O O   . ASN A 1 19  ? 5.756   -8.671  -12.496 1.00 28.09 ? 20  ASN A O   1 
ATOM   132  C CB  . ASN A 1 19  ? 7.403   -10.320 -9.926  1.00 23.31 ? 20  ASN A CB  1 
ATOM   133  C CG  . ASN A 1 19  ? 6.796   -11.555 -10.590 1.00 23.19 ? 20  ASN A CG  1 
ATOM   134  O OD1 . ASN A 1 19  ? 6.085   -11.472 -11.578 1.00 22.27 ? 20  ASN A OD1 1 
ATOM   135  N ND2 . ASN A 1 19  ? 7.083   -12.699 -10.044 1.00 21.81 ? 20  ASN A ND2 1 
ATOM   136  N N   . GLU A 1 20  ? 8.024   -8.692  -12.367 1.00 30.02 ? 21  GLU A N   1 
ATOM   137  C CA  . GLU A 1 20  ? 8.366   -8.631  -13.811 1.00 28.84 ? 21  GLU A CA  1 
ATOM   138  C C   . GLU A 1 20  ? 7.577   -9.582  -14.705 1.00 26.64 ? 21  GLU A C   1 
ATOM   139  O O   . GLU A 1 20  ? 7.371   -9.289  -15.864 1.00 28.05 ? 21  GLU A O   1 
ATOM   140  C CB  . GLU A 1 20  ? 9.852   -8.978  -14.049 1.00 29.61 ? 21  GLU A CB  1 
ATOM   141  C CG  . GLU A 1 20  ? 10.787  -7.798  -14.166 1.00 30.89 ? 21  GLU A CG  1 
ATOM   142  C CD  . GLU A 1 20  ? 12.249  -8.185  -14.095 1.00 28.52 ? 21  GLU A CD  1 
ATOM   143  O OE1 . GLU A 1 20  ? 12.696  -9.309  -14.481 1.00 29.85 ? 21  GLU A OE1 1 
ATOM   144  O OE2 . GLU A 1 20  ? 12.982  -7.325  -13.596 1.00 42.45 ? 21  GLU A OE2 1 
ATOM   145  N N   . SER A 1 21  ? 7.237   -10.763 -14.182 1.00 25.82 ? 22  SER A N   1 
ATOM   146  C CA  . SER A 1 21  ? 6.458   -11.770 -14.921 1.00 27.90 ? 22  SER A CA  1 
ATOM   147  C C   . SER A 1 21  ? 4.944   -11.506 -14.910 1.00 27.97 ? 22  SER A C   1 
ATOM   148  O O   . SER A 1 21  ? 4.172   -12.297 -15.448 1.00 31.07 ? 22  SER A O   1 
ATOM   149  C CB  . SER A 1 21  ? 6.714   -13.169 -14.354 1.00 25.60 ? 22  SER A CB  1 
ATOM   150  O OG  . SER A 1 21  ? 8.050   -13.357 -13.907 1.00 29.72 ? 22  SER A OG  1 
ATOM   151  N N   . ARG A 1 22  ? 4.534   -10.396 -14.279 1.00 29.26 ? 23  ARG A N   1 
ATOM   152  C CA  . ARG A 1 22  ? 3.128   -9.993  -14.092 1.00 27.18 ? 23  ARG A CA  1 
ATOM   153  C C   . ARG A 1 22  ? 2.342   -10.983 -13.198 1.00 25.13 ? 23  ARG A C   1 
ATOM   154  O O   . ARG A 1 22  ? 1.116   -11.013 -13.211 1.00 26.21 ? 23  ARG A O   1 
ATOM   155  C CB  . ARG A 1 22  ? 2.437   -9.773  -15.441 1.00 30.11 ? 23  ARG A CB  1 
ATOM   156  C CG  . ARG A 1 22  ? 2.766   -8.452  -16.132 1.00 33.76 ? 23  ARG A CG  1 
ATOM   157  C CD  . ARG A 1 22  ? 4.249   -8.103  -16.153 1.00 35.02 ? 23  ARG A CD  1 
ATOM   158  N NE  . ARG A 1 22  ? 4.498   -6.970  -17.036 1.00 35.59 ? 23  ARG A NE  1 
ATOM   159  C CZ  . ARG A 1 22  ? 5.664   -6.348  -17.210 1.00 35.63 ? 23  ARG A CZ  1 
ATOM   160  N NH1 . ARG A 1 22  ? 6.759   -6.726  -16.560 1.00 42.10 ? 23  ARG A NH1 1 
ATOM   161  N NH2 . ARG A 1 22  ? 5.730   -5.320  -18.055 1.00 30.35 ? 23  ARG A NH2 1 
ATOM   162  N N   . GLN A 1 23  ? 3.086   -11.755 -12.398 1.00 27.81 ? 24  GLN A N   1 
ATOM   163  C CA  . GLN A 1 23  ? 2.549   -12.639 -11.379 1.00 27.69 ? 24  GLN A CA  1 
ATOM   164  C C   . GLN A 1 23  ? 2.298   -11.874 -10.081 1.00 27.36 ? 24  GLN A C   1 
ATOM   165  O O   . GLN A 1 23  ? 3.108   -11.031 -9.674  1.00 20.77 ? 24  GLN A O   1 
ATOM   166  C CB  . GLN A 1 23  ? 3.558   -13.749 -11.061 1.00 28.56 ? 24  GLN A CB  1 
ATOM   167  C CG  . GLN A 1 23  ? 3.851   -14.708 -12.189 1.00 32.86 ? 24  GLN A CG  1 
ATOM   168  C CD  . GLN A 1 23  ? 5.059   -15.568 -11.886 1.00 33.76 ? 24  GLN A CD  1 
ATOM   169  O OE1 . GLN A 1 23  ? 6.003   -15.128 -11.236 1.00 31.32 ? 24  GLN A OE1 1 
ATOM   170  N NE2 . GLN A 1 23  ? 5.029   -16.799 -12.361 1.00 39.01 ? 24  GLN A NE2 1 
ATOM   171  N N   . ILE A 1 24  ? 1.191   -12.208 -9.420  1.00 21.70 ? 25  ILE A N   1 
ATOM   172  C CA  . ILE A 1 24  ? 0.884   -11.681 -8.106  1.00 25.85 ? 25  ILE A CA  1 
ATOM   173  C C   . ILE A 1 24  ? 1.687   -12.461 -7.081  1.00 27.62 ? 25  ILE A C   1 
ATOM   174  O O   . ILE A 1 24  ? 1.504   -13.677 -6.944  1.00 30.20 ? 25  ILE A O   1 
ATOM   175  C CB  . ILE A 1 24  ? -0.617  -11.781 -7.793  1.00 27.22 ? 25  ILE A CB  1 
ATOM   176  C CG1 . ILE A 1 24  ? -1.404  -10.875 -8.753  1.00 26.50 ? 25  ILE A CG1 1 
ATOM   177  C CG2 . ILE A 1 24  ? -0.882  -11.423 -6.321  1.00 27.51 ? 25  ILE A CG2 1 
ATOM   178  C CD1 . ILE A 1 24  ? -2.876  -11.217 -8.807  1.00 28.14 ? 25  ILE A CD1 1 
ATOM   179  N N   . ILE A 1 25  ? 2.579   -11.757 -6.374  1.00 25.25 ? 26  ILE A N   1 
ATOM   180  C CA  . ILE A 1 25  ? 3.476   -12.362 -5.390  1.00 25.70 ? 26  ILE A CA  1 
ATOM   181  C C   . ILE A 1 25  ? 3.087   -12.078 -3.945  1.00 25.36 ? 26  ILE A C   1 
ATOM   182  O O   . ILE A 1 25  ? 3.675   -12.633 -3.031  1.00 27.44 ? 26  ILE A O   1 
ATOM   183  C CB  . ILE A 1 25  ? 4.931   -11.914 -5.613  1.00 27.37 ? 26  ILE A CB  1 
ATOM   184  C CG1 . ILE A 1 25  ? 5.081   -10.405 -5.402  1.00 27.93 ? 26  ILE A CG1 1 
ATOM   185  C CG2 . ILE A 1 25  ? 5.384   -12.323 -6.998  1.00 26.48 ? 26  ILE A CG2 1 
ATOM   186  C CD1 . ILE A 1 25  ? 6.510   -9.960  -5.187  1.00 31.10 ? 26  ILE A CD1 1 
ATOM   187  N N   . LEU A 1 26  ? 2.116   -11.176 -3.749  1.00 26.37 ? 27  LEU A N   1 
ATOM   188  C CA  . LEU A 1 26  ? 1.522   -10.925 -2.442  1.00 24.79 ? 27  LEU A CA  1 
ATOM   189  C C   . LEU A 1 26  ? 0.181   -10.215 -2.578  1.00 26.18 ? 27  LEU A C   1 
ATOM   190  O O   . LEU A 1 26  ? -0.081  -9.536  -3.575  1.00 22.96 ? 27  LEU A O   1 
ATOM   191  C CB  . LEU A 1 26  ? 2.472   -10.141 -1.532  1.00 28.19 ? 27  LEU A CB  1 
ATOM   192  C CG  . LEU A 1 26  ? 2.816   -8.713  -1.943  1.00 31.10 ? 27  LEU A CG  1 
ATOM   193  C CD1 . LEU A 1 26  ? 1.916   -7.698  -1.256  1.00 32.58 ? 27  LEU A CD1 1 
ATOM   194  C CD2 . LEU A 1 26  ? 4.284   -8.389  -1.682  1.00 31.18 ? 27  LEU A CD2 1 
ATOM   195  N N   . SER A 1 27  ? -0.685  -10.416 -1.580  1.00 27.10 ? 28  SER A N   1 
ATOM   196  C CA  . SER A 1 27  ? -2.030  -9.869  -1.590  1.00 26.43 ? 28  SER A CA  1 
ATOM   197  C C   . SER A 1 27  ? -2.635  -9.924  -0.184  1.00 27.28 ? 28  SER A C   1 
ATOM   198  O O   . SER A 1 27  ? -2.183  -10.684 0.665   1.00 23.95 ? 28  SER A O   1 
ATOM   199  C CB  . SER A 1 27  ? -2.896  -10.644 -2.592  1.00 27.32 ? 28  SER A CB  1 
ATOM   200  O OG  . SER A 1 27  ? -3.010  -12.013 -2.228  1.00 27.80 ? 28  SER A OG  1 
ATOM   201  N N   . ASN A 1 28  ? -3.643  -9.087  0.061   1.00 24.29 ? 29  ASN A N   1 
ATOM   202  C CA  . ASN A 1 28  ? -4.473  -9.243  1.235   1.00 25.38 ? 29  ASN A CA  1 
ATOM   203  C C   . ASN A 1 28  ? -5.849  -9.701  0.794   1.00 28.61 ? 29  ASN A C   1 
ATOM   204  O O   . ASN A 1 28  ? -6.127  -9.774  -0.396  1.00 23.43 ? 29  ASN A O   1 
ATOM   205  C CB  . ASN A 1 28  ? -4.514  -7.977  2.099   1.00 23.71 ? 29  ASN A CB  1 
ATOM   206  C CG  . ASN A 1 28  ? -5.167  -6.796  1.417   1.00 23.55 ? 29  ASN A CG  1 
ATOM   207  O OD1 . ASN A 1 28  ? -5.505  -6.825  0.234   1.00 23.05 ? 29  ASN A OD1 1 
ATOM   208  N ND2 . ASN A 1 28  ? -5.341  -5.735  2.178   1.00 27.39 ? 29  ASN A ND2 1 
ATOM   209  N N   . LYS A 1 29  ? -6.699  -10.022 1.770   1.00 32.83 ? 30  LYS A N   1 
ATOM   210  C CA  . LYS A 1 29  ? -8.036  -10.529 1.511   1.00 39.71 ? 30  LYS A CA  1 
ATOM   211  C C   . LYS A 1 29  ? -8.873  -9.577  0.662   1.00 34.05 ? 30  LYS A C   1 
ATOM   212  O O   . LYS A 1 29  ? -9.624  -10.015 -0.203  1.00 33.41 ? 30  LYS A O   1 
ATOM   213  C CB  . LYS A 1 29  ? -8.752  -10.835 2.831   1.00 42.24 ? 30  LYS A CB  1 
ATOM   214  C CG  . LYS A 1 29  ? -10.161 -11.421 2.703   1.00 47.24 ? 30  LYS A CG  1 
ATOM   215  C CD  . LYS A 1 29  ? -10.234 -12.652 1.810   1.00 51.43 ? 30  LYS A CD  1 
ATOM   216  C CE  . LYS A 1 29  ? -11.408 -13.536 2.188   1.00 51.71 ? 30  LYS A CE  1 
ATOM   217  N NZ  . LYS A 1 29  ? -12.677 -12.767 2.300   1.00 54.03 ? 30  LYS A NZ  1 
ATOM   218  N N   . MET A 1 30  ? -8.735  -8.272  0.904   1.00 37.44 ? 31  MET A N   1 
ATOM   219  C CA  . MET A 1 30  ? -9.534  -7.284  0.188   1.00 32.73 ? 31  MET A CA  1 
ATOM   220  C C   . MET A 1 30  ? -9.178  -7.264  -1.304  1.00 27.37 ? 31  MET A C   1 
ATOM   221  O O   . MET A 1 30  ? -10.053 -7.120  -2.155  1.00 25.75 ? 31  MET A O   1 
ATOM   222  C CB  . MET A 1 30  ? -9.401  -5.885  0.791   1.00 36.22 ? 31  MET A CB  1 
ATOM   223  C CG  . MET A 1 30  ? -10.511 -4.970  0.304   1.00 43.02 ? 31  MET A CG  1 
ATOM   224  S SD  . MET A 1 30  ? -9.985  -3.268  0.221   1.00 65.99 ? 31  MET A SD  1 
ATOM   225  C CE  . MET A 1 30  ? -11.366 -2.444  -0.559  1.00 62.42 ? 31  MET A CE  1 
ATOM   226  N N   . ALA A 1 31  ? -7.890  -7.416  -1.621  1.00 28.43 ? 32  ALA A N   1 
ATOM   227  C CA  . ALA A 1 31  ? -7.445  -7.509  -3.015  1.00 27.42 ? 32  ALA A CA  1 
ATOM   228  C C   . ALA A 1 31  ? -7.942  -8.804  -3.682  1.00 29.80 ? 32  ALA A C   1 
ATOM   229  O O   . ALA A 1 31  ? -8.366  -8.794  -4.834  1.00 30.49 ? 32  ALA A O   1 
ATOM   230  C CB  . ALA A 1 31  ? -5.941  -7.368  -3.113  1.00 26.58 ? 32  ALA A CB  1 
ATOM   231  N N   . ASN A 1 32  ? -7.901  -9.917  -2.941  1.00 33.31 ? 33  ASN A N   1 
ATOM   232  C CA  . ASN A 1 32  ? -8.512  -11.165 -3.388  1.00 33.89 ? 33  ASN A CA  1 
ATOM   233  C C   . ASN A 1 32  ? -9.996  -11.007 -3.719  1.00 31.90 ? 33  ASN A C   1 
ATOM   234  O O   . ASN A 1 32  ? -10.445 -11.505 -4.728  1.00 32.69 ? 33  ASN A O   1 
ATOM   235  C CB  . ASN A 1 32  ? -8.328  -12.281 -2.353  1.00 40.19 ? 33  ASN A CB  1 
ATOM   236  C CG  . ASN A 1 32  ? -6.928  -12.861 -2.363  1.00 46.51 ? 33  ASN A CG  1 
ATOM   237  O OD1 . ASN A 1 32  ? -6.765  -14.070 -2.261  1.00 54.48 ? 33  ASN A OD1 1 
ATOM   238  N ND2 . ASN A 1 32  ? -5.914  -12.011 -2.509  1.00 55.37 ? 33  ASN A ND2 1 
ATOM   239  N N   . ASP A 1 33  ? -10.742 -10.305 -2.865  1.00 31.79 ? 34  ASP A N   1 
ATOM   240  C CA  . ASP A 1 33  ? -12.159 -10.030 -3.109  1.00 36.20 ? 34  ASP A CA  1 
ATOM   241  C C   . ASP A 1 33  ? -12.376 -9.207  -4.387  1.00 35.00 ? 34  ASP A C   1 
ATOM   242  O O   . ASP A 1 33  ? -13.232 -9.541  -5.229  1.00 33.84 ? 34  ASP A O   1 
ATOM   243  C CB  . ASP A 1 33  ? -12.787 -9.299  -1.924  1.00 43.29 ? 34  ASP A CB  1 
ATOM   244  C CG  . ASP A 1 33  ? -12.988 -10.194 -0.706  1.00 47.60 ? 34  ASP A CG  1 
ATOM   245  O OD1 . ASP A 1 33  ? -13.105 -11.431 -0.849  1.00 49.66 ? 34  ASP A OD1 1 
ATOM   246  O OD2 . ASP A 1 33  ? -13.024 -9.645  0.414   1.00 48.03 ? 34  ASP A OD2 1 
ATOM   247  N N   . ILE A 1 34  ? -11.593 -8.132  -4.527  1.00 35.90 ? 35  ILE A N   1 
ATOM   248  C CA  . ILE A 1 34  ? -11.617 -7.307  -5.725  1.00 30.76 ? 35  ILE A CA  1 
ATOM   249  C C   . ILE A 1 34  ? -11.436 -8.194  -6.961  1.00 28.09 ? 35  ILE A C   1 
ATOM   250  O O   . ILE A 1 34  ? -12.213 -8.119  -7.901  1.00 31.80 ? 35  ILE A O   1 
ATOM   251  C CB  . ILE A 1 34  ? -10.475 -6.241  -5.727  1.00 31.44 ? 35  ILE A CB  1 
ATOM   252  C CG1 . ILE A 1 34  ? -10.623 -5.223  -4.599  1.00 32.46 ? 35  ILE A CG1 1 
ATOM   253  C CG2 . ILE A 1 34  ? -10.441 -5.490  -7.043  1.00 29.22 ? 35  ILE A CG2 1 
ATOM   254  C CD1 . ILE A 1 34  ? -12.013 -4.691  -4.444  1.00 41.41 ? 35  ILE A CD1 1 
ATOM   255  N N   . MET A 1 35  ? -10.401 -9.038  -6.935  1.00 27.89 ? 36  MET A N   1 
ATOM   256  C CA  . MET A 1 35  ? -10.003 -9.823  -8.105  1.00 30.02 ? 36  MET A CA  1 
ATOM   257  C C   . MET A 1 35  ? -11.033 -10.888 -8.472  1.00 33.05 ? 36  MET A C   1 
ATOM   258  O O   . MET A 1 35  ? -11.254 -11.147 -9.652  1.00 29.57 ? 36  MET A O   1 
ATOM   259  C CB  . MET A 1 35  ? -8.628  -10.453 -7.913  1.00 30.08 ? 36  MET A CB  1 
ATOM   260  C CG  . MET A 1 35  ? -7.481  -9.434  -7.927  1.00 36.06 ? 36  MET A CG  1 
ATOM   261  S SD  . MET A 1 35  ? -7.475  -8.370  -9.397  1.00 33.93 ? 36  MET A SD  1 
ATOM   262  C CE  . MET A 1 35  ? -7.171  -9.619  -10.633 1.00 33.55 ? 36  MET A CE  1 
ATOM   263  N N   . ASP A 1 36  ? -11.656 -11.495 -7.455  1.00 35.48 ? 37  ASP A N   1 
ATOM   264  C CA  . ASP A 1 36  ? -12.709 -12.493 -7.655  1.00 45.29 ? 37  ASP A CA  1 
ATOM   265  C C   . ASP A 1 36  ? -14.001 -11.919 -8.225  1.00 42.60 ? 37  ASP A C   1 
ATOM   266  O O   . ASP A 1 36  ? -14.829 -12.665 -8.732  1.00 49.88 ? 37  ASP A O   1 
ATOM   267  C CB  . ASP A 1 36  ? -13.012 -13.221 -6.345  1.00 46.05 ? 37  ASP A CB  1 
ATOM   268  C CG  . ASP A 1 36  ? -11.822 -14.036 -5.844  1.00 50.14 ? 37  ASP A CG  1 
ATOM   269  O OD1 . ASP A 1 36  ? -10.854 -14.231 -6.604  1.00 58.56 ? 37  ASP A OD1 1 
ATOM   270  O OD2 . ASP A 1 36  ? -11.836 -14.468 -4.677  1.00 55.64 ? 37  ASP A OD2 1 
ATOM   271  N N   . ASN A 1 37  ? -14.165 -10.592 -8.141  1.00 41.25 ? 38  ASN A N   1 
ATOM   272  C CA  . ASN A 1 37  ? -15.413 -9.925  -8.494  1.00 40.30 ? 38  ASN A CA  1 
ATOM   273  C C   . ASN A 1 37  ? -15.296 -8.888  -9.590  1.00 42.25 ? 38  ASN A C   1 
ATOM   274  O O   . ASN A 1 37  ? -16.249 -8.163  -9.845  1.00 55.69 ? 38  ASN A O   1 
ATOM   275  C CB  . ASN A 1 37  ? -16.012 -9.272  -7.245  1.00 46.72 ? 38  ASN A CB  1 
ATOM   276  C CG  . ASN A 1 37  ? -16.629 -10.290 -6.303  1.00 51.74 ? 38  ASN A CG  1 
ATOM   277  O OD1 . ASN A 1 37  ? -17.767 -10.736 -6.498  1.00 59.14 ? 38  ASN A OD1 1 
ATOM   278  N ND2 . ASN A 1 37  ? -15.863 -10.693 -5.297  1.00 48.14 ? 38  ASN A ND2 1 
ATOM   279  N N   . ILE A 1 38  ? -14.142 -8.841  -10.260 1.00 39.74 ? 39  ILE A N   1 
ATOM   280  C CA  . ILE A 1 38  ? -13.819 -7.753  -11.171 1.00 40.14 ? 39  ILE A CA  1 
ATOM   281  C C   . ILE A 1 38  ? -14.223 -8.104  -12.597 1.00 36.32 ? 39  ILE A C   1 
ATOM   282  O O   . ILE A 1 38  ? -14.029 -9.242  -13.027 1.00 36.55 ? 39  ILE A O   1 
ATOM   283  C CB  . ILE A 1 38  ? -12.317 -7.392  -11.084 1.00 33.59 ? 39  ILE A CB  1 
ATOM   284  C CG1 . ILE A 1 38  ? -12.032 -6.048  -11.760 1.00 35.73 ? 39  ILE A CG1 1 
ATOM   285  C CG2 . ILE A 1 38  ? -11.437 -8.476  -11.692 1.00 36.10 ? 39  ILE A CG2 1 
ATOM   286  C CD1 . ILE A 1 38  ? -10.642 -5.502  -11.489 1.00 32.05 ? 39  ILE A CD1 1 
ATOM   287  N N   . ASP A 1 39  ? -14.780 -7.117  -13.318 1.00 39.97 ? 40  ASP A N   1 
ATOM   288  C CA  . ASP A 1 39  ? -15.179 -7.270  -14.729 1.00 41.43 ? 40  ASP A CA  1 
ATOM   289  C C   . ASP A 1 39  ? -13.955 -7.206  -15.606 1.00 39.29 ? 40  ASP A C   1 
ATOM   290  O O   . ASP A 1 39  ? -12.930 -6.689  -15.168 1.00 36.03 ? 40  ASP A O   1 
ATOM   291  C CB  . ASP A 1 39  ? -16.101 -6.133  -15.182 1.00 42.40 ? 40  ASP A CB  1 
ATOM   292  C CG  . ASP A 1 39  ? -17.395 -6.057  -14.386 1.00 49.87 ? 40  ASP A CG  1 
ATOM   293  O OD1 . ASP A 1 39  ? -17.910 -7.086  -13.900 1.00 58.52 ? 40  ASP A OD1 1 
ATOM   294  O OD2 . ASP A 1 39  ? -17.920 -4.942  -14.258 1.00 61.92 ? 40  ASP A OD2 1 
ATOM   295  N N   . GLU A 1 40  ? -14.076 -7.685  -16.847 1.00 31.82 ? 41  GLU A N   1 
ATOM   296  C CA  . GLU A 1 40  ? -12.949 -7.800  -17.755 1.00 36.37 ? 41  GLU A CA  1 
ATOM   297  C C   . GLU A 1 40  ? -12.338 -6.435  -18.135 1.00 33.26 ? 41  GLU A C   1 
ATOM   298  O O   . GLU A 1 40  ? -11.116 -6.279  -18.205 1.00 33.27 ? 41  GLU A O   1 
ATOM   299  C CB  . GLU A 1 40  ? -13.369 -8.589  -18.996 1.00 44.77 ? 41  GLU A CB  1 
ATOM   300  C CG  . GLU A 1 40  ? -13.643 -10.062 -18.699 1.00 52.99 ? 41  GLU A CG  1 
ATOM   301  C CD  . GLU A 1 40  ? -12.384 -10.812 -18.273 1.00 65.90 ? 41  GLU A CD  1 
ATOM   302  O OE1 . GLU A 1 40  ? -11.344 -10.688 -18.959 1.00 61.48 ? 41  GLU A OE1 1 
ATOM   303  O OE2 . GLU A 1 40  ? -12.424 -11.540 -17.256 1.00 74.42 ? 41  GLU A OE2 1 
ATOM   304  N N   . ASP A 1 41  ? -13.204 -5.444  -18.361 1.00 35.48 ? 42  ASP A N   1 
ATOM   305  C CA  . ASP A 1 41  ? -12.753 -4.088  -18.691 1.00 38.60 ? 42  ASP A CA  1 
ATOM   306  C C   . ASP A 1 41  ? -12.000 -3.443  -17.525 1.00 30.19 ? 42  ASP A C   1 
ATOM   307  O O   . ASP A 1 41  ? -10.968 -2.815  -17.726 1.00 36.78 ? 42  ASP A O   1 
ATOM   308  C CB  . ASP A 1 41  ? -13.912 -3.206  -19.192 1.00 44.09 ? 42  ASP A CB  1 
ATOM   309  C CG  . ASP A 1 41  ? -14.860 -2.770  -18.081 1.00 51.57 ? 42  ASP A CG  1 
ATOM   310  O OD1 . ASP A 1 41  ? -15.216 -3.620  -17.231 1.00 57.74 ? 42  ASP A OD1 1 
ATOM   311  O OD2 . ASP A 1 41  ? -15.238 -1.575  -18.066 1.00 53.67 ? 42  ASP A OD2 1 
ATOM   312  N N   . ALA A 1 42  ? -12.519 -3.611  -16.307 1.00 32.64 ? 43  ALA A N   1 
ATOM   313  C CA  . ALA A 1 42  ? -11.887 -3.072  -15.094 1.00 30.60 ? 43  ALA A CA  1 
ATOM   314  C C   . ALA A 1 42  ? -10.529 -3.730  -14.882 1.00 29.56 ? 43  ALA A C   1 
ATOM   315  O O   . ALA A 1 42  ? -9.557  -3.053  -14.547 1.00 27.15 ? 43  ALA A O   1 
ATOM   316  C CB  . ALA A 1 42  ? -12.785 -3.264  -13.867 1.00 27.43 ? 43  ALA A CB  1 
ATOM   317  N N   . LYS A 1 43  ? -10.464 -5.046  -15.110 1.00 30.48 ? 44  LYS A N   1 
ATOM   318  C CA  . LYS A 1 43  ? -9.207  -5.809  -15.045 1.00 31.39 ? 44  LYS A CA  1 
ATOM   319  C C   . LYS A 1 43  ? -8.149  -5.306  -16.017 1.00 30.84 ? 44  LYS A C   1 
ATOM   320  O O   . LYS A 1 43  ? -6.970  -5.220  -15.671 1.00 35.03 ? 44  LYS A O   1 
ATOM   321  C CB  . LYS A 1 43  ? -9.474  -7.282  -15.318 1.00 33.42 ? 44  LYS A CB  1 
ATOM   322  C CG  . LYS A 1 43  ? -8.355  -8.221  -14.910 1.00 39.24 ? 44  LYS A CG  1 
ATOM   323  C CD  . LYS A 1 43  ? -8.824  -9.652  -15.048 1.00 41.90 ? 44  LYS A CD  1 
ATOM   324  C CE  . LYS A 1 43  ? -8.015  -10.588 -14.181 1.00 48.56 ? 44  LYS A CE  1 
ATOM   325  N NZ  . LYS A 1 43  ? -8.638  -11.939 -14.131 1.00 53.53 ? 44  LYS A NZ  1 
ATOM   326  N N   . ALA A 1 44  ? -8.579  -4.990  -17.243 1.00 29.92 ? 45  ALA A N   1 
ATOM   327  C CA  . ALA A 1 44  ? -7.702  -4.458  -18.269 1.00 24.42 ? 45  ALA A CA  1 
ATOM   328  C C   . ALA A 1 44  ? -7.206  -3.064  -17.904 1.00 25.37 ? 45  ALA A C   1 
ATOM   329  O O   . ALA A 1 44  ? -6.074  -2.703  -18.202 1.00 19.48 ? 45  ALA A O   1 
ATOM   330  C CB  . ALA A 1 44  ? -8.415  -4.427  -19.613 1.00 23.94 ? 45  ALA A CB  1 
ATOM   331  N N   . PHE A 1 45  ? -8.070  -2.268  -17.267 1.00 26.34 ? 46  PHE A N   1 
ATOM   332  C CA  . PHE A 1 45  ? -7.688  -0.934  -16.808 1.00 24.43 ? 46  PHE A CA  1 
ATOM   333  C C   . PHE A 1 45  ? -6.638  -1.016  -15.700 1.00 20.71 ? 46  PHE A C   1 
ATOM   334  O O   . PHE A 1 45  ? -5.676  -0.230  -15.660 1.00 22.33 ? 46  PHE A O   1 
ATOM   335  C CB  . PHE A 1 45  ? -8.909  -0.119  -16.374 1.00 22.55 ? 46  PHE A CB  1 
ATOM   336  C CG  . PHE A 1 45  ? -9.791  0.326   -17.515 1.00 25.98 ? 46  PHE A CG  1 
ATOM   337  C CD1 . PHE A 1 45  ? -9.259  0.918   -18.665 1.00 27.66 ? 46  PHE A CD1 1 
ATOM   338  C CD2 . PHE A 1 45  ? -11.171 0.159   -17.437 1.00 26.28 ? 46  PHE A CD2 1 
ATOM   339  C CE1 . PHE A 1 45  ? -10.090 1.328   -19.702 1.00 29.49 ? 46  PHE A CE1 1 
ATOM   340  C CE2 . PHE A 1 45  ? -12.003 0.573   -18.471 1.00 26.66 ? 46  PHE A CE2 1 
ATOM   341  C CZ  . PHE A 1 45  ? -11.461 1.150   -19.610 1.00 24.41 ? 46  PHE A CZ  1 
ATOM   342  N N   . LEU A 1 46  ? -6.821  -1.981  -14.800 1.00 18.74 ? 47  LEU A N   1 
ATOM   343  C CA  . LEU A 1 46  ? -5.898  -2.240  -13.709 1.00 22.78 ? 47  LEU A CA  1 
ATOM   344  C C   . LEU A 1 46  ? -4.526  -2.677  -14.262 1.00 23.79 ? 47  LEU A C   1 
ATOM   345  O O   . LEU A 1 46  ? -3.463  -2.102  -13.911 1.00 23.27 ? 47  LEU A O   1 
ATOM   346  C CB  . LEU A 1 46  ? -6.498  -3.291  -12.788 1.00 23.54 ? 47  LEU A CB  1 
ATOM   347  C CG  . LEU A 1 46  ? -5.733  -3.688  -11.529 1.00 25.88 ? 47  LEU A CG  1 
ATOM   348  C CD1 . LEU A 1 46  ? -5.589  -2.503  -10.604 1.00 30.23 ? 47  LEU A CD1 1 
ATOM   349  C CD2 . LEU A 1 46  ? -6.467  -4.833  -10.843 1.00 26.95 ? 47  LEU A CD2 1 
ATOM   350  N N   . LEU A 1 47  ? -4.563  -3.645  -15.184 1.00 25.30 ? 48  LEU A N   1 
ATOM   351  C CA  . LEU A 1 47  ? -3.372  -4.129  -15.839 1.00 24.42 ? 48  LEU A CA  1 
ATOM   352  C C   . LEU A 1 47  ? -2.635  -3.013  -16.566 1.00 26.16 ? 48  LEU A C   1 
ATOM   353  O O   . LEU A 1 47  ? -1.415  -2.920  -16.474 1.00 22.82 ? 48  LEU A O   1 
ATOM   354  C CB  . LEU A 1 47  ? -3.721  -5.277  -16.794 1.00 29.74 ? 48  LEU A CB  1 
ATOM   355  C CG  . LEU A 1 47  ? -2.549  -6.048  -17.433 1.00 32.81 ? 48  LEU A CG  1 
ATOM   356  C CD1 . LEU A 1 47  ? -1.551  -6.566  -16.403 1.00 30.43 ? 48  LEU A CD1 1 
ATOM   357  C CD2 . LEU A 1 47  ? -3.101  -7.175  -18.297 1.00 30.37 ? 48  LEU A CD2 1 
ATOM   358  N N   . ARG A 1 48  ? -3.380  -2.165  -17.286 1.00 24.97 ? 49  ARG A N   1 
ATOM   359  C CA  . ARG A 1 48  ? -2.821  -1.020  -18.003 1.00 23.50 ? 49  ARG A CA  1 
ATOM   360  C C   . ARG A 1 48  ? -2.090  -0.080  -17.068 1.00 21.48 ? 49  ARG A C   1 
ATOM   361  O O   . ARG A 1 48  ? -0.990  0.369   -17.363 1.00 23.22 ? 49  ARG A O   1 
ATOM   362  C CB  . ARG A 1 48  ? -3.914  -0.271  -18.788 1.00 27.95 ? 49  ARG A CB  1 
ATOM   363  C CG  . ARG A 1 48  ? -3.443  0.990   -19.509 1.00 32.80 ? 49  ARG A CG  1 
ATOM   364  C CD  . ARG A 1 48  ? -2.402  0.683   -20.580 1.00 38.83 ? 49  ARG A CD  1 
ATOM   365  N NE  . ARG A 1 48  ? -1.725  1.889   -21.065 1.00 39.74 ? 49  ARG A NE  1 
ATOM   366  C CZ  . ARG A 1 48  ? -1.280  2.075   -22.309 1.00 38.46 ? 49  ARG A CZ  1 
ATOM   367  N NH1 . ARG A 1 48  ? -1.440  1.146   -23.255 1.00 39.82 ? 49  ARG A NH1 1 
ATOM   368  N NH2 . ARG A 1 48  ? -0.681  3.223   -22.620 1.00 40.92 ? 49  ARG A NH2 1 
ATOM   369  N N   . GLN A 1 49  ? -2.691  0.222   -15.919 1.00 24.17 ? 50  GLN A N   1 
ATOM   370  C CA  . GLN A 1 49  ? -2.041  1.091   -14.938 1.00 22.44 ? 50  GLN A CA  1 
ATOM   371  C C   . GLN A 1 49  ? -0.724  0.490   -14.413 1.00 22.26 ? 50  GLN A C   1 
ATOM   372  O O   . GLN A 1 49  ? 0.298   1.194   -14.282 1.00 17.64 ? 50  GLN A O   1 
ATOM   373  C CB  . GLN A 1 49  ? -2.979  1.406   -13.789 1.00 22.55 ? 50  GLN A CB  1 
ATOM   374  C CG  . GLN A 1 49  ? -2.451  2.513   -12.896 1.00 22.63 ? 50  GLN A CG  1 
ATOM   375  C CD  . GLN A 1 49  ? -3.392  2.831   -11.766 1.00 19.73 ? 50  GLN A CD  1 
ATOM   376  O OE1 . GLN A 1 49  ? -4.594  2.558   -11.835 1.00 18.95 ? 50  GLN A OE1 1 
ATOM   377  N NE2 . GLN A 1 49  ? -2.850  3.418   -10.716 1.00 19.89 ? 50  GLN A NE2 1 
ATOM   378  N N   . ILE A 1 50  ? -0.752  -0.819  -14.135 1.00 22.39 ? 51  ILE A N   1 
ATOM   379  C CA  . ILE A 1 50  ? 0.438   -1.560  -13.737 1.00 24.06 ? 51  ILE A CA  1 
ATOM   380  C C   . ILE A 1 50  ? 1.505   -1.463  -14.840 1.00 25.64 ? 51  ILE A C   1 
ATOM   381  O O   . ILE A 1 50  ? 2.642   -1.090  -14.561 1.00 23.36 ? 51  ILE A O   1 
ATOM   382  C CB  . ILE A 1 50  ? 0.096   -3.022  -13.385 1.00 29.09 ? 51  ILE A CB  1 
ATOM   383  C CG1 . ILE A 1 50  ? -0.758  -3.078  -12.115 1.00 27.71 ? 51  ILE A CG1 1 
ATOM   384  C CG2 . ILE A 1 50  ? 1.352   -3.849  -13.189 1.00 29.32 ? 51  ILE A CG2 1 
ATOM   385  C CD1 . ILE A 1 50  ? -1.608  -4.321  -11.993 1.00 29.62 ? 51  ILE A CD1 1 
ATOM   386  N N   . GLU A 1 51  ? 1.127   -1.760  -16.092 1.00 22.03 ? 52  GLU A N   1 
ATOM   387  C CA  . GLU A 1 51  ? 2.050   -1.639  -17.235 1.00 27.75 ? 52  GLU A CA  1 
ATOM   388  C C   . GLU A 1 51  ? 2.666   -0.229  -17.335 1.00 23.60 ? 52  GLU A C   1 
ATOM   389  O O   . GLU A 1 51  ? 3.857   -0.089  -17.536 1.00 22.39 ? 52  GLU A O   1 
ATOM   390  C CB  . GLU A 1 51  ? 1.384   -2.035  -18.566 1.00 30.56 ? 52  GLU A CB  1 
ATOM   391  C CG  . GLU A 1 51  ? 0.992   -3.512  -18.687 1.00 35.14 ? 52  GLU A CG  1 
ATOM   392  C CD  . GLU A 1 51  ? 2.160   -4.476  -18.552 1.00 37.76 ? 52  GLU A CD  1 
ATOM   393  O OE1 . GLU A 1 51  ? 3.312   -4.117  -18.883 1.00 42.80 ? 52  GLU A OE1 1 
ATOM   394  O OE2 . GLU A 1 51  ? 1.929   -5.626  -18.122 1.00 43.04 ? 52  GLU A OE2 1 
ATOM   395  N N   . ASP A 1 52  ? 1.848   0.810   -17.136 1.00 22.60 ? 53  ASP A N   1 
ATOM   396  C CA  . ASP A 1 52  ? 2.322   2.199   -17.211 1.00 25.39 ? 53  ASP A CA  1 
ATOM   397  C C   . ASP A 1 52  ? 3.341   2.525   -16.120 1.00 26.11 ? 53  ASP A C   1 
ATOM   398  O O   . ASP A 1 52  ? 4.242   3.347   -16.313 1.00 24.82 ? 53  ASP A O   1 
ATOM   399  C CB  . ASP A 1 52  ? 1.157   3.180   -17.156 1.00 26.69 ? 53  ASP A CB  1 
ATOM   400  C CG  . ASP A 1 52  ? 0.301   3.134   -18.425 1.00 27.22 ? 53  ASP A CG  1 
ATOM   401  O OD1 . ASP A 1 52  ? 0.779   2.621   -19.451 1.00 27.78 ? 53  ASP A OD1 1 
ATOM   402  O OD2 . ASP A 1 52  ? -0.857  3.613   -18.403 1.00 25.50 ? 53  ASP A OD2 1 
ATOM   403  N N   . THR A 1 53  ? 3.181   1.880   -14.960 1.00 26.16 ? 54  THR A N   1 
ATOM   404  C CA  . THR A 1 53  ? 4.085   2.056   -13.832 1.00 25.37 ? 54  THR A CA  1 
ATOM   405  C C   . THR A 1 53  ? 5.440   1.366   -14.070 1.00 23.71 ? 54  THR A C   1 
ATOM   406  O O   . THR A 1 53  ? 6.488   1.921   -13.744 1.00 20.61 ? 54  THR A O   1 
ATOM   407  C CB  . THR A 1 53  ? 3.416   1.567   -12.534 1.00 23.73 ? 54  THR A CB  1 
ATOM   408  O OG1 . THR A 1 53  ? 2.165   2.245   -12.392 1.00 23.95 ? 54  THR A OG1 1 
ATOM   409  C CG2 . THR A 1 53  ? 4.263   1.856   -11.338 1.00 20.70 ? 54  THR A CG2 1 
ATOM   410  N N   . PHE A 1 54  ? 5.423   0.172   -14.665 1.00 24.33 ? 55  PHE A N   1 
ATOM   411  C CA  . PHE A 1 54  ? 6.669   -0.481  -15.099 1.00 26.51 ? 55  PHE A CA  1 
ATOM   412  C C   . PHE A 1 54  ? 7.440   0.449   -16.047 1.00 31.21 ? 55  PHE A C   1 
ATOM   413  O O   . PHE A 1 54  ? 8.669   0.541   -15.969 1.00 35.46 ? 55  PHE A O   1 
ATOM   414  C CB  . PHE A 1 54  ? 6.404   -1.827  -15.778 1.00 25.63 ? 55  PHE A CB  1 
ATOM   415  C CG  . PHE A 1 54  ? 6.237   -2.981  -14.824 1.00 22.97 ? 55  PHE A CG  1 
ATOM   416  C CD1 . PHE A 1 54  ? 7.307   -3.433  -14.059 1.00 24.00 ? 55  PHE A CD1 1 
ATOM   417  C CD2 . PHE A 1 54  ? 5.023   -3.650  -14.719 1.00 24.28 ? 55  PHE A CD2 1 
ATOM   418  C CE1 . PHE A 1 54  ? 7.166   -4.504  -13.184 1.00 22.24 ? 55  PHE A CE1 1 
ATOM   419  C CE2 . PHE A 1 54  ? 4.862   -4.724  -13.849 1.00 23.26 ? 55  PHE A CE2 1 
ATOM   420  C CZ  . PHE A 1 54  ? 5.935   -5.148  -13.068 1.00 26.16 ? 55  PHE A CZ  1 
ATOM   421  N N   . LYS A 1 55  ? 6.708   1.167   -16.909 1.00 33.96 ? 56  LYS A N   1 
ATOM   422  C CA  . LYS A 1 55  ? 7.306   2.074   -17.884 1.00 36.61 ? 56  LYS A CA  1 
ATOM   423  C C   . LYS A 1 55  ? 7.780   3.384   -17.254 1.00 32.00 ? 56  LYS A C   1 
ATOM   424  O O   . LYS A 1 55  ? 8.921   3.764   -17.421 1.00 27.87 ? 56  LYS A O   1 
ATOM   425  C CB  . LYS A 1 55  ? 6.337   2.355   -19.036 1.00 42.32 ? 56  LYS A CB  1 
ATOM   426  C CG  . LYS A 1 55  ? 6.945   3.075   -20.231 1.00 56.74 ? 56  LYS A CG  1 
ATOM   427  C CD  . LYS A 1 55  ? 8.060   2.290   -20.913 1.00 61.46 ? 56  LYS A CD  1 
ATOM   428  C CE  . LYS A 1 55  ? 7.577   0.976   -21.512 1.00 68.09 ? 56  LYS A CE  1 
ATOM   429  N NZ  . LYS A 1 55  ? 6.588   1.173   -22.611 1.00 70.43 ? 56  LYS A NZ  1 
ATOM   430  N N   . SER A 1 56  ? 6.897   4.066   -16.521 1.00 28.72 ? 57  SER A N   1 
ATOM   431  C CA  . SER A 1 56  ? 7.231   5.365   -15.941 1.00 29.48 ? 57  SER A CA  1 
ATOM   432  C C   . SER A 1 56  ? 8.258   5.235   -14.802 1.00 32.22 ? 57  SER A C   1 
ATOM   433  O O   . SER A 1 56  ? 9.038   6.149   -14.546 1.00 30.39 ? 57  SER A O   1 
ATOM   434  C CB  . SER A 1 56  ? 5.972   6.057   -15.431 1.00 27.40 ? 57  SER A CB  1 
ATOM   435  O OG  . SER A 1 56  ? 5.573   5.513   -14.189 1.00 33.61 ? 57  SER A OG  1 
ATOM   436  N N   . LYS A 1 57  ? 8.221   4.095   -14.107 1.00 30.81 ? 58  LYS A N   1 
ATOM   437  C CA  . LYS A 1 57  ? 9.079   3.806   -12.955 1.00 35.00 ? 58  LYS A CA  1 
ATOM   438  C C   . LYS A 1 57  ? 8.849   4.762   -11.782 1.00 36.56 ? 58  LYS A C   1 
ATOM   439  O O   . LYS A 1 57  ? 9.709   4.921   -10.930 1.00 43.57 ? 58  LYS A O   1 
ATOM   440  C CB  . LYS A 1 57  ? 10.563  3.743   -13.353 1.00 34.57 ? 58  LYS A CB  1 
ATOM   441  C CG  . LYS A 1 57  ? 10.852  2.566   -14.264 1.00 36.87 ? 58  LYS A CG  1 
ATOM   442  C CD  . LYS A 1 57  ? 12.299  2.477   -14.703 1.00 40.39 ? 58  LYS A CD  1 
ATOM   443  C CE  . LYS A 1 57  ? 12.424  1.583   -15.931 1.00 47.05 ? 58  LYS A CE  1 
ATOM   444  N NZ  . LYS A 1 57  ? 11.613  0.329   -15.846 1.00 47.29 ? 58  LYS A NZ  1 
ATOM   445  N N   . GLN A 1 58  ? 7.655   5.358   -11.731 1.00 34.86 ? 59  GLN A N   1 
ATOM   446  C CA  . GLN A 1 58  ? 7.234   6.212   -10.627 1.00 43.40 ? 59  GLN A CA  1 
ATOM   447  C C   . GLN A 1 58  ? 5.803   5.854   -10.228 1.00 41.30 ? 59  GLN A C   1 
ATOM   448  O O   . GLN A 1 58  ? 5.298   4.809   -10.628 1.00 52.49 ? 59  GLN A O   1 
ATOM   449  C CB  . GLN A 1 58  ? 7.377   7.677   -11.030 1.00 42.71 ? 59  GLN A CB  1 
ATOM   450  C CG  . GLN A 1 58  ? 6.771   8.044   -12.375 1.00 45.89 ? 59  GLN A CG  1 
ATOM   451  C CD  . GLN A 1 58  ? 7.272   9.406   -12.834 1.00 52.20 ? 59  GLN A CD  1 
ATOM   452  O OE1 . GLN A 1 58  ? 8.433   9.767   -12.580 1.00 40.09 ? 59  GLN A OE1 1 
ATOM   453  N NE2 . GLN A 1 58  ? 6.406   10.170  -13.505 1.00 43.73 ? 59  GLN A NE2 1 
ATOM   454  N N   . THR A 1 59  ? 5.162   6.698   -9.415  1.00 33.94 ? 60  THR A N   1 
ATOM   455  C CA  . THR A 1 59  ? 3.834   6.406   -8.884  1.00 28.30 ? 60  THR A CA  1 
ATOM   456  C C   . THR A 1 59  ? 2.726   6.913   -9.810  1.00 27.52 ? 60  THR A C   1 
ATOM   457  O O   . THR A 1 59  ? 2.772   8.045   -10.252 1.00 24.35 ? 60  THR A O   1 
ATOM   458  C CB  . THR A 1 59  ? 3.699   6.986   -7.470  1.00 25.68 ? 60  THR A CB  1 
ATOM   459  O OG1 . THR A 1 59  ? 4.669   6.349   -6.637  1.00 25.38 ? 60  THR A OG1 1 
ATOM   460  C CG2 . THR A 1 59  ? 2.305   6.730   -6.900  1.00 27.17 ? 60  THR A CG2 1 
ATOM   461  N N   . GLU A 1 60  ? 1.752   6.048   -10.115 1.00 25.76 ? 61  GLU A N   1 
ATOM   462  C CA  . GLU A 1 60  ? 0.552   6.436   -10.867 1.00 29.09 ? 61  GLU A CA  1 
ATOM   463  C C   . GLU A 1 60  ? -0.666  6.301   -9.971  1.00 30.28 ? 61  GLU A C   1 
ATOM   464  O O   . GLU A 1 60  ? -0.737  5.371   -9.167  1.00 27.36 ? 61  GLU A O   1 
ATOM   465  C CB  . GLU A 1 60  ? 0.341   5.562   -12.123 1.00 29.54 ? 61  GLU A CB  1 
ATOM   466  C CG  . GLU A 1 60  ? 1.559   5.405   -13.023 1.00 35.23 ? 61  GLU A CG  1 
ATOM   467  C CD  . GLU A 1 60  ? 1.963   6.691   -13.741 1.00 36.10 ? 61  GLU A CD  1 
ATOM   468  O OE1 . GLU A 1 60  ? 1.114   7.582   -13.928 1.00 37.59 ? 61  GLU A OE1 1 
ATOM   469  O OE2 . GLU A 1 60  ? 3.139   6.815   -14.126 1.00 30.52 ? 61  GLU A OE2 1 
ATOM   470  N N   . MET A 1 61  ? -1.629  7.217   -10.139 1.00 26.85 ? 62  MET A N   1 
ATOM   471  C CA  . MET A 1 61  ? -2.891  7.200   -9.421  1.00 30.17 ? 62  MET A CA  1 
ATOM   472  C C   . MET A 1 61  ? -4.033  7.364   -10.420 1.00 27.19 ? 62  MET A C   1 
ATOM   473  O O   . MET A 1 61  ? -4.036  8.315   -11.171 1.00 22.32 ? 62  MET A O   1 
ATOM   474  C CB  . MET A 1 61  ? -2.962  8.353   -8.428  1.00 31.03 ? 62  MET A CB  1 
ATOM   475  C CG  . MET A 1 61  ? -1.990  8.335   -7.269  1.00 36.13 ? 62  MET A CG  1 
ATOM   476  S SD  . MET A 1 61  ? -2.445  9.629   -6.080  1.00 41.45 ? 62  MET A SD  1 
ATOM   477  C CE  . MET A 1 61  ? -4.023  8.983   -5.496  1.00 34.25 ? 62  MET A CE  1 
ATOM   478  N N   . ARG A 1 62  ? -5.005  6.444   -10.400 1.00 24.81 ? 63  ARG A N   1 
ATOM   479  C CA  . ARG A 1 62  ? -6.182  6.556   -11.261 1.00 26.46 ? 63  ARG A CA  1 
ATOM   480  C C   . ARG A 1 62  ? -7.450  6.122   -10.575 1.00 24.89 ? 63  ARG A C   1 
ATOM   481  O O   . ARG A 1 62  ? -7.420  5.241   -9.711  1.00 24.93 ? 63  ARG A O   1 
ATOM   482  C CB  . ARG A 1 62  ? -5.999  5.735   -12.540 1.00 29.13 ? 63  ARG A CB  1 
ATOM   483  C CG  . ARG A 1 62  ? -4.680  6.037   -13.221 1.00 34.18 ? 63  ARG A CG  1 
ATOM   484  C CD  . ARG A 1 62  ? -4.505  5.359   -14.552 1.00 31.09 ? 63  ARG A CD  1 
ATOM   485  N NE  . ARG A 1 62  ? -3.236  5.808   -15.113 1.00 31.96 ? 63  ARG A NE  1 
ATOM   486  C CZ  . ARG A 1 62  ? -2.530  5.156   -16.037 1.00 33.79 ? 63  ARG A CZ  1 
ATOM   487  N NH1 . ARG A 1 62  ? -2.963  4.018   -16.575 1.00 27.15 ? 63  ARG A NH1 1 
ATOM   488  N NH2 . ARG A 1 62  ? -1.382  5.676   -16.433 1.00 32.26 ? 63  ARG A NH2 1 
ATOM   489  N N   . ASP A 1 63  ? -8.562  6.738   -10.986 1.00 22.06 ? 64  ASP A N   1 
ATOM   490  C CA  . ASP A 1 63  ? -9.885  6.362   -10.525 1.00 24.00 ? 64  ASP A CA  1 
ATOM   491  C C   . ASP A 1 63  ? -10.323 5.160   -11.312 1.00 23.54 ? 64  ASP A C   1 
ATOM   492  O O   . ASP A 1 63  ? -10.114 5.104   -12.523 1.00 22.02 ? 64  ASP A O   1 
ATOM   493  C CB  . ASP A 1 63  ? -10.898 7.487   -10.738 1.00 28.64 ? 64  ASP A CB  1 
ATOM   494  C CG  . ASP A 1 63  ? -10.503 8.785   -10.033 1.00 31.35 ? 64  ASP A CG  1 
ATOM   495  O OD1 . ASP A 1 63  ? -9.725  8.753   -9.038  1.00 25.47 ? 64  ASP A OD1 1 
ATOM   496  O OD2 . ASP A 1 63  ? -11.013 9.832   -10.474 1.00 31.60 ? 64  ASP A OD2 1 
ATOM   497  N N   . LEU A 1 64  ? -10.928 4.192   -10.618 1.00 21.55 ? 65  LEU A N   1 
ATOM   498  C CA  . LEU A 1 64  ? -11.463 2.996   -11.235 1.00 21.38 ? 65  LEU A CA  1 
ATOM   499  C C   . LEU A 1 64  ? -12.815 2.611   -10.650 1.00 22.19 ? 65  LEU A C   1 
ATOM   500  O O   . LEU A 1 64  ? -12.900 2.311   -9.484  1.00 22.74 ? 65  LEU A O   1 
ATOM   501  C CB  . LEU A 1 64  ? -10.475 1.844   -11.022 1.00 22.28 ? 65  LEU A CB  1 
ATOM   502  C CG  . LEU A 1 64  ? -10.771 0.512   -11.696 1.00 24.11 ? 65  LEU A CG  1 
ATOM   503  C CD1 . LEU A 1 64  ? -10.845 0.675   -13.204 1.00 27.35 ? 65  LEU A CD1 1 
ATOM   504  C CD2 . LEU A 1 64  ? -9.707  -0.509  -11.340 1.00 24.13 ? 65  LEU A CD2 1 
ATOM   505  N N   . GLU A 1 65  ? -13.863 2.571   -11.487 1.00 25.78 ? 66  GLU A N   1 
ATOM   506  C CA  . GLU A 1 65  ? -15.165 2.065   -11.072 1.00 27.81 ? 66  GLU A CA  1 
ATOM   507  C C   . GLU A 1 65  ? -15.204 0.556   -11.188 1.00 29.29 ? 66  GLU A C   1 
ATOM   508  O O   . GLU A 1 65  ? -14.894 0.014   -12.241 1.00 30.37 ? 66  GLU A O   1 
ATOM   509  C CB  . GLU A 1 65  ? -16.287 2.668   -11.916 1.00 27.91 ? 66  GLU A CB  1 
ATOM   510  C CG  . GLU A 1 65  ? -17.677 2.336   -11.405 1.00 29.82 ? 66  GLU A CG  1 
ATOM   511  C CD  . GLU A 1 65  ? -18.761 2.967   -12.253 1.00 28.71 ? 66  GLU A CD  1 
ATOM   512  O OE1 . GLU A 1 65  ? -18.948 2.485   -13.373 1.00 30.61 ? 66  GLU A OE1 1 
ATOM   513  O OE2 . GLU A 1 65  ? -19.406 3.950   -11.814 1.00 30.22 ? 66  GLU A OE2 1 
ATOM   514  N N   . MET A 1 66  ? -15.576 -0.116  -10.092 1.00 32.17 ? 67  MET A N   1 
ATOM   515  C CA  . MET A 1 66  ? -15.929 -1.550  -10.103 1.00 31.47 ? 67  MET A CA  1 
ATOM   516  C C   . MET A 1 66  ? -17.242 -1.774  -9.364  1.00 34.63 ? 67  MET A C   1 
ATOM   517  O O   . MET A 1 66  ? -17.428 -1.260  -8.261  1.00 36.86 ? 67  MET A O   1 
ATOM   518  C CB  . MET A 1 66  ? -14.832 -2.401  -9.443  1.00 35.43 ? 67  MET A CB  1 
ATOM   519  C CG  . MET A 1 66  ? -13.498 -2.343  -10.175 1.00 34.08 ? 67  MET A CG  1 
ATOM   520  S SD  . MET A 1 66  ? -12.207 -3.330  -9.407  1.00 35.37 ? 67  MET A SD  1 
ATOM   521  C CE  . MET A 1 66  ? -11.586 -2.229  -8.147  1.00 38.36 ? 67  MET A CE  1 
ATOM   522  N N   . ASN A 1 67  ? -18.148 -2.549  -9.972  1.00 36.22 ? 68  ASN A N   1 
ATOM   523  C CA  . ASN A 1 67  ? -19.532 -2.704  -9.501  1.00 40.66 ? 68  ASN A CA  1 
ATOM   524  C C   . ASN A 1 67  ? -20.154 -1.459  -8.840  1.00 34.24 ? 68  ASN A C   1 
ATOM   525  O O   . ASN A 1 67  ? -20.662 -1.519  -7.730  1.00 34.22 ? 68  ASN A O   1 
ATOM   526  C CB  . ASN A 1 67  ? -19.646 -3.927  -8.586  1.00 47.60 ? 68  ASN A CB  1 
ATOM   527  C CG  . ASN A 1 67  ? -19.514 -5.243  -9.349  1.00 61.01 ? 68  ASN A CG  1 
ATOM   528  O OD1 . ASN A 1 67  ? -19.601 -5.281  -10.581 1.00 58.48 ? 68  ASN A OD1 1 
ATOM   529  N ND2 . ASN A 1 67  ? -19.316 -6.333  -8.614  1.00 66.04 ? 68  ASN A ND2 1 
ATOM   530  N N   . THR A 1 68  ? -20.081 -0.337  -9.563  1.00 28.94 ? 69  THR A N   1 
ATOM   531  C CA  . THR A 1 68  ? -20.628 0.977   -9.192  1.00 37.54 ? 69  THR A CA  1 
ATOM   532  C C   . THR A 1 68  ? -19.878 1.754   -8.094  1.00 35.77 ? 69  THR A C   1 
ATOM   533  O O   . THR A 1 68  ? -20.211 2.907   -7.827  1.00 46.49 ? 69  THR A O   1 
ATOM   534  C CB  . THR A 1 68  ? -22.123 0.941   -8.790  1.00 39.80 ? 69  THR A CB  1 
ATOM   535  O OG1 . THR A 1 68  ? -22.237 0.602   -7.401  1.00 46.10 ? 69  THR A OG1 1 
ATOM   536  C CG2 . THR A 1 68  ? -22.932 -0.039  -9.669  1.00 38.43 ? 69  THR A CG2 1 
ATOM   537  N N   . ARG A 1 69  ? -18.872 1.132   -7.480  1.00 26.78 ? 70  ARG A N   1 
ATOM   538  C CA  . ARG A 1 69  ? -18.116 1.759   -6.416  1.00 29.42 ? 70  ARG A CA  1 
ATOM   539  C C   . ARG A 1 69  ? -16.920 2.495   -7.003  1.00 25.96 ? 70  ARG A C   1 
ATOM   540  O O   . ARG A 1 69  ? -16.396 2.106   -8.031  1.00 30.02 ? 70  ARG A O   1 
ATOM   541  C CB  . ARG A 1 69  ? -17.704 0.721   -5.378  1.00 30.50 ? 70  ARG A CB  1 
ATOM   542  C CG  . ARG A 1 69  ? -18.905 0.086   -4.693  1.00 33.38 ? 70  ARG A CG  1 
ATOM   543  C CD  . ARG A 1 69  ? -18.513 -0.983  -3.672  1.00 34.42 ? 70  ARG A CD  1 
ATOM   544  N NE  . ARG A 1 69  ? -18.000 -0.399  -2.432  1.00 33.77 ? 70  ARG A NE  1 
ATOM   545  C CZ  . ARG A 1 69  ? -18.748 0.118   -1.460  1.00 34.37 ? 70  ARG A CZ  1 
ATOM   546  N NH1 . ARG A 1 69  ? -20.072 0.146   -1.547  1.00 35.86 ? 70  ARG A NH1 1 
ATOM   547  N NH2 . ARG A 1 69  ? -18.156 0.626   -0.388  1.00 39.64 ? 70  ARG A NH2 1 
ATOM   548  N N   . PHE A 1 70  ? -16.499 3.561   -6.321  1.00 25.76 ? 71  PHE A N   1 
ATOM   549  C CA  . PHE A 1 70  ? -15.435 4.445   -6.769  1.00 27.44 ? 71  PHE A CA  1 
ATOM   550  C C   . PHE A 1 70  ? -14.144 4.101   -6.018  1.00 27.67 ? 71  PHE A C   1 
ATOM   551  O O   . PHE A 1 70  ? -14.033 4.326   -4.813  1.00 26.48 ? 71  PHE A O   1 
ATOM   552  C CB  . PHE A 1 70  ? -15.845 5.886   -6.477  1.00 33.12 ? 71  PHE A CB  1 
ATOM   553  C CG  . PHE A 1 70  ? -14.983 6.930   -7.142  1.00 38.42 ? 71  PHE A CG  1 
ATOM   554  C CD1 . PHE A 1 70  ? -13.706 7.209   -6.679  1.00 39.49 ? 71  PHE A CD1 1 
ATOM   555  C CD2 . PHE A 1 70  ? -15.474 7.665   -8.204  1.00 49.22 ? 71  PHE A CD2 1 
ATOM   556  C CE1 . PHE A 1 70  ? -12.922 8.166   -7.299  1.00 43.39 ? 71  PHE A CE1 1 
ATOM   557  C CE2 . PHE A 1 70  ? -14.704 8.638   -8.810  1.00 50.43 ? 71  PHE A CE2 1 
ATOM   558  C CZ  . PHE A 1 70  ? -13.439 8.890   -8.352  1.00 46.41 ? 71  PHE A CZ  1 
ATOM   559  N N   . PHE A 1 71  ? -13.176 3.526   -6.742  1.00 30.98 ? 72  PHE A N   1 
ATOM   560  C CA  . PHE A 1 71  ? -11.868 3.170   -6.199  1.00 26.35 ? 72  PHE A CA  1 
ATOM   561  C C   . PHE A 1 71  ? -10.806 4.116   -6.729  1.00 21.64 ? 72  PHE A C   1 
ATOM   562  O O   . PHE A 1 71  ? -10.880 4.555   -7.857  1.00 24.77 ? 72  PHE A O   1 
ATOM   563  C CB  . PHE A 1 71  ? -11.521 1.738   -6.579  1.00 23.92 ? 72  PHE A CB  1 
ATOM   564  C CG  . PHE A 1 71  ? -12.435 0.720   -5.973  1.00 25.52 ? 72  PHE A CG  1 
ATOM   565  C CD1 . PHE A 1 71  ? -12.180 0.220   -4.705  1.00 24.95 ? 72  PHE A CD1 1 
ATOM   566  C CD2 . PHE A 1 71  ? -13.569 0.282   -6.652  1.00 24.99 ? 72  PHE A CD2 1 
ATOM   567  C CE1 . PHE A 1 71  ? -13.014 -0.734  -4.137  1.00 23.90 ? 72  PHE A CE1 1 
ATOM   568  C CE2 . PHE A 1 71  ? -14.416 -0.654  -6.081  1.00 27.83 ? 72  PHE A CE2 1 
ATOM   569  C CZ  . PHE A 1 71  ? -14.139 -1.163  -4.820  1.00 25.96 ? 72  PHE A CZ  1 
ATOM   570  N N   . VAL A 1 72  ? -9.831  4.437   -5.886  1.00 22.87 ? 73  VAL A N   1 
ATOM   571  C CA  . VAL A 1 72  ? -8.607  5.100   -6.302  1.00 21.22 ? 73  VAL A CA  1 
ATOM   572  C C   . VAL A 1 72  ? -7.521  4.031   -6.179  1.00 20.83 ? 73  VAL A C   1 
ATOM   573  O O   . VAL A 1 72  ? -7.318  3.443   -5.110  1.00 19.56 ? 73  VAL A O   1 
ATOM   574  C CB  . VAL A 1 72  ? -8.274  6.321   -5.443  1.00 22.03 ? 73  VAL A CB  1 
ATOM   575  C CG1 . VAL A 1 72  ? -6.931  6.921   -5.866  1.00 20.55 ? 73  VAL A CG1 1 
ATOM   576  C CG2 . VAL A 1 72  ? -9.387  7.357   -5.544  1.00 22.62 ? 73  VAL A CG2 1 
ATOM   577  N N   . VAL A 1 73  ? -6.855  3.768   -7.302  1.00 20.49 ? 74  VAL A N   1 
ATOM   578  C CA  . VAL A 1 73  ? -5.779  2.815   -7.411  1.00 20.95 ? 74  VAL A CA  1 
ATOM   579  C C   . VAL A 1 73  ? -4.459  3.571   -7.470  1.00 25.00 ? 74  VAL A C   1 
ATOM   580  O O   . VAL A 1 73  ? -4.279  4.425   -8.321  1.00 24.18 ? 74  VAL A O   1 
ATOM   581  C CB  . VAL A 1 73  ? -5.946  2.002   -8.710  1.00 22.51 ? 74  VAL A CB  1 
ATOM   582  C CG1 . VAL A 1 73  ? -4.806  1.004   -8.889  1.00 21.32 ? 74  VAL A CG1 1 
ATOM   583  C CG2 . VAL A 1 73  ? -7.303  1.288   -8.745  1.00 20.88 ? 74  VAL A CG2 1 
ATOM   584  N N   . THR A 1 74  ? -3.533  3.223   -6.569  1.00 22.22 ? 75  THR A N   1 
ATOM   585  C CA  . THR A 1 74  ? -2.154  3.715   -6.616  1.00 21.38 ? 75  THR A CA  1 
ATOM   586  C C   . THR A 1 74  ? -1.206  2.578   -6.936  1.00 18.48 ? 75  THR A C   1 
ATOM   587  O O   . THR A 1 74  ? -1.272  1.517   -6.320  1.00 21.97 ? 75  THR A O   1 
ATOM   588  C CB  . THR A 1 74  ? -1.747  4.357   -5.281  1.00 21.83 ? 75  THR A CB  1 
ATOM   589  O OG1 . THR A 1 74  ? -2.691  5.374   -4.946  1.00 24.60 ? 75  THR A OG1 1 
ATOM   590  C CG2 . THR A 1 74  ? -0.365  4.979   -5.373  1.00 24.15 ? 75  THR A CG2 1 
ATOM   591  N N   . THR A 1 75  ? -0.319  2.807   -7.909  1.00 17.91 ? 76  THR A N   1 
ATOM   592  C CA  . THR A 1 75  ? 0.682   1.834   -8.324  1.00 19.03 ? 76  THR A CA  1 
ATOM   593  C C   . THR A 1 75  ? 2.052   2.486   -8.234  1.00 19.76 ? 76  THR A C   1 
ATOM   594  O O   . THR A 1 75  ? 2.218   3.599   -8.718  1.00 22.47 ? 76  THR A O   1 
ATOM   595  C CB  . THR A 1 75  ? 0.408   1.344   -9.750  1.00 17.45 ? 76  THR A CB  1 
ATOM   596  O OG1 . THR A 1 75  ? 0.260   2.457   -10.631 1.00 22.53 ? 76  THR A OG1 1 
ATOM   597  C CG2 . THR A 1 75  ? -0.869  0.543   -9.786  1.00 19.73 ? 76  THR A CG2 1 
ATOM   598  N N   . SER A 1 76  ? 3.004   1.812   -7.574  1.00 18.22 ? 77  SER A N   1 
ATOM   599  C CA  . SER A 1 76  ? 4.378   2.331   -7.436  1.00 19.45 ? 77  SER A CA  1 
ATOM   600  C C   . SER A 1 76  ? 5.395   1.275   -7.846  1.00 18.61 ? 77  SER A C   1 
ATOM   601  O O   . SER A 1 76  ? 5.240   0.086   -7.541  1.00 19.32 ? 77  SER A O   1 
ATOM   602  C CB  . SER A 1 76  ? 4.683   2.791   -6.012  1.00 18.45 ? 77  SER A CB  1 
ATOM   603  O OG  . SER A 1 76  ? 3.864   3.866   -5.619  1.00 18.69 ? 77  SER A OG  1 
ATOM   604  N N   . TYR A 1 77  ? 6.451   1.732   -8.521  1.00 18.76 ? 78  TYR A N   1 
ATOM   605  C CA  . TYR A 1 77  ? 7.486   0.883   -9.085  1.00 20.88 ? 78  TYR A CA  1 
ATOM   606  C C   . TYR A 1 77  ? 8.518   0.533   -8.041  1.00 22.32 ? 78  TYR A C   1 
ATOM   607  O O   . TYR A 1 77  ? 8.955   1.410   -7.289  1.00 25.29 ? 78  TYR A O   1 
ATOM   608  C CB  . TYR A 1 77  ? 8.183   1.608   -10.248 1.00 22.00 ? 78  TYR A CB  1 
ATOM   609  C CG  . TYR A 1 77  ? 9.308   0.817   -10.866 1.00 22.48 ? 78  TYR A CG  1 
ATOM   610  C CD1 . TYR A 1 77  ? 9.055   -0.320  -11.630 1.00 23.63 ? 78  TYR A CD1 1 
ATOM   611  C CD2 . TYR A 1 77  ? 10.643  1.188   -10.654 1.00 23.06 ? 78  TYR A CD2 1 
ATOM   612  C CE1 . TYR A 1 77  ? 10.090  -1.051  -12.187 1.00 25.58 ? 78  TYR A CE1 1 
ATOM   613  C CE2 . TYR A 1 77  ? 11.684  0.459   -11.199 1.00 23.49 ? 78  TYR A CE2 1 
ATOM   614  C CZ  . TYR A 1 77  ? 11.412  -0.655  -11.965 1.00 26.52 ? 78  TYR A CZ  1 
ATOM   615  O OH  . TYR A 1 77  ? 12.442  -1.383  -12.516 1.00 27.63 ? 78  TYR A OH  1 
ATOM   616  N N   . ILE A 1 78  ? 8.911   -0.748  -8.019  1.00 23.48 ? 79  ILE A N   1 
ATOM   617  C CA  . ILE A 1 78  ? 9.912   -1.299  -7.126  1.00 21.15 ? 79  ILE A CA  1 
ATOM   618  C C   . ILE A 1 78  ? 11.002  -1.923  -7.981  1.00 22.17 ? 79  ILE A C   1 
ATOM   619  O O   . ILE A 1 78  ? 10.744  -2.817  -8.803  1.00 21.71 ? 79  ILE A O   1 
ATOM   620  C CB  . ILE A 1 78  ? 9.327   -2.395  -6.220  1.00 22.60 ? 79  ILE A CB  1 
ATOM   621  C CG1 . ILE A 1 78  ? 7.987   -1.956  -5.604  1.00 22.23 ? 79  ILE A CG1 1 
ATOM   622  C CG2 . ILE A 1 78  ? 10.337  -2.776  -5.138  1.00 21.94 ? 79  ILE A CG2 1 
ATOM   623  C CD1 . ILE A 1 78  ? 8.080   -0.714  -4.756  1.00 21.96 ? 79  ILE A CD1 1 
ATOM   624  N N   . ASP A 1 79  ? 12.240  -1.449  -7.820  1.00 26.67 ? 80  ASP A N   1 
ATOM   625  C CA  . ASP A 1 79  ? 13.315  -1.870  -8.714  1.00 29.39 ? 80  ASP A CA  1 
ATOM   626  C C   . ASP A 1 79  ? 13.654  -3.349  -8.508  1.00 24.87 ? 80  ASP A C   1 
ATOM   627  O O   . ASP A 1 79  ? 13.942  -4.059  -9.459  1.00 23.07 ? 80  ASP A O   1 
ATOM   628  C CB  . ASP A 1 79  ? 14.544  -0.990  -8.572  1.00 33.92 ? 80  ASP A CB  1 
ATOM   629  C CG  . ASP A 1 79  ? 15.526  -1.196  -9.711  1.00 45.72 ? 80  ASP A CG  1 
ATOM   630  O OD1 . ASP A 1 79  ? 15.076  -1.114  -10.873 1.00 50.53 ? 80  ASP A OD1 1 
ATOM   631  O OD2 . ASP A 1 79  ? 16.719  -1.477  -9.451  1.00 49.09 ? 80  ASP A OD2 1 
ATOM   632  N N   . LYS A 1 80  ? 13.615  -3.797  -7.250  1.00 24.42 ? 81  LYS A N   1 
ATOM   633  C CA  . LYS A 1 80  ? 13.778  -5.196  -6.891  1.00 27.16 ? 81  LYS A CA  1 
ATOM   634  C C   . LYS A 1 80  ? 12.712  -5.573  -5.876  1.00 23.77 ? 81  LYS A C   1 
ATOM   635  O O   . LYS A 1 80  ? 12.846  -5.308  -4.681  1.00 26.57 ? 81  LYS A O   1 
ATOM   636  C CB  . LYS A 1 80  ? 15.171  -5.448  -6.326  1.00 31.80 ? 81  LYS A CB  1 
ATOM   637  C CG  . LYS A 1 80  ? 15.430  -6.897  -5.973  1.00 34.07 ? 81  LYS A CG  1 
ATOM   638  C CD  . LYS A 1 80  ? 16.898  -7.098  -5.625  1.00 39.80 ? 81  LYS A CD  1 
ATOM   639  C CE  . LYS A 1 80  ? 17.086  -8.236  -4.638  1.00 40.28 ? 81  LYS A CE  1 
ATOM   640  N NZ  . LYS A 1 80  ? 18.493  -8.254  -4.159  1.00 44.46 ? 81  LYS A NZ  1 
ATOM   641  N N   . ILE A 1 81  ? 11.644  -6.195  -6.373  1.00 22.35 ? 82  ILE A N   1 
ATOM   642  C CA  . ILE A 1 81  ? 10.501  -6.571  -5.568  1.00 21.29 ? 82  ILE A CA  1 
ATOM   643  C C   . ILE A 1 81  ? 10.678  -7.941  -4.887  1.00 23.13 ? 82  ILE A C   1 
ATOM   644  O O   . ILE A 1 81  ? 10.020  -8.230  -3.881  1.00 19.68 ? 82  ILE A O   1 
ATOM   645  C CB  . ILE A 1 81  ? 9.179   -6.469  -6.390  1.00 22.32 ? 82  ILE A CB  1 
ATOM   646  C CG1 . ILE A 1 81  ? 8.006   -6.132  -5.443  1.00 23.11 ? 82  ILE A CG1 1 
ATOM   647  C CG2 . ILE A 1 81  ? 8.944   -7.705  -7.253  1.00 21.97 ? 82  ILE A CG2 1 
ATOM   648  C CD1 . ILE A 1 81  ? 6.603   -6.278  -6.017  1.00 24.59 ? 82  ILE A CD1 1 
ATOM   649  N N   . GLU A 1 82  ? 11.555  -8.784  -5.442  1.00 22.09 ? 83  GLU A N   1 
ATOM   650  C CA  . GLU A 1 82  ? 11.856  -10.087 -4.849  1.00 23.63 ? 83  GLU A CA  1 
ATOM   651  C C   . GLU A 1 82  ? 13.341  -10.369 -4.910  1.00 22.80 ? 83  GLU A C   1 
ATOM   652  O O   . GLU A 1 82  ? 14.066  -9.757  -5.690  1.00 21.84 ? 83  GLU A O   1 
ATOM   653  C CB  . GLU A 1 82  ? 11.055  -11.219 -5.491  1.00 26.46 ? 83  GLU A CB  1 
ATOM   654  C CG  . GLU A 1 82  ? 10.873  -11.105 -6.992  1.00 29.56 ? 83  GLU A CG  1 
ATOM   655  C CD  . GLU A 1 82  ? 10.035  -12.235 -7.540  1.00 31.84 ? 83  GLU A CD  1 
ATOM   656  O OE1 . GLU A 1 82  ? 8.813   -12.226 -7.335  1.00 36.48 ? 83  GLU A OE1 1 
ATOM   657  O OE2 . GLU A 1 82  ? 10.609  -13.146 -8.155  1.00 39.56 ? 83  GLU A OE2 1 
ATOM   658  N N   . GLN A 1 83  ? 13.762  -11.313 -4.069  1.00 21.94 ? 84  GLN A N   1 
ATOM   659  C CA  . GLN A 1 83  ? 15.158  -11.617 -3.798  1.00 19.93 ? 84  GLN A CA  1 
ATOM   660  C C   . GLN A 1 83  ? 15.911  -12.139 -5.013  1.00 22.92 ? 84  GLN A C   1 
ATOM   661  O O   . GLN A 1 83  ? 17.141  -12.017 -5.088  1.00 21.14 ? 84  GLN A O   1 
ATOM   662  C CB  . GLN A 1 83  ? 15.228  -12.621 -2.665  1.00 20.23 ? 84  GLN A CB  1 
ATOM   663  C CG  . GLN A 1 83  ? 14.610  -13.970 -2.966  1.00 21.67 ? 84  GLN A CG  1 
ATOM   664  C CD  . GLN A 1 83  ? 14.986  -14.980 -1.911  1.00 22.11 ? 84  GLN A CD  1 
ATOM   665  O OE1 . GLN A 1 83  ? 14.442  -14.956 -0.809  1.00 25.15 ? 84  GLN A OE1 1 
ATOM   666  N NE2 . GLN A 1 83  ? 15.944  -15.864 -2.230  1.00 19.26 ? 84  GLN A NE2 1 
ATOM   667  N N   . GLY A 1 84  ? 15.170  -12.686 -5.985  1.00 19.51 ? 85  GLY A N   1 
ATOM   668  C CA  . GLY A 1 84  ? 15.743  -13.188 -7.229  1.00 20.59 ? 85  GLY A CA  1 
ATOM   669  C C   . GLY A 1 84  ? 16.139  -12.136 -8.256  1.00 20.16 ? 85  GLY A C   1 
ATOM   670  O O   . GLY A 1 84  ? 16.849  -12.438 -9.212  1.00 20.68 ? 85  GLY A O   1 
ATOM   671  N N   . GLY A 1 85  ? 15.645  -10.905 -8.062  1.00 19.57 ? 86  GLY A N   1 
ATOM   672  C CA  . GLY A 1 85  ? 16.092  -9.734  -8.804  1.00 19.19 ? 86  GLY A CA  1 
ATOM   673  C C   . GLY A 1 85  ? 15.052  -9.064  -9.679  1.00 19.20 ? 86  GLY A C   1 
ATOM   674  O O   . GLY A 1 85  ? 15.345  -8.036  -10.255 1.00 18.21 ? 86  GLY A O   1 
ATOM   675  N N   . LYS A 1 86  ? 13.865  -9.679  -9.797  1.00 19.56 ? 87  LYS A N   1 
ATOM   676  C CA  . LYS A 1 86  ? 12.767  -9.114  -10.560 1.00 20.82 ? 87  LYS A CA  1 
ATOM   677  C C   . LYS A 1 86  ? 12.317  -7.785  -9.980  1.00 21.16 ? 87  LYS A C   1 
ATOM   678  O O   . LYS A 1 86  ? 12.222  -7.624  -8.755  1.00 22.82 ? 87  LYS A O   1 
ATOM   679  C CB  . LYS A 1 86  ? 11.571  -10.080 -10.614 1.00 21.97 ? 87  LYS A CB  1 
ATOM   680  C CG  . LYS A 1 86  ? 11.759  -11.230 -11.584 1.00 19.73 ? 87  LYS A CG  1 
ATOM   681  C CD  . LYS A 1 86  ? 10.622  -12.228 -11.478 1.00 23.04 ? 87  LYS A CD  1 
ATOM   682  C CE  . LYS A 1 86  ? 10.945  -13.461 -12.300 1.00 24.48 ? 87  LYS A CE  1 
ATOM   683  N NZ  . LYS A 1 86  ? 9.861   -14.474 -12.284 1.00 26.17 ? 87  LYS A NZ  1 
ATOM   684  N N   . SER A 1 87  ? 12.045  -6.829  -10.866 1.00 20.16 ? 88  SER A N   1 
ATOM   685  C CA  . SER A 1 87  ? 11.366  -5.587  -10.492 1.00 22.84 ? 88  SER A CA  1 
ATOM   686  C C   . SER A 1 87  ? 9.890   -5.884  -10.344 1.00 24.86 ? 88  SER A C   1 
ATOM   687  O O   . SER A 1 87  ? 9.443   -6.989  -10.618 1.00 25.96 ? 88  SER A O   1 
ATOM   688  C CB  . SER A 1 87  ? 11.571  -4.538  -11.572 1.00 23.55 ? 88  SER A CB  1 
ATOM   689  O OG  . SER A 1 87  ? 10.881  -4.866  -12.767 1.00 24.16 ? 88  SER A OG  1 
ATOM   690  N N   . GLY A 1 88  ? 9.126   -4.885  -9.892  1.00 25.17 ? 89  GLY A N   1 
ATOM   691  C CA  . GLY A 1 88  ? 7.716   -5.063  -9.669  1.00 21.24 ? 89  GLY A CA  1 
ATOM   692  C C   . GLY A 1 88  ? 6.982   -3.774  -9.405  1.00 20.91 ? 89  GLY A C   1 
ATOM   693  O O   . GLY A 1 88  ? 7.560   -2.657  -9.472  1.00 18.48 ? 89  GLY A O   1 
ATOM   694  N N   . VAL A 1 89  ? 5.685   -3.940  -9.131  1.00 19.05 ? 90  VAL A N   1 
ATOM   695  C CA  . VAL A 1 89  ? 4.766   -2.868  -8.835  1.00 19.31 ? 90  VAL A CA  1 
ATOM   696  C C   . VAL A 1 89  ? 3.931   -3.241  -7.627  1.00 20.75 ? 90  VAL A C   1 
ATOM   697  O O   . VAL A 1 89  ? 3.367   -4.355  -7.562  1.00 18.62 ? 90  VAL A O   1 
ATOM   698  C CB  . VAL A 1 89  ? 3.845   -2.587  -10.050 1.00 22.10 ? 90  VAL A CB  1 
ATOM   699  C CG1 . VAL A 1 89  ? 2.694   -1.649  -9.658  1.00 25.09 ? 90  VAL A CG1 1 
ATOM   700  C CG2 . VAL A 1 89  ? 4.671   -1.996  -11.204 1.00 22.53 ? 90  VAL A CG2 1 
ATOM   701  N N   . VAL A 1 90  ? 3.831   -2.299  -6.675  1.00 19.64 ? 91  VAL A N   1 
ATOM   702  C CA  . VAL A 1 90  ? 2.949   -2.451  -5.519  1.00 18.45 ? 91  VAL A CA  1 
ATOM   703  C C   . VAL A 1 90  ? 1.688   -1.645  -5.809  1.00 19.07 ? 91  VAL A C   1 
ATOM   704  O O   . VAL A 1 90  ? 1.768   -0.468  -6.138  1.00 19.42 ? 91  VAL A O   1 
ATOM   705  C CB  . VAL A 1 90  ? 3.646   -2.005  -4.215  1.00 19.83 ? 91  VAL A CB  1 
ATOM   706  C CG1 . VAL A 1 90  ? 2.672   -1.886  -3.060  1.00 18.87 ? 91  VAL A CG1 1 
ATOM   707  C CG2 . VAL A 1 90  ? 4.759   -2.983  -3.861  1.00 21.37 ? 91  VAL A CG2 1 
ATOM   708  N N   . VAL A 1 91  ? 0.535   -2.322  -5.754  1.00 18.85 ? 92  VAL A N   1 
ATOM   709  C CA  . VAL A 1 91  ? -0.776  -1.758  -6.026  1.00 17.34 ? 92  VAL A CA  1 
ATOM   710  C C   . VAL A 1 91  ? -1.497  -1.594  -4.698  1.00 19.73 ? 92  VAL A C   1 
ATOM   711  O O   . VAL A 1 91  ? -1.557  -2.545  -3.907  1.00 21.15 ? 92  VAL A O   1 
ATOM   712  C CB  . VAL A 1 91  ? -1.616  -2.691  -6.900  1.00 18.47 ? 92  VAL A CB  1 
ATOM   713  C CG1 . VAL A 1 91  ? -2.924  -2.034  -7.306  1.00 19.85 ? 92  VAL A CG1 1 
ATOM   714  C CG2 . VAL A 1 91  ? -0.821  -3.144  -8.121  1.00 20.75 ? 92  VAL A CG2 1 
ATOM   715  N N   . THR A 1 92  ? -2.035  -0.393  -4.443  1.00 20.40 ? 93  THR A N   1 
ATOM   716  C CA  . THR A 1 92  ? -2.927  -0.158  -3.296  1.00 21.20 ? 93  THR A CA  1 
ATOM   717  C C   . THR A 1 92  ? -4.215  0.469   -3.781  1.00 22.59 ? 93  THR A C   1 
ATOM   718  O O   . THR A 1 92  ? -4.176  1.453   -4.522  1.00 19.52 ? 93  THR A O   1 
ATOM   719  C CB  . THR A 1 92  ? -2.296  0.732   -2.192  1.00 25.09 ? 93  THR A CB  1 
ATOM   720  O OG1 . THR A 1 92  ? -2.002  2.032   -2.707  1.00 22.87 ? 93  THR A OG1 1 
ATOM   721  C CG2 . THR A 1 92  ? -1.004  0.112   -1.632  1.00 25.25 ? 93  THR A CG2 1 
ATOM   722  N N   . VAL A 1 93  ? -5.343  -0.118  -3.368  1.00 20.04 ? 94  VAL A N   1 
ATOM   723  C CA  . VAL A 1 93  ? -6.692  0.226   -3.826  1.00 23.73 ? 94  VAL A CA  1 
ATOM   724  C C   . VAL A 1 93  ? -7.558  0.701   -2.656  1.00 23.59 ? 94  VAL A C   1 
ATOM   725  O O   . VAL A 1 93  ? -7.831  -0.062  -1.750  1.00 23.90 ? 94  VAL A O   1 
ATOM   726  C CB  . VAL A 1 93  ? -7.386  -0.991  -4.494  1.00 22.99 ? 94  VAL A CB  1 
ATOM   727  C CG1 . VAL A 1 93  ? -8.739  -0.603  -5.106  1.00 25.03 ? 94  VAL A CG1 1 
ATOM   728  C CG2 . VAL A 1 93  ? -6.480  -1.596  -5.558  1.00 25.94 ? 94  VAL A CG2 1 
ATOM   729  N N   . ARG A 1 94  ? -7.987  1.965   -2.718  1.00 28.69 ? 95  ARG A N   1 
ATOM   730  C CA  . ARG A 1 94  ? -8.794  2.628   -1.698  1.00 28.21 ? 95  ARG A CA  1 
ATOM   731  C C   . ARG A 1 94  ? -10.234 2.842   -2.188  1.00 25.57 ? 95  ARG A C   1 
ATOM   732  O O   . ARG A 1 94  ? -10.459 3.406   -3.258  1.00 25.82 ? 95  ARG A O   1 
ATOM   733  C CB  . ARG A 1 94  ? -8.177  3.994   -1.403  1.00 33.81 ? 95  ARG A CB  1 
ATOM   734  C CG  . ARG A 1 94  ? -8.846  4.755   -0.269  1.00 37.86 ? 95  ARG A CG  1 
ATOM   735  C CD  . ARG A 1 94  ? -7.968  5.896   0.176   1.00 44.73 ? 95  ARG A CD  1 
ATOM   736  N NE  . ARG A 1 94  ? -8.562  6.630   1.285   1.00 54.21 ? 95  ARG A NE  1 
ATOM   737  C CZ  . ARG A 1 94  ? -8.496  7.952   1.452   1.00 58.77 ? 95  ARG A CZ  1 
ATOM   738  N NH1 . ARG A 1 94  ? -7.870  8.735   0.577   1.00 64.60 ? 95  ARG A NH1 1 
ATOM   739  N NH2 . ARG A 1 94  ? -9.079  8.506   2.506   1.00 59.61 ? 95  ARG A NH2 1 
ATOM   740  N N   . ASP A 1 95  ? -11.197 2.361   -1.400  1.00 30.44 ? 96  ASP A N   1 
ATOM   741  C CA  . ASP A 1 95  ? -12.621 2.470   -1.699  1.00 28.99 ? 96  ASP A CA  1 
ATOM   742  C C   . ASP A 1 95  ? -13.140 3.832   -1.231  1.00 29.39 ? 96  ASP A C   1 
ATOM   743  O O   . ASP A 1 95  ? -13.297 4.056   -0.011  1.00 23.62 ? 96  ASP A O   1 
ATOM   744  C CB  . ASP A 1 95  ? -13.378 1.341   -0.987  1.00 28.40 ? 96  ASP A CB  1 
ATOM   745  C CG  . ASP A 1 95  ? -14.840 1.273   -1.386  1.00 30.93 ? 96  ASP A CG  1 
ATOM   746  O OD1 . ASP A 1 95  ? -15.376 2.266   -1.917  1.00 32.90 ? 96  ASP A OD1 1 
ATOM   747  O OD2 . ASP A 1 95  ? -15.452 0.214   -1.179  1.00 25.80 ? 96  ASP A OD2 1 
ATOM   748  N N   . MET A 1 96  ? -13.407 4.733   -2.189  1.00 27.05 ? 97  MET A N   1 
ATOM   749  C CA  . MET A 1 96  ? -13.859 6.095   -1.884  1.00 29.08 ? 97  MET A CA  1 
ATOM   750  C C   . MET A 1 96  ? -15.370 6.149   -1.648  1.00 27.47 ? 97  MET A C   1 
ATOM   751  O O   . MET A 1 96  ? -15.864 7.047   -0.980  1.00 33.60 ? 97  MET A O   1 
ATOM   752  C CB  . MET A 1 96  ? -13.460 7.072   -2.988  1.00 31.31 ? 97  MET A CB  1 
ATOM   753  C CG  . MET A 1 96  ? -11.954 7.291   -3.138  1.00 34.89 ? 97  MET A CG  1 
ATOM   754  S SD  . MET A 1 96  ? -11.127 7.953   -1.669  1.00 36.78 ? 97  MET A SD  1 
ATOM   755  C CE  . MET A 1 96  ? -12.041 9.483   -1.395  1.00 36.47 ? 97  MET A CE  1 
ATOM   756  N N   . THR A 1 97  ? -16.098 5.155   -2.165  1.00 23.63 ? 98  THR A N   1 
ATOM   757  C CA  . THR A 1 97  ? -17.516 5.021   -1.853  1.00 25.76 ? 98  THR A CA  1 
ATOM   758  C C   . THR A 1 97  ? -17.642 4.798   -0.342  1.00 28.60 ? 98  THR A C   1 
ATOM   759  O O   . THR A 1 97  ? -18.436 5.445   0.320   1.00 26.03 ? 98  THR A O   1 
ATOM   760  C CB  . THR A 1 97  ? -18.172 3.890   -2.653  1.00 25.41 ? 98  THR A CB  1 
ATOM   761  O OG1 . THR A 1 97  ? -18.018 4.166   -4.054  1.00 23.81 ? 98  THR A OG1 1 
ATOM   762  C CG2 . THR A 1 97  ? -19.648 3.781   -2.328  1.00 28.18 ? 98  THR A CG2 1 
ATOM   763  N N   . ASN A 1 98  ? -16.797 3.915   0.201   1.00 27.52 ? 99  ASN A N   1 
ATOM   764  C CA  . ASN A 1 98  ? -16.746 3.663   1.636   1.00 28.64 ? 99  ASN A CA  1 
ATOM   765  C C   . ASN A 1 98  ? -16.302 4.872   2.438   1.00 29.07 ? 99  ASN A C   1 
ATOM   766  O O   . ASN A 1 98  ? -16.736 5.046   3.557   1.00 33.46 ? 99  ASN A O   1 
ATOM   767  C CB  . ASN A 1 98  ? -15.804 2.505   1.950   1.00 31.06 ? 99  ASN A CB  1 
ATOM   768  C CG  . ASN A 1 98  ? -15.843 2.119   3.408   1.00 31.44 ? 99  ASN A CG  1 
ATOM   769  O OD1 . ASN A 1 98  ? -16.885 1.728   3.914   1.00 38.67 ? 99  ASN A OD1 1 
ATOM   770  N ND2 . ASN A 1 98  ? -14.712 2.238   4.093   1.00 32.25 ? 99  ASN A ND2 1 
ATOM   771  N N   . GLU A 1 99  ? -15.407 5.686   1.868   1.00 32.52 ? 100 GLU A N   1 
ATOM   772  C CA  . GLU A 1 99  ? -14.978 6.933   2.491   1.00 34.41 ? 100 GLU A CA  1 
ATOM   773  C C   . GLU A 1 99  ? -16.143 7.910   2.644   1.00 36.15 ? 100 GLU A C   1 
ATOM   774  O O   . GLU A 1 99  ? -16.271 8.559   3.677   1.00 31.36 ? 100 GLU A O   1 
ATOM   775  C CB  . GLU A 1 99  ? -13.885 7.604   1.658   1.00 40.93 ? 100 GLU A CB  1 
ATOM   776  C CG  . GLU A 1 99  ? -12.549 6.897   1.708   1.00 48.50 ? 100 GLU A CG  1 
ATOM   777  C CD  . GLU A 1 99  ? -11.913 6.966   3.074   1.00 49.61 ? 100 GLU A CD  1 
ATOM   778  O OE1 . GLU A 1 99  ? -11.770 8.093   3.597   1.00 50.85 ? 100 GLU A OE1 1 
ATOM   779  O OE2 . GLU A 1 99  ? -11.558 5.897   3.611   1.00 53.09 ? 100 GLU A OE2 1 
ATOM   780  N N   . HIS A 1 100 ? -16.968 8.022   1.593   1.00 30.68 ? 101 HIS A N   1 
ATOM   781  C CA  . HIS A 1 100 ? -18.134 8.907   1.587   1.00 33.57 ? 101 HIS A CA  1 
ATOM   782  C C   . HIS A 1 100 ? -19.265 8.407   2.504   1.00 31.26 ? 101 HIS A C   1 
ATOM   783  O O   . HIS A 1 100 ? -19.247 7.269   2.938   1.00 28.31 ? 101 HIS A O   1 
ATOM   784  C CB  . HIS A 1 100 ? -18.667 9.085   0.162   1.00 31.50 ? 101 HIS A CB  1 
ATOM   785  C CG  . HIS A 1 100 ? -17.961 10.152  -0.613  1.00 34.83 ? 101 HIS A CG  1 
ATOM   786  N ND1 . HIS A 1 100 ? -16.777 9.922   -1.282  1.00 34.81 ? 101 HIS A ND1 1 
ATOM   787  C CD2 . HIS A 1 100 ? -18.270 11.453  -0.830  1.00 30.76 ? 101 HIS A CD2 1 
ATOM   788  C CE1 . HIS A 1 100 ? -16.394 11.031  -1.884  1.00 30.41 ? 101 HIS A CE1 1 
ATOM   789  N NE2 . HIS A 1 100 ? -17.282 11.975  -1.627  1.00 33.32 ? 101 HIS A NE2 1 
ATOM   790  N N   . ASN A 1 101 ? -20.246 9.284   2.756   1.00 35.46 ? 102 ASN A N   1 
ATOM   791  C CA  . ASN A 1 101 ? -21.407 9.017   3.612   1.00 42.46 ? 102 ASN A CA  1 
ATOM   792  C C   . ASN A 1 101 ? -22.748 8.963   2.876   1.00 38.29 ? 102 ASN A C   1 
ATOM   793  O O   . ASN A 1 101 ? -23.794 9.117   3.506   1.00 37.89 ? 102 ASN A O   1 
ATOM   794  C CB  . ASN A 1 101 ? -21.538 10.131  4.660   1.00 42.45 ? 102 ASN A CB  1 
ATOM   795  C CG  . ASN A 1 101 ? -20.516 10.037  5.769   1.00 46.88 ? 102 ASN A CG  1 
ATOM   796  O OD1 . ASN A 1 101 ? -19.745 9.068   5.875   1.00 38.09 ? 102 ASN A OD1 1 
ATOM   797  N ND2 . ASN A 1 101 ? -20.513 11.056  6.623   1.00 46.64 ? 102 ASN A ND2 1 
ATOM   798  N N   . LEU A 1 102 ? -22.722 8.750   1.554   1.00 37.49 ? 103 LEU A N   1 
ATOM   799  C CA  . LEU A 1 102 ? -23.947 8.775   0.743   1.00 44.10 ? 103 LEU A CA  1 
ATOM   800  C C   . LEU A 1 102 ? -24.867 7.555   0.956   1.00 48.52 ? 103 LEU A C   1 
ATOM   801  O O   . LEU A 1 102 ? -26.053 7.610   0.619   1.00 54.19 ? 103 LEU A O   1 
ATOM   802  C CB  . LEU A 1 102 ? -23.616 8.933   -0.748  1.00 43.26 ? 103 LEU A CB  1 
ATOM   803  C CG  . LEU A 1 102 ? -22.881 10.225  -1.130  1.00 47.08 ? 103 LEU A CG  1 
ATOM   804  C CD1 . LEU A 1 102 ? -22.456 10.203  -2.597  1.00 48.27 ? 103 LEU A CD1 1 
ATOM   805  C CD2 . LEU A 1 102 ? -23.738 11.448  -0.837  1.00 51.09 ? 103 LEU A CD2 1 
ATOM   806  N N   . ASP A 1 103 ? -24.315 6.467   1.508   1.00 45.74 ? 104 ASP A N   1 
ATOM   807  C CA  . ASP A 1 103 ? -25.079 5.252   1.822   1.00 51.98 ? 104 ASP A CA  1 
ATOM   808  C C   . ASP A 1 103 ? -25.831 5.326   3.169   1.00 52.43 ? 104 ASP A C   1 
ATOM   809  O O   . ASP A 1 103 ? -26.559 4.392   3.522   1.00 59.94 ? 104 ASP A O   1 
ATOM   810  C CB  . ASP A 1 103 ? -24.165 4.017   1.787   1.00 50.95 ? 104 ASP A CB  1 
ATOM   811  C CG  . ASP A 1 103 ? -23.047 4.075   2.840   1.00 61.63 ? 104 ASP A CG  1 
ATOM   812  O OD1 . ASP A 1 103 ? -22.609 5.202   3.195   1.00 44.13 ? 104 ASP A OD1 1 
ATOM   813  O OD2 . ASP A 1 103 ? -22.613 2.993   3.307   1.00 70.16 ? 104 ASP A OD2 1 
ATOM   814  N N   . GLN A 1 104 ? -25.635 6.423   3.917   1.00 54.01 ? 105 GLN A N   1 
ATOM   815  C CA  . GLN A 1 104 ? -26.406 6.705   5.137   1.00 59.68 ? 105 GLN A CA  1 
ATOM   816  C C   . GLN A 1 104 ? -27.840 7.105   4.772   1.00 58.56 ? 105 GLN A C   1 
ATOM   817  O O   . GLN A 1 104 ? -28.820 6.689   5.408   1.00 48.41 ? 105 GLN A O   1 
ATOM   818  C CB  . GLN A 1 104 ? -25.747 7.816   5.972   1.00 57.90 ? 105 GLN A CB  1 
ATOM   819  C CG  . GLN A 1 104 ? -24.530 7.366   6.769   1.00 63.18 ? 105 GLN A CG  1 
ATOM   820  C CD  . GLN A 1 104 ? -23.625 8.518   7.207   1.00 70.59 ? 105 GLN A CD  1 
ATOM   821  O OE1 . GLN A 1 104 ? -24.012 9.691   7.167   1.00 66.70 ? 105 GLN A OE1 1 
ATOM   822  N NE2 . GLN A 1 104 ? -22.408 8.183   7.625   1.00 53.03 ? 105 GLN A NE2 1 
ATOM   823  O OXT . GLN A 1 104 ? -28.045 7.860   3.815   1.00 59.26 ? 105 GLN A OXT 1 
ATOM   824  N N   . ILE B 1 8   ? 12.904  9.893   -8.087  1.00 62.29 ? 9   ILE B N   1 
ATOM   825  C CA  . ILE B 1 8   ? 12.574  10.347  -6.700  1.00 64.65 ? 9   ILE B CA  1 
ATOM   826  C C   . ILE B 1 8   ? 12.066  11.798  -6.700  1.00 73.56 ? 9   ILE B C   1 
ATOM   827  O O   . ILE B 1 8   ? 12.808  12.728  -7.023  1.00 81.98 ? 9   ILE B O   1 
ATOM   828  C CB  . ILE B 1 8   ? 13.787  10.218  -5.750  1.00 63.47 ? 9   ILE B CB  1 
ATOM   829  C CG1 . ILE B 1 8   ? 14.297  8.776   -5.699  1.00 61.10 ? 9   ILE B CG1 1 
ATOM   830  C CG2 . ILE B 1 8   ? 13.417  10.675  -4.349  1.00 71.48 ? 9   ILE B CG2 1 
ATOM   831  C CD1 . ILE B 1 8   ? 15.628  8.623   -4.986  1.00 57.65 ? 9   ILE B CD1 1 
ATOM   832  N N   . ASN B 1 9   ? 10.791  11.963  -6.331  1.00 73.87 ? 10  ASN B N   1 
ATOM   833  C CA  . ASN B 1 9   ? 10.091  13.245  -6.239  1.00 70.75 ? 10  ASN B CA  1 
ATOM   834  C C   . ASN B 1 9   ? 9.042   13.158  -5.132  1.00 73.72 ? 10  ASN B C   1 
ATOM   835  O O   . ASN B 1 9   ? 8.692   12.064  -4.678  1.00 68.80 ? 10  ASN B O   1 
ATOM   836  C CB  . ASN B 1 9   ? 9.360   13.562  -7.550  1.00 74.78 ? 10  ASN B CB  1 
ATOM   837  C CG  . ASN B 1 9   ? 10.302  13.751  -8.720  1.00 80.25 ? 10  ASN B CG  1 
ATOM   838  O OD1 . ASN B 1 9   ? 11.098  14.685  -8.738  1.00 88.85 ? 10  ASN B OD1 1 
ATOM   839  N ND2 . ASN B 1 9   ? 10.206  12.869  -9.709  1.00 81.05 ? 10  ASN B ND2 1 
ATOM   840  N N   . SER B 1 10  ? 8.482   14.311  -4.751  1.00 65.90 ? 11  SER B N   1 
ATOM   841  C CA  . SER B 1 10  ? 7.352   14.342  -3.818  1.00 71.21 ? 11  SER B CA  1 
ATOM   842  C C   . SER B 1 10  ? 6.080   13.733  -4.426  1.00 66.03 ? 11  SER B C   1 
ATOM   843  O O   . SER B 1 10  ? 5.083   13.620  -3.737  1.00 59.93 ? 11  SER B O   1 
ATOM   844  C CB  . SER B 1 10  ? 7.077   15.761  -3.293  1.00 72.00 ? 11  SER B CB  1 
ATOM   845  O OG  . SER B 1 10  ? 6.571   16.623  -4.301  1.00 77.41 ? 11  SER B OG  1 
ATOM   846  N N   . MET B 1 11  ? 6.145   13.353  -5.711  1.00 67.74 ? 12  MET B N   1 
ATOM   847  C CA  . MET B 1 11  ? 5.074   12.679  -6.438  1.00 58.54 ? 12  MET B CA  1 
ATOM   848  C C   . MET B 1 11  ? 5.239   11.151  -6.502  1.00 51.26 ? 12  MET B C   1 
ATOM   849  O O   . MET B 1 11  ? 4.314   10.432  -6.878  1.00 48.95 ? 12  MET B O   1 
ATOM   850  C CB  . MET B 1 11  ? 5.016   13.235  -7.855  1.00 62.44 ? 12  MET B CB  1 
ATOM   851  C CG  . MET B 1 11  ? 4.711   14.727  -7.950  1.00 70.35 ? 12  MET B CG  1 
ATOM   852  S SD  . MET B 1 11  ? 2.974   15.142  -7.662  1.00 82.53 ? 12  MET B SD  1 
ATOM   853  C CE  . MET B 1 11  ? 2.924   15.374  -5.885  1.00 75.78 ? 12  MET B CE  1 
ATOM   854  N N   . VAL B 1 12  ? 6.430   10.677  -6.133  1.00 39.99 ? 13  VAL B N   1 
ATOM   855  C CA  . VAL B 1 12  ? 6.721   9.263   -5.943  1.00 30.96 ? 13  VAL B CA  1 
ATOM   856  C C   . VAL B 1 12  ? 6.421   8.960   -4.487  1.00 28.78 ? 13  VAL B C   1 
ATOM   857  O O   . VAL B 1 12  ? 6.841   9.705   -3.607  1.00 25.06 ? 13  VAL B O   1 
ATOM   858  C CB  . VAL B 1 12  ? 8.211   8.969   -6.237  1.00 28.43 ? 13  VAL B CB  1 
ATOM   859  C CG1 . VAL B 1 12  ? 8.501   7.470   -6.208  1.00 28.08 ? 13  VAL B CG1 1 
ATOM   860  C CG2 . VAL B 1 12  ? 8.596   9.535   -7.592  1.00 33.29 ? 13  VAL B CG2 1 
ATOM   861  N N   . GLU B 1 13  ? 5.699   7.863   -4.228  1.00 22.98 ? 14  GLU B N   1 
ATOM   862  C CA  . GLU B 1 13  ? 5.494   7.386   -2.860  1.00 21.45 ? 14  GLU B CA  1 
ATOM   863  C C   . GLU B 1 13  ? 6.639   6.481   -2.443  1.00 20.52 ? 14  GLU B C   1 
ATOM   864  O O   . GLU B 1 13  ? 7.213   5.754   -3.264  1.00 23.87 ? 14  GLU B O   1 
ATOM   865  C CB  . GLU B 1 13  ? 4.170   6.632   -2.726  1.00 23.71 ? 14  GLU B CB  1 
ATOM   866  C CG  . GLU B 1 13  ? 2.955   7.539   -2.830  1.00 24.39 ? 14  GLU B CG  1 
ATOM   867  C CD  . GLU B 1 13  ? 1.646   6.875   -2.451  1.00 26.14 ? 14  GLU B CD  1 
ATOM   868  O OE1 . GLU B 1 13  ? 1.591   5.642   -2.228  1.00 22.59 ? 14  GLU B OE1 1 
ATOM   869  O OE2 . GLU B 1 13  ? 0.653   7.617   -2.395  1.00 22.77 ? 14  GLU B OE2 1 
ATOM   870  N N   . GLY B 1 14  ? 6.962   6.511   -1.148  1.00 20.78 ? 15  GLY B N   1 
ATOM   871  C CA  . GLY B 1 14  ? 7.880   5.542   -0.560  1.00 20.98 ? 15  GLY B CA  1 
ATOM   872  C C   . GLY B 1 14  ? 7.109   4.272   -0.277  1.00 18.94 ? 15  GLY B C   1 
ATOM   873  O O   . GLY B 1 14  ? 5.991   4.356   0.210   1.00 23.36 ? 15  GLY B O   1 
ATOM   874  N N   . VAL B 1 15  ? 7.678   3.113   -0.633  1.00 17.36 ? 16  VAL B N   1 
ATOM   875  C CA  . VAL B 1 15  ? 7.066   1.807   -0.370  1.00 18.61 ? 16  VAL B CA  1 
ATOM   876  C C   . VAL B 1 15  ? 8.042   0.885   0.333   1.00 19.51 ? 16  VAL B C   1 
ATOM   877  O O   . VAL B 1 15  ? 9.159   0.759   -0.095  1.00 22.35 ? 16  VAL B O   1 
ATOM   878  C CB  . VAL B 1 15  ? 6.614   1.117   -1.672  1.00 20.29 ? 16  VAL B CB  1 
ATOM   879  C CG1 . VAL B 1 15  ? 5.892   -0.206  -1.370  1.00 21.58 ? 16  VAL B CG1 1 
ATOM   880  C CG2 . VAL B 1 15  ? 5.721   2.049   -2.463  1.00 20.65 ? 16  VAL B CG2 1 
ATOM   881  N N   . LEU B 1 16  ? 7.584   0.244   1.416   1.00 26.37 ? 17  LEU B N   1 
ATOM   882  C CA  . LEU B 1 16  ? 8.307   -0.822  2.125   1.00 23.95 ? 17  LEU B CA  1 
ATOM   883  C C   . LEU B 1 16  ? 7.377   -2.011  2.315   1.00 22.90 ? 17  LEU B C   1 
ATOM   884  O O   . LEU B 1 16  ? 6.208   -1.818  2.610   1.00 18.49 ? 17  LEU B O   1 
ATOM   885  C CB  . LEU B 1 16  ? 8.705   -0.358  3.532   1.00 24.93 ? 17  LEU B CB  1 
ATOM   886  C CG  . LEU B 1 16  ? 9.763   0.730   3.651   1.00 28.80 ? 17  LEU B CG  1 
ATOM   887  C CD1 . LEU B 1 16  ? 9.963   1.102   5.107   1.00 32.12 ? 17  LEU B CD1 1 
ATOM   888  C CD2 . LEU B 1 16  ? 11.075  0.261   3.045   1.00 27.76 ? 17  LEU B CD2 1 
ATOM   889  N N   . GLY B 1 17  ? 7.920   -3.223  2.171   1.00 24.42 ? 18  GLY B N   1 
ATOM   890  C CA  . GLY B 1 17  ? 7.265   -4.453  2.576   1.00 26.56 ? 18  GLY B CA  1 
ATOM   891  C C   . GLY B 1 17  ? 8.040   -5.029  3.755   1.00 24.29 ? 18  GLY B C   1 
ATOM   892  O O   . GLY B 1 17  ? 9.259   -5.097  3.717   1.00 30.63 ? 18  GLY B O   1 
ATOM   893  N N   . ILE B 1 18  ? 7.321   -5.411  4.815   1.00 22.29 ? 19  ILE B N   1 
ATOM   894  C CA  . ILE B 1 18  ? 7.908   -5.915  6.062   1.00 24.88 ? 19  ILE B CA  1 
ATOM   895  C C   . ILE B 1 18  ? 7.197   -7.223  6.451   1.00 23.76 ? 19  ILE B C   1 
ATOM   896  O O   . ILE B 1 18  ? 5.971   -7.268  6.461   1.00 22.88 ? 19  ILE B O   1 
ATOM   897  C CB  . ILE B 1 18  ? 7.792   -4.842  7.161   1.00 26.48 ? 19  ILE B CB  1 
ATOM   898  C CG1 . ILE B 1 18  ? 8.594   -3.602  6.741   1.00 30.70 ? 19  ILE B CG1 1 
ATOM   899  C CG2 . ILE B 1 18  ? 8.267   -5.360  8.503   1.00 26.48 ? 19  ILE B CG2 1 
ATOM   900  C CD1 . ILE B 1 18  ? 8.474   -2.413  7.663   1.00 29.87 ? 19  ILE B CD1 1 
ATOM   901  N N   . ASN B 1 19  ? 7.967   -8.289  6.711   1.00 21.90 ? 20  ASN B N   1 
ATOM   902  C CA  . ASN B 1 19  ? 7.396   -9.585  7.109   1.00 23.73 ? 20  ASN B CA  1 
ATOM   903  C C   . ASN B 1 19  ? 7.242   -9.701  8.629   1.00 24.31 ? 20  ASN B C   1 
ATOM   904  O O   . ASN B 1 19  ? 7.689   -8.798  9.349   1.00 23.22 ? 20  ASN B O   1 
ATOM   905  C CB  . ASN B 1 19  ? 8.205   -10.764 6.545   1.00 29.27 ? 20  ASN B CB  1 
ATOM   906  C CG  . ASN B 1 19  ? 9.612   -10.864 7.124   1.00 26.82 ? 20  ASN B CG  1 
ATOM   907  O OD1 . ASN B 1 19  ? 9.924   -10.305 8.175   1.00 31.47 ? 20  ASN B OD1 1 
ATOM   908  N ND2 . ASN B 1 19  ? 10.469  -11.590 6.417   1.00 23.48 ? 20  ASN B ND2 1 
ATOM   909  N N   . GLU B 1 20  ? 6.596   -10.788 9.092   1.00 24.85 ? 21  GLU B N   1 
ATOM   910  C CA  . GLU B 1 20  ? 6.425   -11.107 10.538  1.00 30.05 ? 21  GLU B CA  1 
ATOM   911  C C   . GLU B 1 20  ? 7.692   -10.953 11.387  1.00 29.92 ? 21  GLU B C   1 
ATOM   912  O O   . GLU B 1 20  ? 7.589   -10.666 12.580  1.00 31.46 ? 21  GLU B O   1 
ATOM   913  C CB  . GLU B 1 20  ? 5.974   -12.557 10.816  1.00 35.30 ? 21  GLU B CB  1 
ATOM   914  C CG  . GLU B 1 20  ? 5.258   -13.321 9.736   1.00 42.93 ? 21  GLU B CG  1 
ATOM   915  C CD  . GLU B 1 20  ? 6.203   -14.003 8.754   1.00 43.02 ? 21  GLU B CD  1 
ATOM   916  O OE1 . GLU B 1 20  ? 7.088   -14.758 9.195   1.00 43.71 ? 21  GLU B OE1 1 
ATOM   917  O OE2 . GLU B 1 20  ? 6.064   -13.791 7.535   1.00 50.25 ? 21  GLU B OE2 1 
ATOM   918  N N   . SER B 1 21  ? 8.862   -11.219 10.794  1.00 26.71 ? 22  SER B N   1 
ATOM   919  C CA  . SER B 1 21  ? 10.157  -11.079 11.473  1.00 28.70 ? 22  SER B CA  1 
ATOM   920  C C   . SER B 1 21  ? 10.683  -9.638  11.529  1.00 28.53 ? 22  SER B C   1 
ATOM   921  O O   . SER B 1 21  ? 11.804  -9.413  11.993  1.00 32.73 ? 22  SER B O   1 
ATOM   922  C CB  . SER B 1 21  ? 11.211  -11.940 10.765  1.00 33.72 ? 22  SER B CB  1 
ATOM   923  O OG  . SER B 1 21  ? 10.725  -13.249 10.549  1.00 33.39 ? 22  SER B OG  1 
ATOM   924  N N   . ARG B 1 22  ? 9.886   -8.684  11.022  1.00 27.79 ? 23  ARG B N   1 
ATOM   925  C CA  . ARG B 1 22  ? 10.211  -7.256  10.976  1.00 28.36 ? 23  ARG B CA  1 
ATOM   926  C C   . ARG B 1 22  ? 11.389  -6.939  10.036  1.00 30.07 ? 23  ARG B C   1 
ATOM   927  O O   . ARG B 1 22  ? 11.992  -5.867  10.118  1.00 30.72 ? 23  ARG B O   1 
ATOM   928  C CB  . ARG B 1 22  ? 10.475  -6.697  12.385  1.00 30.06 ? 23  ARG B CB  1 
ATOM   929  C CG  . ARG B 1 22  ? 9.561   -7.231  13.480  1.00 32.67 ? 23  ARG B CG  1 
ATOM   930  C CD  . ARG B 1 22  ? 8.104   -7.304  13.024  1.00 33.74 ? 23  ARG B CD  1 
ATOM   931  N NE  . ARG B 1 22  ? 7.097   -7.109  14.086  1.00 35.62 ? 23  ARG B NE  1 
ATOM   932  C CZ  . ARG B 1 22  ? 6.066   -7.927  14.323  1.00 39.38 ? 23  ARG B CZ  1 
ATOM   933  N NH1 . ARG B 1 22  ? 5.880   -9.028  13.607  1.00 42.97 ? 23  ARG B NH1 1 
ATOM   934  N NH2 . ARG B 1 22  ? 5.202   -7.648  15.282  1.00 39.92 ? 23  ARG B NH2 1 
ATOM   935  N N   . GLN B 1 23  ? 11.675  -7.873  9.121   1.00 30.35 ? 24  GLN B N   1 
ATOM   936  C CA  . GLN B 1 23  ? 12.641  -7.711  8.048   1.00 28.70 ? 24  GLN B CA  1 
ATOM   937  C C   . GLN B 1 23  ? 11.968  -6.990  6.874   1.00 25.65 ? 24  GLN B C   1 
ATOM   938  O O   . GLN B 1 23  ? 10.829  -7.288  6.507   1.00 21.80 ? 24  GLN B O   1 
ATOM   939  C CB  . GLN B 1 23  ? 13.103  -9.076  7.535   1.00 32.46 ? 24  GLN B CB  1 
ATOM   940  C CG  . GLN B 1 23  ? 13.803  -9.986  8.529   1.00 42.87 ? 24  GLN B CG  1 
ATOM   941  C CD  . GLN B 1 23  ? 14.021  -11.397 7.973   1.00 48.57 ? 24  GLN B CD  1 
ATOM   942  O OE1 . GLN B 1 23  ? 13.056  -12.127 7.674   1.00 44.66 ? 24  GLN B OE1 1 
ATOM   943  N NE2 . GLN B 1 23  ? 15.291  -11.790 7.820   1.00 50.84 ? 24  GLN B NE2 1 
ATOM   944  N N   . ILE B 1 24  ? 12.696  -6.048  6.271   1.00 26.67 ? 25  ILE B N   1 
ATOM   945  C CA  . ILE B 1 24  ? 12.287  -5.405  5.042   1.00 26.79 ? 25  ILE B CA  1 
ATOM   946  C C   . ILE B 1 24  ? 12.570  -6.370  3.897   1.00 25.36 ? 25  ILE B C   1 
ATOM   947  O O   . ILE B 1 24  ? 13.717  -6.743  3.663   1.00 26.99 ? 25  ILE B O   1 
ATOM   948  C CB  . ILE B 1 24  ? 13.025  -4.068  4.848   1.00 28.65 ? 25  ILE B CB  1 
ATOM   949  C CG1 . ILE B 1 24  ? 12.498  -3.066  5.884   1.00 28.16 ? 25  ILE B CG1 1 
ATOM   950  C CG2 . ILE B 1 24  ? 12.799  -3.528  3.444   1.00 28.77 ? 25  ILE B CG2 1 
ATOM   951  C CD1 . ILE B 1 24  ? 13.261  -1.760  5.974   1.00 33.00 ? 25  ILE B CD1 1 
ATOM   952  N N   . ILE B 1 25  ? 11.506  -6.777  3.198   1.00 24.69 ? 26  ILE B N   1 
ATOM   953  C CA  . ILE B 1 25  ? 11.591  -7.721  2.083   1.00 23.78 ? 26  ILE B CA  1 
ATOM   954  C C   . ILE B 1 25  ? 11.470  -7.058  0.712   1.00 24.36 ? 26  ILE B C   1 
ATOM   955  O O   . ILE B 1 25  ? 11.676  -7.712  -0.304  1.00 24.30 ? 26  ILE B O   1 
ATOM   956  C CB  . ILE B 1 25  ? 10.526  -8.830  2.207   1.00 28.19 ? 26  ILE B CB  1 
ATOM   957  C CG1 . ILE B 1 25  ? 9.110   -8.252  2.088   1.00 33.27 ? 26  ILE B CG1 1 
ATOM   958  C CG2 . ILE B 1 25  ? 10.689  -9.558  3.535   1.00 28.98 ? 26  ILE B CG2 1 
ATOM   959  C CD1 . ILE B 1 25  ? 8.056   -9.281  1.733   1.00 34.19 ? 26  ILE B CD1 1 
ATOM   960  N N   . LEU B 1 26  ? 11.099  -5.772  0.699   1.00 26.78 ? 27  LEU B N   1 
ATOM   961  C CA  . LEU B 1 26  ? 11.120  -4.930  -0.484  1.00 23.71 ? 27  LEU B CA  1 
ATOM   962  C C   . LEU B 1 26  ? 11.063  -3.451  -0.101  1.00 22.80 ? 27  LEU B C   1 
ATOM   963  O O   . LEU B 1 26  ? 10.559  -3.071  0.949   1.00 26.24 ? 27  LEU B O   1 
ATOM   964  C CB  . LEU B 1 26  ? 9.980   -5.287  -1.442  1.00 22.52 ? 27  LEU B CB  1 
ATOM   965  C CG  . LEU B 1 26  ? 8.549   -5.038  -0.970  1.00 25.07 ? 27  LEU B CG  1 
ATOM   966  C CD1 . LEU B 1 26  ? 8.015   -3.689  -1.445  1.00 23.11 ? 27  LEU B CD1 1 
ATOM   967  C CD2 . LEU B 1 26  ? 7.646   -6.170  -1.467  1.00 22.61 ? 27  LEU B CD2 1 
ATOM   968  N N   . SER B 1 27  ? 11.644  -2.623  -0.963  1.00 25.55 ? 28  SER B N   1 
ATOM   969  C CA  . SER B 1 27  ? 11.602  -1.182  -0.841  1.00 24.13 ? 28  SER B CA  1 
ATOM   970  C C   . SER B 1 27  ? 11.972  -0.562  -2.170  1.00 23.05 ? 28  SER B C   1 
ATOM   971  O O   . SER B 1 27  ? 12.641  -1.183  -3.006  1.00 25.63 ? 28  SER B O   1 
ATOM   972  C CB  . SER B 1 27  ? 12.528  -0.689  0.277   1.00 25.55 ? 28  SER B CB  1 
ATOM   973  O OG  . SER B 1 27  ? 13.873  -1.007  0.048   1.00 24.21 ? 28  SER B OG  1 
ATOM   974  N N   . ASN B 1 28  ? 11.506  0.667   -2.387  1.00 24.70 ? 29  ASN B N   1 
ATOM   975  C CA  . ASN B 1 28  ? 11.913  1.426   -3.558  1.00 22.98 ? 29  ASN B CA  1 
ATOM   976  C C   . ASN B 1 28  ? 12.856  2.512   -3.124  1.00 21.29 ? 29  ASN B C   1 
ATOM   977  O O   . ASN B 1 28  ? 13.088  2.700   -1.904  1.00 20.09 ? 29  ASN B O   1 
ATOM   978  C CB  . ASN B 1 28  ? 10.715  1.944   -4.360  1.00 24.77 ? 29  ASN B CB  1 
ATOM   979  C CG  . ASN B 1 28  ? 9.862   2.944   -3.604  1.00 26.06 ? 29  ASN B CG  1 
ATOM   980  O OD1 . ASN B 1 28  ? 10.092  3.245   -2.426  1.00 24.23 ? 29  ASN B OD1 1 
ATOM   981  N ND2 . ASN B 1 28  ? 8.856   3.465   -4.292  1.00 25.43 ? 29  ASN B ND2 1 
ATOM   982  N N   . LYS B 1 29  ? 13.434  3.197   -4.106  1.00 21.36 ? 30  LYS B N   1 
ATOM   983  C CA  . LYS B 1 29  ? 14.446  4.231   -3.848  1.00 28.88 ? 30  LYS B CA  1 
ATOM   984  C C   . LYS B 1 29  ? 13.896  5.318   -2.934  1.00 27.36 ? 30  LYS B C   1 
ATOM   985  O O   . LYS B 1 29  ? 14.598  5.814   -2.055  1.00 26.01 ? 30  LYS B O   1 
ATOM   986  C CB  . LYS B 1 29  ? 14.917  4.863   -5.157  1.00 32.62 ? 30  LYS B CB  1 
ATOM   987  C CG  . LYS B 1 29  ? 15.761  3.954   -6.023  1.00 42.66 ? 30  LYS B CG  1 
ATOM   988  C CD  . LYS B 1 29  ? 17.120  3.728   -5.379  1.00 53.72 ? 30  LYS B CD  1 
ATOM   989  C CE  . LYS B 1 29  ? 18.134  3.191   -6.384  1.00 57.78 ? 30  LYS B CE  1 
ATOM   990  N NZ  . LYS B 1 29  ? 19.389  2.744   -5.714  1.00 58.24 ? 30  LYS B NZ  1 
ATOM   991  N N   . MET B 1 30  ? 12.629  5.693   -3.157  1.00 25.69 ? 31  MET B N   1 
ATOM   992  C CA  . MET B 1 30  ? 12.016  6.788   -2.425  1.00 27.04 ? 31  MET B CA  1 
ATOM   993  C C   . MET B 1 30  ? 11.874  6.437   -0.938  1.00 26.42 ? 31  MET B C   1 
ATOM   994  O O   . MET B 1 30  ? 12.068  7.301   -0.114  1.00 26.03 ? 31  MET B O   1 
ATOM   995  C CB  . MET B 1 30  ? 10.682  7.180   -3.064  1.00 27.23 ? 31  MET B CB  1 
ATOM   996  C CG  . MET B 1 30  ? 9.933   8.326   -2.401  1.00 32.80 ? 31  MET B CG  1 
ATOM   997  S SD  . MET B 1 30  ? 10.756  9.935   -2.456  1.00 33.76 ? 31  MET B SD  1 
ATOM   998  C CE  . MET B 1 30  ? 9.530   10.942  -1.630  1.00 37.00 ? 31  MET B CE  1 
ATOM   999  N N   . ALA B 1 31  ? 11.576  5.168   -0.613  1.00 24.44 ? 32  ALA B N   1 
ATOM   1000 C CA  . ALA B 1 31  ? 11.519  4.703   0.787   1.00 23.28 ? 32  ALA B CA  1 
ATOM   1001 C C   . ALA B 1 31  ? 12.886  4.746   1.432   1.00 25.04 ? 32  ALA B C   1 
ATOM   1002 O O   . ALA B 1 31  ? 13.017  5.200   2.567   1.00 24.64 ? 32  ALA B O   1 
ATOM   1003 C CB  . ALA B 1 31  ? 10.929  3.297   0.907   1.00 24.31 ? 32  ALA B CB  1 
ATOM   1004 N N   . ASN B 1 32  ? 13.912  4.295   0.705   1.00 24.76 ? 33  ASN B N   1 
ATOM   1005 C CA  . ASN B 1 32  ? 15.286  4.399   1.170   1.00 29.65 ? 33  ASN B CA  1 
ATOM   1006 C C   . ASN B 1 32  ? 15.688  5.860   1.490   1.00 26.56 ? 33  ASN B C   1 
ATOM   1007 O O   . ASN B 1 32  ? 16.268  6.161   2.537   1.00 30.40 ? 33  ASN B O   1 
ATOM   1008 C CB  . ASN B 1 32  ? 16.239  3.812   0.133   1.00 31.73 ? 33  ASN B CB  1 
ATOM   1009 C CG  . ASN B 1 32  ? 16.061  2.327   -0.042  1.00 33.05 ? 33  ASN B CG  1 
ATOM   1010 O OD1 . ASN B 1 32  ? 15.436  1.669   0.775   1.00 39.76 ? 33  ASN B OD1 1 
ATOM   1011 N ND2 . ASN B 1 32  ? 16.587  1.794   -1.135  1.00 36.76 ? 33  ASN B ND2 1 
ATOM   1012 N N   . ASP B 1 33  ? 15.331  6.765   0.578   1.00 27.55 ? 34  ASP B N   1 
ATOM   1013 C CA  . ASP B 1 33  ? 15.585  8.183   0.740   1.00 30.74 ? 34  ASP B CA  1 
ATOM   1014 C C   . ASP B 1 33  ? 14.839  8.756   1.949   1.00 31.48 ? 34  ASP B C   1 
ATOM   1015 O O   . ASP B 1 33  ? 15.396  9.492   2.747   1.00 31.43 ? 34  ASP B O   1 
ATOM   1016 C CB  . ASP B 1 33  ? 15.148  8.928   -0.528  1.00 37.66 ? 34  ASP B CB  1 
ATOM   1017 C CG  . ASP B 1 33  ? 15.982  10.144  -0.795  1.00 46.08 ? 34  ASP B CG  1 
ATOM   1018 O OD1 . ASP B 1 33  ? 17.213  9.979   -0.791  1.00 54.39 ? 34  ASP B OD1 1 
ATOM   1019 O OD2 . ASP B 1 33  ? 15.416  11.241  -1.019  1.00 52.82 ? 34  ASP B OD2 1 
ATOM   1020 N N   . ILE B 1 34  ? 13.549  8.436   2.058   1.00 30.27 ? 35  ILE B N   1 
ATOM   1021 C CA  . ILE B 1 34  ? 12.744  8.891   3.171   1.00 28.92 ? 35  ILE B CA  1 
ATOM   1022 C C   . ILE B 1 34  ? 13.383  8.451   4.472   1.00 30.82 ? 35  ILE B C   1 
ATOM   1023 O O   . ILE B 1 34  ? 13.537  9.269   5.374   1.00 35.87 ? 35  ILE B O   1 
ATOM   1024 C CB  . ILE B 1 34  ? 11.261  8.464   3.057   1.00 27.25 ? 35  ILE B CB  1 
ATOM   1025 C CG1 . ILE B 1 34  ? 10.601  9.249   1.904   1.00 27.57 ? 35  ILE B CG1 1 
ATOM   1026 C CG2 . ILE B 1 34  ? 10.525  8.754   4.363   1.00 29.20 ? 35  ILE B CG2 1 
ATOM   1027 C CD1 . ILE B 1 34  ? 9.135   8.945   1.629   1.00 31.28 ? 35  ILE B CD1 1 
ATOM   1028 N N   . MET B 1 35  ? 13.780  7.173   4.560   1.00 30.61 ? 36  MET B N   1 
ATOM   1029 C CA  . MET B 1 35  ? 14.335  6.613   5.800   1.00 33.66 ? 36  MET B CA  1 
ATOM   1030 C C   . MET B 1 35  ? 15.668  7.253   6.200   1.00 33.66 ? 36  MET B C   1 
ATOM   1031 O O   . MET B 1 35  ? 15.916  7.475   7.389   1.00 34.31 ? 36  MET B O   1 
ATOM   1032 C CB  . MET B 1 35  ? 14.526  5.098   5.707   1.00 31.39 ? 36  MET B CB  1 
ATOM   1033 C CG  . MET B 1 35  ? 13.263  4.260   5.639   1.00 38.68 ? 36  MET B CG  1 
ATOM   1034 S SD  . MET B 1 35  ? 12.054  4.630   6.920   1.00 42.36 ? 36  MET B SD  1 
ATOM   1035 C CE  . MET B 1 35  ? 10.763  5.398   5.941   1.00 56.82 ? 36  MET B CE  1 
ATOM   1036 N N   . ASP B 1 36  ? 16.516  7.543   5.207   1.00 32.45 ? 37  ASP B N   1 
ATOM   1037 C CA  . ASP B 1 36  ? 17.797  8.215   5.440   1.00 31.74 ? 37  ASP B CA  1 
ATOM   1038 C C   . ASP B 1 36  ? 17.661  9.686   5.876   1.00 28.51 ? 37  ASP B C   1 
ATOM   1039 O O   . ASP B 1 36  ? 18.617  10.266  6.353   1.00 37.14 ? 37  ASP B O   1 
ATOM   1040 C CB  . ASP B 1 36  ? 18.659  8.152   4.177   1.00 34.30 ? 37  ASP B CB  1 
ATOM   1041 C CG  . ASP B 1 36  ? 19.042  6.747   3.792   1.00 39.82 ? 37  ASP B CG  1 
ATOM   1042 O OD1 . ASP B 1 36  ? 18.882  5.833   4.635   1.00 41.88 ? 37  ASP B OD1 1 
ATOM   1043 O OD2 . ASP B 1 36  ? 19.511  6.565   2.641   1.00 43.61 ? 37  ASP B OD2 1 
ATOM   1044 N N   . ASN B 1 37  ? 16.478  10.278  5.678   1.00 32.25 ? 38  ASN B N   1 
ATOM   1045 C CA  . ASN B 1 37  ? 16.252  11.712  5.879   1.00 34.38 ? 38  ASN B CA  1 
ATOM   1046 C C   . ASN B 1 37  ? 15.198  12.067  6.918   1.00 35.77 ? 38  ASN B C   1 
ATOM   1047 O O   . ASN B 1 37  ? 14.739  13.214  6.970   1.00 36.62 ? 38  ASN B O   1 
ATOM   1048 C CB  . ASN B 1 37  ? 15.877  12.358  4.541   1.00 32.21 ? 38  ASN B CB  1 
ATOM   1049 C CG  . ASN B 1 37  ? 17.070  12.552  3.641   1.00 34.55 ? 38  ASN B CG  1 
ATOM   1050 O OD1 . ASN B 1 37  ? 17.740  13.563  3.734   1.00 36.13 ? 38  ASN B OD1 1 
ATOM   1051 N ND2 . ASN B 1 37  ? 17.332  11.592  2.754   1.00 32.48 ? 38  ASN B ND2 1 
ATOM   1052 N N   . ILE B 1 38  ? 14.785  11.084  7.728   1.00 39.05 ? 39  ILE B N   1 
ATOM   1053 C CA  . ILE B 1 38  ? 13.874  11.356  8.842   1.00 35.44 ? 39  ILE B CA  1 
ATOM   1054 C C   . ILE B 1 38  ? 14.525  11.031  10.187  1.00 29.56 ? 39  ILE B C   1 
ATOM   1055 O O   . ILE B 1 38  ? 15.368  10.172  10.266  1.00 29.75 ? 39  ILE B O   1 
ATOM   1056 C CB  . ILE B 1 38  ? 12.505  10.639  8.710   1.00 36.77 ? 39  ILE B CB  1 
ATOM   1057 C CG1 . ILE B 1 38  ? 12.659  9.124   8.630   1.00 34.44 ? 39  ILE B CG1 1 
ATOM   1058 C CG2 . ILE B 1 38  ? 11.735  11.199  7.518   1.00 41.99 ? 39  ILE B CG2 1 
ATOM   1059 C CD1 . ILE B 1 38  ? 11.336  8.390   8.717   1.00 37.38 ? 39  ILE B CD1 1 
ATOM   1060 N N   . ASP B 1 39  ? 14.089  11.734  11.234  1.00 29.22 ? 40  ASP B N   1 
ATOM   1061 C CA  . ASP B 1 39  ? 14.659  11.642  12.560  1.00 28.16 ? 40  ASP B CA  1 
ATOM   1062 C C   . ASP B 1 39  ? 14.103  10.448  13.319  1.00 27.87 ? 40  ASP B C   1 
ATOM   1063 O O   . ASP B 1 39  ? 13.182  9.733   12.868  1.00 31.13 ? 40  ASP B O   1 
ATOM   1064 C CB  . ASP B 1 39  ? 14.446  12.971  13.332  1.00 31.48 ? 40  ASP B CB  1 
ATOM   1065 C CG  . ASP B 1 39  ? 12.983  13.327  13.523  1.00 32.35 ? 40  ASP B CG  1 
ATOM   1066 O OD1 . ASP B 1 39  ? 12.166  12.413  13.764  1.00 38.18 ? 40  ASP B OD1 1 
ATOM   1067 O OD2 . ASP B 1 39  ? 12.655  14.528  13.441  1.00 31.56 ? 40  ASP B OD2 1 
ATOM   1068 N N   . GLU B 1 40  ? 14.673  10.244  14.506  1.00 29.07 ? 41  GLU B N   1 
ATOM   1069 C CA  . GLU B 1 40  ? 14.377  9.107   15.349  1.00 30.28 ? 41  GLU B CA  1 
ATOM   1070 C C   . GLU B 1 40  ? 12.950  9.105   15.868  1.00 27.72 ? 41  GLU B C   1 
ATOM   1071 O O   . GLU B 1 40  ? 12.356  8.052   15.969  1.00 27.60 ? 41  GLU B O   1 
ATOM   1072 C CB  . GLU B 1 40  ? 15.396  9.004   16.489  1.00 37.25 ? 41  GLU B CB  1 
ATOM   1073 C CG  . GLU B 1 40  ? 16.815  8.671   16.023  1.00 44.51 ? 41  GLU B CG  1 
ATOM   1074 C CD  . GLU B 1 40  ? 16.919  7.312   15.327  1.00 55.98 ? 41  GLU B CD  1 
ATOM   1075 O OE1 . GLU B 1 40  ? 16.413  6.309   15.879  1.00 63.77 ? 41  GLU B OE1 1 
ATOM   1076 O OE2 . GLU B 1 40  ? 17.500  7.245   14.219  1.00 52.45 ? 41  GLU B OE2 1 
ATOM   1077 N N   . ASP B 1 41  ? 12.396  10.280  16.181  1.00 31.20 ? 42  ASP B N   1 
ATOM   1078 C CA  . ASP B 1 41  ? 10.993  10.404  16.590  1.00 31.28 ? 42  ASP B CA  1 
ATOM   1079 C C   . ASP B 1 41  ? 10.017  9.936   15.506  1.00 33.47 ? 42  ASP B C   1 
ATOM   1080 O O   . ASP B 1 41  ? 9.063   9.194   15.788  1.00 27.24 ? 42  ASP B O   1 
ATOM   1081 C CB  . ASP B 1 41  ? 10.657  11.857  16.943  1.00 34.57 ? 42  ASP B CB  1 
ATOM   1082 C CG  . ASP B 1 41  ? 10.958  12.196  18.366  1.00 37.24 ? 42  ASP B CG  1 
ATOM   1083 O OD1 . ASP B 1 41  ? 10.666  11.376  19.272  1.00 43.62 ? 42  ASP B OD1 1 
ATOM   1084 O OD2 . ASP B 1 41  ? 11.449  13.319  18.592  1.00 43.54 ? 42  ASP B OD2 1 
ATOM   1085 N N   . ALA B 1 42  ? 10.273  10.369  14.262  1.00 30.70 ? 43  ALA B N   1 
ATOM   1086 C CA  . ALA B 1 42  ? 9.449   9.986   13.120  1.00 31.56 ? 43  ALA B CA  1 
ATOM   1087 C C   . ALA B 1 42  ? 9.549   8.476   12.891  1.00 26.29 ? 43  ALA B C   1 
ATOM   1088 O O   . ALA B 1 42  ? 8.551   7.817   12.617  1.00 23.82 ? 43  ALA B O   1 
ATOM   1089 C CB  . ALA B 1 42  ? 9.845   10.762  11.859  1.00 30.48 ? 43  ALA B CB  1 
ATOM   1090 N N   . LYS B 1 43  ? 10.765  7.939   13.016  1.00 27.37 ? 44  LYS B N   1 
ATOM   1091 C CA  . LYS B 1 43  ? 11.002  6.504   12.905  1.00 27.65 ? 44  LYS B CA  1 
ATOM   1092 C C   . LYS B 1 43  ? 10.239  5.684   13.938  1.00 30.87 ? 44  LYS B C   1 
ATOM   1093 O O   . LYS B 1 43  ? 9.727   4.610   13.628  1.00 28.42 ? 44  LYS B O   1 
ATOM   1094 C CB  . LYS B 1 43  ? 12.491  6.199   12.988  1.00 32.53 ? 44  LYS B CB  1 
ATOM   1095 C CG  . LYS B 1 43  ? 13.177  6.435   11.664  1.00 38.45 ? 44  LYS B CG  1 
ATOM   1096 C CD  . LYS B 1 43  ? 14.570  5.853   11.634  1.00 43.88 ? 44  LYS B CD  1 
ATOM   1097 C CE  . LYS B 1 43  ? 15.185  6.107   10.271  1.00 54.79 ? 44  LYS B CE  1 
ATOM   1098 N NZ  . LYS B 1 43  ? 16.654  5.847   10.253  1.00 62.32 ? 44  LYS B NZ  1 
ATOM   1099 N N   . ALA B 1 44  ? 10.186  6.188   15.174  1.00 27.11 ? 45  ALA B N   1 
ATOM   1100 C CA  . ALA B 1 44  ? 9.465   5.533   16.254  1.00 24.24 ? 45  ALA B CA  1 
ATOM   1101 C C   . ALA B 1 44  ? 7.969   5.560   16.006  1.00 23.03 ? 45  ALA B C   1 
ATOM   1102 O O   . ALA B 1 44  ? 7.256   4.596   16.341  1.00 28.66 ? 45  ALA B O   1 
ATOM   1103 C CB  . ALA B 1 44  ? 9.790   6.188   17.580  1.00 25.33 ? 45  ALA B CB  1 
ATOM   1104 N N   . PHE B 1 45  ? 7.486   6.665   15.423  1.00 21.64 ? 46  PHE B N   1 
ATOM   1105 C CA  . PHE B 1 45  ? 6.077   6.809   15.072  1.00 22.99 ? 46  PHE B CA  1 
ATOM   1106 C C   . PHE B 1 45  ? 5.704   5.771   14.006  1.00 22.66 ? 46  PHE B C   1 
ATOM   1107 O O   . PHE B 1 45  ? 4.647   5.128   14.073  1.00 22.42 ? 46  PHE B O   1 
ATOM   1108 C CB  . PHE B 1 45  ? 5.770   8.253   14.587  1.00 24.21 ? 46  PHE B CB  1 
ATOM   1109 C CG  . PHE B 1 45  ? 4.359   8.455   14.105  1.00 26.08 ? 46  PHE B CG  1 
ATOM   1110 C CD1 . PHE B 1 45  ? 3.925   7.868   12.915  1.00 30.57 ? 46  PHE B CD1 1 
ATOM   1111 C CD2 . PHE B 1 45  ? 3.451   9.211   14.840  1.00 28.44 ? 46  PHE B CD2 1 
ATOM   1112 C CE1 . PHE B 1 45  ? 2.623   8.044   12.462  1.00 31.71 ? 46  PHE B CE1 1 
ATOM   1113 C CE2 . PHE B 1 45  ? 2.146   9.384   14.395  1.00 31.46 ? 46  PHE B CE2 1 
ATOM   1114 C CZ  . PHE B 1 45  ? 1.733   8.805   13.198  1.00 30.67 ? 46  PHE B CZ  1 
ATOM   1115 N N   . LEU B 1 46  ? 6.582   5.641   13.013  1.00 23.59 ? 47  LEU B N   1 
ATOM   1116 C CA  . LEU B 1 46  ? 6.425   4.691   11.932  1.00 25.10 ? 47  LEU B CA  1 
ATOM   1117 C C   . LEU B 1 46  ? 6.411   3.255   12.448  1.00 24.25 ? 47  LEU B C   1 
ATOM   1118 O O   . LEU B 1 46  ? 5.515   2.472   12.125  1.00 23.06 ? 47  LEU B O   1 
ATOM   1119 C CB  . LEU B 1 46  ? 7.541   4.903   10.913  1.00 30.57 ? 47  LEU B CB  1 
ATOM   1120 C CG  . LEU B 1 46  ? 7.331   4.297   9.548   1.00 37.83 ? 47  LEU B CG  1 
ATOM   1121 C CD1 . LEU B 1 46  ? 6.036   4.843   8.955   1.00 45.08 ? 47  LEU B CD1 1 
ATOM   1122 C CD2 . LEU B 1 46  ? 8.527   4.630   8.664   1.00 43.17 ? 47  LEU B CD2 1 
ATOM   1123 N N   . LEU B 1 47  ? 7.389   2.925   13.291  1.00 17.59 ? 48  LEU B N   1 
ATOM   1124 C CA  . LEU B 1 47  ? 7.461   1.615   13.926  1.00 23.24 ? 48  LEU B CA  1 
ATOM   1125 C C   . LEU B 1 47  ? 6.185   1.268   14.704  1.00 22.21 ? 48  LEU B C   1 
ATOM   1126 O O   . LEU B 1 47  ? 5.656   0.148   14.579  1.00 25.18 ? 48  LEU B O   1 
ATOM   1127 C CB  . LEU B 1 47  ? 8.685   1.543   14.817  1.00 24.18 ? 48  LEU B CB  1 
ATOM   1128 C CG  . LEU B 1 47  ? 9.120   0.194   15.347  1.00 27.38 ? 48  LEU B CG  1 
ATOM   1129 C CD1 . LEU B 1 47  ? 10.608  0.294   15.722  1.00 27.71 ? 48  LEU B CD1 1 
ATOM   1130 C CD2 . LEU B 1 47  ? 8.286   -0.252  16.543  1.00 31.17 ? 48  LEU B CD2 1 
ATOM   1131 N N   . ARG B 1 48  ? 5.692   2.235   15.492  1.00 23.90 ? 49  ARG B N   1 
ATOM   1132 C CA  . ARG B 1 48  ? 4.450   2.073   16.254  1.00 22.93 ? 49  ARG B CA  1 
ATOM   1133 C C   . ARG B 1 48  ? 3.268   1.753   15.347  1.00 19.78 ? 49  ARG B C   1 
ATOM   1134 O O   . ARG B 1 48  ? 2.499   0.828   15.613  1.00 26.64 ? 49  ARG B O   1 
ATOM   1135 C CB  . ARG B 1 48  ? 4.145   3.313   17.126  1.00 23.04 ? 49  ARG B CB  1 
ATOM   1136 C CG  . ARG B 1 48  ? 5.043   3.418   18.356  1.00 23.58 ? 49  ARG B CG  1 
ATOM   1137 C CD  . ARG B 1 48  ? 4.562   4.379   19.433  1.00 19.47 ? 49  ARG B CD  1 
ATOM   1138 N NE  . ARG B 1 48  ? 4.301   5.724   18.949  1.00 17.72 ? 49  ARG B NE  1 
ATOM   1139 C CZ  . ARG B 1 48  ? 5.210   6.693   18.794  1.00 20.78 ? 49  ARG B CZ  1 
ATOM   1140 N NH1 . ARG B 1 48  ? 6.492   6.508   19.086  1.00 20.33 ? 49  ARG B NH1 1 
ATOM   1141 N NH2 . ARG B 1 48  ? 4.821   7.870   18.347  1.00 20.26 ? 49  ARG B NH2 1 
ATOM   1142 N N   . GLN B 1 49  ? 3.140   2.513   14.254  1.00 22.27 ? 50  GLN B N   1 
ATOM   1143 C CA  . GLN B 1 49  ? 2.068   2.300   13.284  1.00 21.07 ? 50  GLN B CA  1 
ATOM   1144 C C   . GLN B 1 49  ? 2.152   0.890   12.660  1.00 22.10 ? 50  GLN B C   1 
ATOM   1145 O O   . GLN B 1 49  ? 1.133   0.206   12.492  1.00 22.92 ? 50  GLN B O   1 
ATOM   1146 C CB  . GLN B 1 49  ? 2.092   3.390   12.208  1.00 22.10 ? 50  GLN B CB  1 
ATOM   1147 C CG  . GLN B 1 49  ? 0.880   3.350   11.294  1.00 22.92 ? 50  GLN B CG  1 
ATOM   1148 C CD  . GLN B 1 49  ? 0.806   4.500   10.308  1.00 23.26 ? 50  GLN B CD  1 
ATOM   1149 O OE1 . GLN B 1 49  ? 1.428   5.552   10.495  1.00 28.18 ? 50  GLN B OE1 1 
ATOM   1150 N NE2 . GLN B 1 49  ? 0.054   4.300   9.234   1.00 20.71 ? 50  GLN B NE2 1 
ATOM   1151 N N   . ILE B 1 50  ? 3.371   0.461   12.313  1.00 20.94 ? 51  ILE B N   1 
ATOM   1152 C CA  . ILE B 1 50  ? 3.602   -0.888  11.785  1.00 22.06 ? 51  ILE B CA  1 
ATOM   1153 C C   . ILE B 1 50  ? 3.155   -1.942  12.804  1.00 22.73 ? 51  ILE B C   1 
ATOM   1154 O O   . ILE B 1 50  ? 2.376   -2.844  12.469  1.00 22.76 ? 51  ILE B O   1 
ATOM   1155 C CB  . ILE B 1 50  ? 5.069   -1.088  11.352  1.00 21.19 ? 51  ILE B CB  1 
ATOM   1156 C CG1 . ILE B 1 50  ? 5.371   -0.222  10.115  1.00 22.99 ? 51  ILE B CG1 1 
ATOM   1157 C CG2 . ILE B 1 50  ? 5.340   -2.538  10.995  1.00 20.03 ? 51  ILE B CG2 1 
ATOM   1158 C CD1 . ILE B 1 50  ? 6.843   0.123   9.937   1.00 23.16 ? 51  ILE B CD1 1 
ATOM   1159 N N   . GLU B 1 51  ? 3.612   -1.797  14.055  1.00 23.44 ? 52  GLU B N   1 
ATOM   1160 C CA  . GLU B 1 51  ? 3.216   -2.729  15.119  1.00 24.60 ? 52  GLU B CA  1 
ATOM   1161 C C   . GLU B 1 51  ? 1.688   -2.782  15.297  1.00 25.61 ? 52  GLU B C   1 
ATOM   1162 O O   . GLU B 1 51  ? 1.110   -3.889  15.422  1.00 21.29 ? 52  GLU B O   1 
ATOM   1163 C CB  . GLU B 1 51  ? 3.944   -2.436  16.439  1.00 26.27 ? 52  GLU B CB  1 
ATOM   1164 C CG  . GLU B 1 51  ? 5.468   -2.670  16.393  1.00 27.69 ? 52  GLU B CG  1 
ATOM   1165 C CD  . GLU B 1 51  ? 5.884   -4.100  16.023  1.00 31.14 ? 52  GLU B CD  1 
ATOM   1166 O OE1 . GLU B 1 51  ? 5.142   -5.049  16.356  1.00 27.82 ? 52  GLU B OE1 1 
ATOM   1167 O OE2 . GLU B 1 51  ? 6.952   -4.283  15.387  1.00 29.34 ? 52  GLU B OE2 1 
ATOM   1168 N N   . ASP B 1 52  ? 1.029   -1.615  15.236  1.00 25.12 ? 53  ASP B N   1 
ATOM   1169 C CA  . ASP B 1 52  ? -0.440  -1.549  15.335  1.00 21.96 ? 53  ASP B CA  1 
ATOM   1170 C C   . ASP B 1 52  ? -1.150  -2.299  14.225  1.00 24.17 ? 53  ASP B C   1 
ATOM   1171 O O   . ASP B 1 52  ? -2.242  -2.859  14.451  1.00 23.24 ? 53  ASP B O   1 
ATOM   1172 C CB  . ASP B 1 52  ? -0.954  -0.104  15.294  1.00 24.52 ? 53  ASP B CB  1 
ATOM   1173 C CG  . ASP B 1 52  ? -0.610  0.680   16.522  1.00 27.77 ? 53  ASP B CG  1 
ATOM   1174 O OD1 . ASP B 1 52  ? -0.253  0.046   17.537  1.00 26.91 ? 53  ASP B OD1 1 
ATOM   1175 O OD2 . ASP B 1 52  ? -0.707  1.923   16.462  1.00 31.15 ? 53  ASP B OD2 1 
ATOM   1176 N N   . THR B 1 53  ? -0.549  -2.282  13.030  1.00 21.81 ? 54  THR B N   1 
ATOM   1177 C CA  . THR B 1 53  ? -1.127  -2.917  11.849  1.00 23.82 ? 54  THR B CA  1 
ATOM   1178 C C   . THR B 1 53  ? -1.020  -4.445  11.937  1.00 24.01 ? 54  THR B C   1 
ATOM   1179 O O   . THR B 1 53  ? -1.956  -5.163  11.578  1.00 22.94 ? 54  THR B O   1 
ATOM   1180 C CB  . THR B 1 53  ? -0.489  -2.363  10.557  1.00 22.56 ? 54  THR B CB  1 
ATOM   1181 O OG1 . THR B 1 53  ? -0.595  -0.931  10.553  1.00 24.58 ? 54  THR B OG1 1 
ATOM   1182 C CG2 . THR B 1 53  ? -1.208  -2.908  9.325   1.00 23.84 ? 54  THR B CG2 1 
ATOM   1183 N N   . PHE B 1 54  ? 0.107   -4.942  12.455  1.00 24.45 ? 55  PHE B N   1 
ATOM   1184 C CA  . PHE B 1 54  ? 0.235   -6.370  12.725  1.00 25.42 ? 55  PHE B CA  1 
ATOM   1185 C C   . PHE B 1 54  ? -0.873  -6.842  13.670  1.00 28.57 ? 55  PHE B C   1 
ATOM   1186 O O   . PHE B 1 54  ? -1.433  -7.940  13.496  1.00 22.25 ? 55  PHE B O   1 
ATOM   1187 C CB  . PHE B 1 54  ? 1.602   -6.720  13.291  1.00 28.93 ? 55  PHE B CB  1 
ATOM   1188 C CG  . PHE B 1 54  ? 2.655   -6.917  12.235  1.00 27.03 ? 55  PHE B CG  1 
ATOM   1189 C CD1 . PHE B 1 54  ? 2.586   -8.010  11.372  1.00 30.57 ? 55  PHE B CD1 1 
ATOM   1190 C CD2 . PHE B 1 54  ? 3.735   -6.034  12.124  1.00 29.24 ? 55  PHE B CD2 1 
ATOM   1191 C CE1 . PHE B 1 54  ? 3.557   -8.211  10.397  1.00 29.25 ? 55  PHE B CE1 1 
ATOM   1192 C CE2 . PHE B 1 54  ? 4.707   -6.228  11.153  1.00 29.84 ? 55  PHE B CE2 1 
ATOM   1193 C CZ  . PHE B 1 54  ? 4.616   -7.318  10.291  1.00 29.12 ? 55  PHE B CZ  1 
ATOM   1194 N N   . LYS B 1 55  ? -1.207  -5.993  14.649  1.00 25.94 ? 56  LYS B N   1 
ATOM   1195 C CA  . LYS B 1 55  ? -2.215  -6.321  15.647  1.00 27.31 ? 56  LYS B CA  1 
ATOM   1196 C C   . LYS B 1 55  ? -3.632  -6.172  15.105  1.00 29.09 ? 56  LYS B C   1 
ATOM   1197 O O   . LYS B 1 55  ? -4.430  -7.098  15.213  1.00 25.14 ? 56  LYS B O   1 
ATOM   1198 C CB  . LYS B 1 55  ? -2.038  -5.494  16.914  1.00 29.35 ? 56  LYS B CB  1 
ATOM   1199 C CG  . LYS B 1 55  ? -0.967  -6.035  17.852  1.00 33.29 ? 56  LYS B CG  1 
ATOM   1200 C CD  . LYS B 1 55  ? -1.148  -5.466  19.254  1.00 39.68 ? 56  LYS B CD  1 
ATOM   1201 C CE  . LYS B 1 55  ? 0.093   -5.655  20.118  1.00 39.50 ? 56  LYS B CE  1 
ATOM   1202 N NZ  . LYS B 1 55  ? 1.228   -4.800  19.658  1.00 39.52 ? 56  LYS B NZ  1 
ATOM   1203 N N   . SER B 1 56  ? -3.938  -5.012  14.509  1.00 25.70 ? 57  SER B N   1 
ATOM   1204 C CA  . SER B 1 56  ? -5.280  -4.728  14.026  1.00 26.68 ? 57  SER B CA  1 
ATOM   1205 C C   . SER B 1 56  ? -5.648  -5.589  12.812  1.00 29.52 ? 57  SER B C   1 
ATOM   1206 O O   . SER B 1 56  ? -6.821  -5.896  12.597  1.00 27.43 ? 57  SER B O   1 
ATOM   1207 C CB  . SER B 1 56  ? -5.410  -3.246  13.682  1.00 28.15 ? 57  SER B CB  1 
ATOM   1208 O OG  . SER B 1 56  ? -4.833  -2.969  12.418  1.00 28.62 ? 57  SER B OG  1 
ATOM   1209 N N   . LYS B 1 57  ? -4.633  -5.944  12.008  1.00 30.91 ? 58  LYS B N   1 
ATOM   1210 C CA  . LYS B 1 57  ? -4.800  -6.697  10.762  1.00 32.67 ? 58  LYS B CA  1 
ATOM   1211 C C   . LYS B 1 57  ? -5.692  -5.992  9.731   1.00 33.87 ? 58  LYS B C   1 
ATOM   1212 O O   . LYS B 1 57  ? -6.277  -6.628  8.864   1.00 39.57 ? 58  LYS B O   1 
ATOM   1213 C CB  . LYS B 1 57  ? -5.309  -8.117  11.048  1.00 30.70 ? 58  LYS B CB  1 
ATOM   1214 C CG  . LYS B 1 57  ? -4.280  -8.948  11.794  1.00 31.85 ? 58  LYS B CG  1 
ATOM   1215 C CD  . LYS B 1 57  ? -4.782  -10.348 12.108  1.00 35.55 ? 58  LYS B CD  1 
ATOM   1216 C CE  . LYS B 1 57  ? -3.621  -11.256 12.474  1.00 43.61 ? 58  LYS B CE  1 
ATOM   1217 N NZ  . LYS B 1 57  ? -2.728  -10.631 13.494  1.00 51.78 ? 58  LYS B NZ  1 
ATOM   1218 N N   . GLN B 1 58  ? -5.751  -4.663  9.822   1.00 35.61 ? 59  GLN B N   1 
ATOM   1219 C CA  . GLN B 1 58  ? -6.466  -3.824  8.870   1.00 42.43 ? 59  GLN B CA  1 
ATOM   1220 C C   . GLN B 1 58  ? -5.549  -2.664  8.464   1.00 42.28 ? 59  GLN B C   1 
ATOM   1221 O O   . GLN B 1 58  ? -4.354  -2.648  8.811   1.00 47.16 ? 59  GLN B O   1 
ATOM   1222 C CB  . GLN B 1 58  ? -7.786  -3.347  9.472   1.00 47.99 ? 59  GLN B CB  1 
ATOM   1223 C CG  . GLN B 1 58  ? -7.652  -2.729  10.851  1.00 58.27 ? 59  GLN B CG  1 
ATOM   1224 C CD  . GLN B 1 58  ? -8.921  -2.075  11.341  1.00 69.10 ? 59  GLN B CD  1 
ATOM   1225 O OE1 . GLN B 1 58  ? -10.020 -2.421  10.908  1.00 76.55 ? 59  GLN B OE1 1 
ATOM   1226 N NE2 . GLN B 1 58  ? -8.778  -1.128  12.260  1.00 60.72 ? 59  GLN B NE2 1 
ATOM   1227 N N   . THR B 1 59  ? -6.098  -1.703  7.717   1.00 30.66 ? 60  THR B N   1 
ATOM   1228 C CA  . THR B 1 59  ? -5.316  -0.568  7.233   1.00 27.99 ? 60  THR B CA  1 
ATOM   1229 C C   . THR B 1 59  ? -5.320  0.574   8.249   1.00 27.03 ? 60  THR B C   1 
ATOM   1230 O O   . THR B 1 59  ? -6.371  0.942   8.766   1.00 26.76 ? 60  THR B O   1 
ATOM   1231 C CB  . THR B 1 59  ? -5.848  -0.103  5.874   1.00 26.89 ? 60  THR B CB  1 
ATOM   1232 O OG1 . THR B 1 59  ? -5.712  -1.181  4.932   1.00 21.40 ? 60  THR B OG1 1 
ATOM   1233 C CG2 . THR B 1 59  ? -5.079  1.117   5.369   1.00 23.18 ? 60  THR B CG2 1 
ATOM   1234 N N   . GLU B 1 60  ? -4.126  1.106   8.550   1.00 25.90 ? 61  GLU B N   1 
ATOM   1235 C CA  . GLU B 1 60  ? -3.977  2.290   9.399   1.00 25.45 ? 61  GLU B CA  1 
ATOM   1236 C C   . GLU B 1 60  ? -3.438  3.419   8.522   1.00 27.40 ? 61  GLU B C   1 
ATOM   1237 O O   . GLU B 1 60  ? -2.570  3.188   7.673   1.00 22.37 ? 61  GLU B O   1 
ATOM   1238 C CB  . GLU B 1 60  ? -3.017  2.023   10.558  1.00 25.59 ? 61  GLU B CB  1 
ATOM   1239 C CG  . GLU B 1 60  ? -3.289  0.757   11.367  1.00 26.71 ? 61  GLU B CG  1 
ATOM   1240 C CD  . GLU B 1 60  ? -4.532  0.844   12.210  1.00 32.78 ? 61  GLU B CD  1 
ATOM   1241 O OE1 . GLU B 1 60  ? -4.847  1.988   12.627  1.00 29.57 ? 61  GLU B OE1 1 
ATOM   1242 O OE2 . GLU B 1 60  ? -5.161  -0.223  12.489  1.00 27.24 ? 61  GLU B OE2 1 
ATOM   1243 N N   . MET B 1 61  ? -3.976  4.629   8.718   1.00 24.27 ? 62  MET B N   1 
ATOM   1244 C CA  . MET B 1 61  ? -3.604  5.806   7.937   1.00 29.53 ? 62  MET B CA  1 
ATOM   1245 C C   . MET B 1 61  ? -3.413  6.954   8.902   1.00 32.31 ? 62  MET B C   1 
ATOM   1246 O O   . MET B 1 61  ? -4.325  7.279   9.656   1.00 32.74 ? 62  MET B O   1 
ATOM   1247 C CB  . MET B 1 61  ? -4.704  6.165   6.944   1.00 31.97 ? 62  MET B CB  1 
ATOM   1248 C CG  . MET B 1 61  ? -4.309  7.200   5.913   1.00 33.45 ? 62  MET B CG  1 
ATOM   1249 S SD  . MET B 1 61  ? -5.591  7.457   4.660   1.00 40.40 ? 62  MET B SD  1 
ATOM   1250 C CE  . MET B 1 61  ? -4.590  8.141   3.356   1.00 38.81 ? 62  MET B CE  1 
ATOM   1251 N N   . ARG B 1 62  ? -2.212  7.543   8.912   1.00 30.87 ? 63  ARG B N   1 
ATOM   1252 C CA  . ARG B 1 62  ? -1.860  8.572   9.889   1.00 28.28 ? 63  ARG B CA  1 
ATOM   1253 C C   . ARG B 1 62  ? -0.983  9.635   9.262   1.00 27.20 ? 63  ARG B C   1 
ATOM   1254 O O   . ARG B 1 62  ? -0.187  9.359   8.366   1.00 27.22 ? 63  ARG B O   1 
ATOM   1255 C CB  . ARG B 1 62  ? -1.149  7.944   11.084  1.00 27.07 ? 63  ARG B CB  1 
ATOM   1256 C CG  . ARG B 1 62  ? -1.937  6.790   11.690  1.00 29.45 ? 63  ARG B CG  1 
ATOM   1257 C CD  . ARG B 1 62  ? -1.381  6.277   13.016  1.00 29.68 ? 63  ARG B CD  1 
ATOM   1258 N NE  . ARG B 1 62  ? -2.118  5.076   13.400  1.00 29.13 ? 63  ARG B NE  1 
ATOM   1259 C CZ  . ARG B 1 62  ? -1.702  4.133   14.239  1.00 27.16 ? 63  ARG B CZ  1 
ATOM   1260 N NH1 . ARG B 1 62  ? -0.509  4.200   14.836  1.00 30.55 ? 63  ARG B NH1 1 
ATOM   1261 N NH2 . ARG B 1 62  ? -2.491  3.089   14.477  1.00 26.04 ? 63  ARG B NH2 1 
ATOM   1262 N N   . ASP B 1 63  ? -1.152  10.870  9.732   1.00 29.16 ? 64  ASP B N   1 
ATOM   1263 C CA  . ASP B 1 63  ? -0.265  11.971  9.386   1.00 33.40 ? 64  ASP B CA  1 
ATOM   1264 C C   . ASP B 1 63  ? 0.968   11.862  10.230  1.00 29.73 ? 64  ASP B C   1 
ATOM   1265 O O   . ASP B 1 63  ? 0.879   11.579  11.412  1.00 34.68 ? 64  ASP B O   1 
ATOM   1266 C CB  . ASP B 1 63  ? -0.944  13.301  9.649   1.00 29.72 ? 64  ASP B CB  1 
ATOM   1267 C CG  . ASP B 1 63  ? -2.175  13.515  8.760   1.00 35.14 ? 64  ASP B CG  1 
ATOM   1268 O OD1 . ASP B 1 63  ? -2.266  12.880  7.680   1.00 32.56 ? 64  ASP B OD1 1 
ATOM   1269 O OD2 . ASP B 1 63  ? -3.050  14.329  9.135   1.00 37.69 ? 64  ASP B OD2 1 
ATOM   1270 N N   . LEU B 1 64  ? 2.125   12.065  9.602   1.00 37.64 ? 65  LEU B N   1 
ATOM   1271 C CA  . LEU B 1 64  ? 3.389   12.168  10.294  1.00 40.46 ? 65  LEU B CA  1 
ATOM   1272 C C   . LEU B 1 64  ? 3.848   13.564  9.926   1.00 39.79 ? 65  LEU B C   1 
ATOM   1273 O O   . LEU B 1 64  ? 4.449   13.788  8.872   1.00 35.05 ? 65  LEU B O   1 
ATOM   1274 C CB  . LEU B 1 64  ? 4.342   11.086  9.814   1.00 43.06 ? 65  LEU B CB  1 
ATOM   1275 C CG  . LEU B 1 64  ? 5.775   11.160  10.341  1.00 50.19 ? 65  LEU B CG  1 
ATOM   1276 C CD1 . LEU B 1 64  ? 5.799   10.973  11.853  1.00 57.50 ? 65  LEU B CD1 1 
ATOM   1277 C CD2 . LEU B 1 64  ? 6.635   10.107  9.655   1.00 56.00 ? 65  LEU B CD2 1 
ATOM   1278 N N   . GLU B 1 65  ? 3.447   14.526  10.759  1.00 45.92 ? 66  GLU B N   1 
ATOM   1279 C CA  . GLU B 1 65  ? 3.723   15.933  10.531  1.00 57.39 ? 66  GLU B CA  1 
ATOM   1280 C C   . GLU B 1 65  ? 5.108   16.246  11.071  1.00 56.90 ? 66  GLU B C   1 
ATOM   1281 O O   . GLU B 1 65  ? 5.396   15.974  12.238  1.00 44.79 ? 66  GLU B O   1 
ATOM   1282 C CB  . GLU B 1 65  ? 2.683   16.808  11.220  1.00 70.29 ? 66  GLU B CB  1 
ATOM   1283 C CG  . GLU B 1 65  ? 2.849   18.294  10.940  1.00 74.76 ? 66  GLU B CG  1 
ATOM   1284 C CD  . GLU B 1 65  ? 1.638   19.114  11.351  1.00 82.76 ? 66  GLU B CD  1 
ATOM   1285 O OE1 . GLU B 1 65  ? 0.884   18.704  12.269  1.00 82.00 ? 66  GLU B OE1 1 
ATOM   1286 O OE2 . GLU B 1 65  ? 1.450   20.187  10.750  1.00 83.34 ? 66  GLU B OE2 1 
ATOM   1287 N N   . MET B 1 66  ? 5.949   16.821  10.210  1.00 58.00 ? 67  MET B N   1 
ATOM   1288 C CA  . MET B 1 66  ? 7.327   17.112  10.515  1.00 71.16 ? 67  MET B CA  1 
ATOM   1289 C C   . MET B 1 66  ? 7.344   18.619  10.749  1.00 79.65 ? 67  MET B C   1 
ATOM   1290 O O   . MET B 1 66  ? 6.289   19.256  10.819  1.00 76.36 ? 67  MET B O   1 
ATOM   1291 C CB  . MET B 1 66  ? 8.202   16.713  9.323   1.00 67.84 ? 67  MET B CB  1 
ATOM   1292 C CG  . MET B 1 66  ? 9.463   15.951  9.673   1.00 68.85 ? 67  MET B CG  1 
ATOM   1293 S SD  . MET B 1 66  ? 9.108   14.215  9.980   1.00 68.84 ? 67  MET B SD  1 
ATOM   1294 C CE  . MET B 1 66  ? 10.776  13.585  10.112  1.00 71.67 ? 67  MET B CE  1 
ATOM   1295 N N   . ASN B 1 67  ? 8.546   19.177  10.909  1.00 88.45 ? 68  ASN B N   1 
ATOM   1296 C CA  . ASN B 1 67  ? 8.757   20.608  10.779  1.00 86.17 ? 68  ASN B CA  1 
ATOM   1297 C C   . ASN B 1 67  ? 9.117   20.828  9.317   1.00 81.47 ? 68  ASN B C   1 
ATOM   1298 O O   . ASN B 1 67  ? 10.123  20.305  8.839   1.00 85.37 ? 68  ASN B O   1 
ATOM   1299 C CB  . ASN B 1 67  ? 9.844   21.093  11.735  1.00 92.97 ? 68  ASN B CB  1 
ATOM   1300 C CG  . ASN B 1 67  ? 9.398   21.064  13.195  1.00 87.87 ? 68  ASN B CG  1 
ATOM   1301 O OD1 . ASN B 1 67  ? 10.170  20.699  14.082  1.00 92.65 ? 68  ASN B OD1 1 
ATOM   1302 N ND2 . ASN B 1 67  ? 8.147   21.437  13.446  1.00 75.51 ? 68  ASN B ND2 1 
ATOM   1303 N N   . THR B 1 68  ? 8.244   21.555  8.608   1.00 79.60 ? 69  THR B N   1 
ATOM   1304 C CA  . THR B 1 68  ? 8.343   21.870  7.172   1.00 77.88 ? 69  THR B CA  1 
ATOM   1305 C C   . THR B 1 68  ? 8.025   20.731  6.191   1.00 74.05 ? 69  THR B C   1 
ATOM   1306 O O   . THR B 1 68  ? 7.965   20.968  4.986   1.00 74.08 ? 69  THR B O   1 
ATOM   1307 C CB  . THR B 1 68  ? 9.704   22.479  6.759   1.00 76.16 ? 69  THR B CB  1 
ATOM   1308 O OG1 . THR B 1 68  ? 10.644  21.431  6.501   1.00 84.36 ? 69  THR B OG1 1 
ATOM   1309 C CG2 . THR B 1 68  ? 10.247  23.446  7.821   1.00 78.48 ? 69  THR B CG2 1 
ATOM   1310 N N   . ARG B 1 69  ? 7.847   19.500  6.695   1.00 67.48 ? 70  ARG B N   1 
ATOM   1311 C CA  . ARG B 1 69  ? 7.409   18.364  5.865   1.00 62.09 ? 70  ARG B CA  1 
ATOM   1312 C C   . ARG B 1 69  ? 6.211   17.656  6.499   1.00 53.16 ? 70  ARG B C   1 
ATOM   1313 O O   . ARG B 1 69  ? 6.072   17.599  7.719   1.00 46.50 ? 70  ARG B O   1 
ATOM   1314 C CB  . ARG B 1 69  ? 8.537   17.349  5.615   1.00 55.61 ? 70  ARG B CB  1 
ATOM   1315 C CG  . ARG B 1 69  ? 9.480   17.716  4.478   1.00 55.13 ? 70  ARG B CG  1 
ATOM   1316 C CD  . ARG B 1 69  ? 10.524  16.633  4.269   1.00 56.26 ? 70  ARG B CD  1 
ATOM   1317 N NE  . ARG B 1 69  ? 11.183  16.243  5.517   1.00 48.58 ? 70  ARG B NE  1 
ATOM   1318 C CZ  . ARG B 1 69  ? 12.034  15.228  5.626   1.00 52.08 ? 70  ARG B CZ  1 
ATOM   1319 N NH1 . ARG B 1 69  ? 12.577  14.940  6.806   1.00 55.07 ? 70  ARG B NH1 1 
ATOM   1320 N NH2 . ARG B 1 69  ? 12.347  14.499  4.560   1.00 57.31 ? 70  ARG B NH2 1 
ATOM   1321 N N   . PHE B 1 70  ? 5.349   17.113  5.639   1.00 48.09 ? 71  PHE B N   1 
ATOM   1322 C CA  . PHE B 1 70  ? 4.101   16.505  6.052   1.00 46.61 ? 71  PHE B CA  1 
ATOM   1323 C C   . PHE B 1 70  ? 3.881   15.232  5.234   1.00 43.75 ? 71  PHE B C   1 
ATOM   1324 O O   . PHE B 1 70  ? 3.605   15.303  4.027   1.00 59.46 ? 71  PHE B O   1 
ATOM   1325 C CB  . PHE B 1 70  ? 2.965   17.508  5.843   1.00 43.95 ? 71  PHE B CB  1 
ATOM   1326 C CG  . PHE B 1 70  ? 1.680   17.129  6.511   1.00 47.07 ? 71  PHE B CG  1 
ATOM   1327 C CD1 . PHE B 1 70  ? 0.876   16.143  5.974   1.00 48.10 ? 71  PHE B CD1 1 
ATOM   1328 C CD2 . PHE B 1 70  ? 1.252   17.788  7.656   1.00 54.98 ? 71  PHE B CD2 1 
ATOM   1329 C CE1 . PHE B 1 70  ? -0.319  15.803  6.569   1.00 45.14 ? 71  PHE B CE1 1 
ATOM   1330 C CE2 . PHE B 1 70  ? 0.050   17.450  8.261   1.00 49.09 ? 71  PHE B CE2 1 
ATOM   1331 C CZ  . PHE B 1 70  ? -0.733  16.447  7.721   1.00 47.80 ? 71  PHE B CZ  1 
ATOM   1332 N N   . PHE B 1 71  ? 3.984   14.079  5.905   1.00 36.70 ? 72  PHE B N   1 
ATOM   1333 C CA  . PHE B 1 71  ? 3.762   12.777  5.281   1.00 33.88 ? 72  PHE B CA  1 
ATOM   1334 C C   . PHE B 1 71  ? 2.433   12.175  5.706   1.00 30.65 ? 72  PHE B C   1 
ATOM   1335 O O   . PHE B 1 71  ? 1.993   12.349  6.837   1.00 31.35 ? 72  PHE B O   1 
ATOM   1336 C CB  . PHE B 1 71  ? 4.889   11.810  5.633   1.00 33.09 ? 72  PHE B CB  1 
ATOM   1337 C CG  . PHE B 1 71  ? 6.234   12.258  5.162   1.00 35.26 ? 72  PHE B CG  1 
ATOM   1338 C CD1 . PHE B 1 71  ? 6.656   11.997  3.859   1.00 37.43 ? 72  PHE B CD1 1 
ATOM   1339 C CD2 . PHE B 1 71  ? 7.082   12.932  6.014   1.00 40.95 ? 72  PHE B CD2 1 
ATOM   1340 C CE1 . PHE B 1 71  ? 7.903   12.412  3.412   1.00 39.38 ? 72  PHE B CE1 1 
ATOM   1341 C CE2 . PHE B 1 71  ? 8.345   13.334  5.585   1.00 41.81 ? 72  PHE B CE2 1 
ATOM   1342 C CZ  . PHE B 1 71  ? 8.753   13.072  4.285   1.00 40.84 ? 72  PHE B CZ  1 
ATOM   1343 N N   . VAL B 1 72  ? 1.788   11.481  4.766   1.00 26.90 ? 73  VAL B N   1 
ATOM   1344 C CA  . VAL B 1 72  ? 0.675   10.600  5.058   1.00 24.17 ? 73  VAL B CA  1 
ATOM   1345 C C   . VAL B 1 72  ? 1.210   9.176   4.895   1.00 22.79 ? 73  VAL B C   1 
ATOM   1346 O O   . VAL B 1 72  ? 1.762   8.824   3.841   1.00 22.56 ? 73  VAL B O   1 
ATOM   1347 C CB  . VAL B 1 72  ? -0.505  10.831  4.124   1.00 25.45 ? 73  VAL B CB  1 
ATOM   1348 C CG1 . VAL B 1 72  ? -1.638  9.846   4.438   1.00 28.73 ? 73  VAL B CG1 1 
ATOM   1349 C CG2 . VAL B 1 72  ? -0.991  12.265  4.221   1.00 26.26 ? 73  VAL B CG2 1 
ATOM   1350 N N   . VAL B 1 73  ? 1.112   8.407   5.984   1.00 20.30 ? 74  VAL B N   1 
ATOM   1351 C CA  . VAL B 1 73  ? 1.640   7.063   6.081   1.00 19.85 ? 74  VAL B CA  1 
ATOM   1352 C C   . VAL B 1 73  ? 0.466   6.094   6.087   1.00 17.80 ? 74  VAL B C   1 
ATOM   1353 O O   . VAL B 1 73  ? -0.407  6.177   6.970   1.00 16.81 ? 74  VAL B O   1 
ATOM   1354 C CB  . VAL B 1 73  ? 2.418   6.881   7.399   1.00 20.69 ? 74  VAL B CB  1 
ATOM   1355 C CG1 . VAL B 1 73  ? 2.972   5.468   7.504   1.00 18.92 ? 74  VAL B CG1 1 
ATOM   1356 C CG2 . VAL B 1 73  ? 3.546   7.918   7.511   1.00 22.36 ? 74  VAL B CG2 1 
ATOM   1357 N N   . THR B 1 74  ? 0.463   5.156   5.134   1.00 16.35 ? 75  THR B N   1 
ATOM   1358 C CA  . THR B 1 74  ? -0.529  4.072   5.117   1.00 17.23 ? 75  THR B CA  1 
ATOM   1359 C C   . THR B 1 74  ? 0.157   2.745   5.319   1.00 18.61 ? 75  THR B C   1 
ATOM   1360 O O   . THR B 1 74  ? 1.155   2.445   4.650   1.00 19.56 ? 75  THR B O   1 
ATOM   1361 C CB  . THR B 1 74  ? -1.317  4.035   3.794   1.00 17.72 ? 75  THR B CB  1 
ATOM   1362 O OG1 . THR B 1 74  ? -1.944  5.301   3.610   1.00 17.95 ? 75  THR B OG1 1 
ATOM   1363 C CG2 . THR B 1 74  ? -2.413  2.939   3.825   1.00 19.33 ? 75  THR B CG2 1 
ATOM   1364 N N   . THR B 1 75  ? -0.364  1.956   6.263   1.00 17.18 ? 76  THR B N   1 
ATOM   1365 C CA  . THR B 1 75  ? 0.143   0.637   6.549   1.00 20.29 ? 76  THR B CA  1 
ATOM   1366 C C   . THR B 1 75  ? -1.021  -0.349  6.428   1.00 20.46 ? 76  THR B C   1 
ATOM   1367 O O   . THR B 1 75  ? -2.085  -0.131  6.991   1.00 19.64 ? 76  THR B O   1 
ATOM   1368 C CB  . THR B 1 75  ? 0.758   0.591   7.953   1.00 22.08 ? 76  THR B CB  1 
ATOM   1369 O OG1 . THR B 1 75  ? -0.188  1.060   8.909   1.00 20.67 ? 76  THR B OG1 1 
ATOM   1370 C CG2 . THR B 1 75  ? 2.015   1.489   7.997   1.00 23.46 ? 76  THR B CG2 1 
ATOM   1371 N N   . SER B 1 76  ? -0.830  -1.404  5.630   1.00 21.70 ? 77  SER B N   1 
ATOM   1372 C CA  . SER B 1 76  ? -1.866  -2.423  5.425   1.00 21.90 ? 77  SER B CA  1 
ATOM   1373 C C   . SER B 1 76  ? -1.312  -3.795  5.674   1.00 19.55 ? 77  SER B C   1 
ATOM   1374 O O   . SER B 1 76  ? -0.186  -4.098  5.283   1.00 22.24 ? 77  SER B O   1 
ATOM   1375 C CB  . SER B 1 76  ? -2.463  -2.353  4.008   1.00 23.72 ? 77  SER B CB  1 
ATOM   1376 O OG  . SER B 1 76  ? -3.106  -1.100  3.775   1.00 22.95 ? 77  SER B OG  1 
ATOM   1377 N N   . TYR B 1 77  ? -2.138  -4.632  6.313   1.00 20.84 ? 78  TYR B N   1 
ATOM   1378 C CA  . TYR B 1 77  ? -1.780  -5.969  6.705   1.00 22.85 ? 78  TYR B CA  1 
ATOM   1379 C C   . TYR B 1 77  ? -1.943  -6.917  5.518   1.00 26.70 ? 78  TYR B C   1 
ATOM   1380 O O   . TYR B 1 77  ? -2.959  -6.878  4.815   1.00 28.24 ? 78  TYR B O   1 
ATOM   1381 C CB  . TYR B 1 77  ? -2.653  -6.439  7.869   1.00 25.10 ? 78  TYR B CB  1 
ATOM   1382 C CG  . TYR B 1 77  ? -2.368  -7.857  8.292   1.00 26.58 ? 78  TYR B CG  1 
ATOM   1383 C CD1 . TYR B 1 77  ? -1.210  -8.169  8.984   1.00 25.07 ? 78  TYR B CD1 1 
ATOM   1384 C CD2 . TYR B 1 77  ? -3.260  -8.887  8.012   1.00 29.40 ? 78  TYR B CD2 1 
ATOM   1385 C CE1 . TYR B 1 77  ? -0.937  -9.479  9.392   1.00 24.65 ? 78  TYR B CE1 1 
ATOM   1386 C CE2 . TYR B 1 77  ? -3.001  -10.191 8.412   1.00 28.37 ? 78  TYR B CE2 1 
ATOM   1387 C CZ  . TYR B 1 77  ? -1.829  -10.482 9.097   1.00 29.92 ? 78  TYR B CZ  1 
ATOM   1388 O OH  . TYR B 1 77  ? -1.572  -11.771 9.517   1.00 30.06 ? 78  TYR B OH  1 
ATOM   1389 N N   . ILE B 1 78  ? -0.937  -7.778  5.335   1.00 23.18 ? 79  ILE B N   1 
ATOM   1390 C CA  . ILE B 1 78  ? -0.877  -8.777  4.283   1.00 29.76 ? 79  ILE B CA  1 
ATOM   1391 C C   . ILE B 1 78  ? -0.775  -10.140 4.936   1.00 30.33 ? 79  ILE B C   1 
ATOM   1392 O O   . ILE B 1 78  ? 0.112   -10.368 5.745   1.00 34.23 ? 79  ILE B O   1 
ATOM   1393 C CB  . ILE B 1 78  ? 0.362   -8.565  3.393   1.00 34.30 ? 79  ILE B CB  1 
ATOM   1394 C CG1 . ILE B 1 78  ? 0.444   -7.119  2.927   1.00 41.81 ? 79  ILE B CG1 1 
ATOM   1395 C CG2 . ILE B 1 78  ? 0.328   -9.469  2.179   1.00 46.56 ? 79  ILE B CG2 1 
ATOM   1396 C CD1 . ILE B 1 78  ? -0.773  -6.619  2.170   1.00 40.32 ? 79  ILE B CD1 1 
ATOM   1397 N N   . ASP B 1 79  ? -1.714  -11.022 4.589   1.00 31.09 ? 80  ASP B N   1 
ATOM   1398 C CA  . ASP B 1 79  ? -1.745  -12.401 5.062   1.00 36.00 ? 80  ASP B CA  1 
ATOM   1399 C C   . ASP B 1 79  ? -1.075  -13.374 4.098   1.00 36.39 ? 80  ASP B C   1 
ATOM   1400 O O   . ASP B 1 79  ? -0.831  -14.503 4.469   1.00 38.41 ? 80  ASP B O   1 
ATOM   1401 C CB  . ASP B 1 79  ? -3.199  -12.867 5.308   1.00 36.32 ? 80  ASP B CB  1 
ATOM   1402 C CG  . ASP B 1 79  ? -4.145  -12.572 4.126   1.00 42.47 ? 80  ASP B CG  1 
ATOM   1403 O OD1 . ASP B 1 79  ? -3.819  -11.774 3.218   1.00 45.78 ? 80  ASP B OD1 1 
ATOM   1404 O OD2 . ASP B 1 79  ? -5.256  -13.134 4.121   1.00 51.20 ? 80  ASP B OD2 1 
ATOM   1405 N N   . LYS B 1 80  ? -0.776  -12.932 2.870   1.00 47.57 ? 81  LYS B N   1 
ATOM   1406 C CA  . LYS B 1 80  ? -0.382  -13.837 1.787   1.00 47.59 ? 81  LYS B CA  1 
ATOM   1407 C C   . LYS B 1 80  ? 0.850   -13.385 1.019   1.00 42.91 ? 81  LYS B C   1 
ATOM   1408 O O   . LYS B 1 80  ? 0.789   -12.424 0.256   1.00 44.19 ? 81  LYS B O   1 
ATOM   1409 C CB  . LYS B 1 80  ? -1.558  -14.018 0.829   1.00 56.51 ? 81  LYS B CB  1 
ATOM   1410 C CG  . LYS B 1 80  ? -1.478  -15.282 -0.008  1.00 60.93 ? 81  LYS B CG  1 
ATOM   1411 C CD  . LYS B 1 80  ? -2.694  -15.431 -0.902  1.00 63.43 ? 81  LYS B CD  1 
ATOM   1412 C CE  . LYS B 1 80  ? -3.957  -15.723 -0.113  1.00 62.94 ? 81  LYS B CE  1 
ATOM   1413 N NZ  . LYS B 1 80  ? -5.076  -16.037 -1.044  1.00 66.00 ? 81  LYS B NZ  1 
ATOM   1414 N N   . ILE B 1 81  ? 1.960   -14.107 1.212   1.00 38.64 ? 82  ILE B N   1 
ATOM   1415 C CA  . ILE B 1 81  ? 3.250   -13.821 0.574   1.00 44.23 ? 82  ILE B CA  1 
ATOM   1416 C C   . ILE B 1 81  ? 3.878   -15.119 0.005   1.00 44.71 ? 82  ILE B C   1 
ATOM   1417 O O   . ILE B 1 81  ? 4.038   -16.118 0.719   1.00 42.95 ? 82  ILE B O   1 
ATOM   1418 C CB  . ILE B 1 81  ? 4.240   -13.158 1.588   1.00 34.57 ? 82  ILE B CB  1 
ATOM   1419 C CG1 . ILE B 1 81  ? 3.647   -11.886 2.206   1.00 33.82 ? 82  ILE B CG1 1 
ATOM   1420 C CG2 . ILE B 1 81  ? 5.573   -12.868 0.925   1.00 35.73 ? 82  ILE B CG2 1 
ATOM   1421 C CD1 . ILE B 1 81  ? 4.487   -11.304 3.325   1.00 32.59 ? 82  ILE B CD1 1 
ATOM   1422 N N   . GLU B 1 82  ? 4.263   -15.084 -1.278  1.00 54.33 ? 83  GLU B N   1 
ATOM   1423 C CA  . GLU B 1 82  ? 4.736   -16.272 -2.020  1.00 54.89 ? 83  GLU B CA  1 
ATOM   1424 C C   . GLU B 1 82  ? 5.940   -17.013 -1.421  1.00 61.43 ? 83  GLU B C   1 
ATOM   1425 O O   . GLU B 1 82  ? 5.874   -18.228 -1.169  1.00 61.40 ? 83  GLU B O   1 
ATOM   1426 C CB  . GLU B 1 82  ? 5.072   -15.891 -3.466  1.00 61.48 ? 83  GLU B CB  1 
ATOM   1427 C CG  . GLU B 1 82  ? 3.906   -15.964 -4.434  1.00 66.52 ? 83  GLU B CG  1 
ATOM   1428 C CD  . GLU B 1 82  ? 3.634   -17.366 -4.951  1.00 71.32 ? 83  GLU B CD  1 
ATOM   1429 O OE1 . GLU B 1 82  ? 4.594   -18.132 -5.197  1.00 82.19 ? 83  GLU B OE1 1 
ATOM   1430 O OE2 . GLU B 1 82  ? 2.446   -17.697 -5.133  1.00 60.50 ? 83  GLU B OE2 1 
ATOM   1431 N N   . GLN B 1 83  ? 7.045   -16.278 -1.248  1.00 56.51 ? 84  GLN B N   1 
ATOM   1432 C CA  . GLN B 1 83  ? 8.268   -16.765 -0.620  1.00 56.35 ? 84  GLN B CA  1 
ATOM   1433 C C   . GLN B 1 83  ? 8.781   -15.630 0.262   1.00 49.88 ? 84  GLN B C   1 
ATOM   1434 O O   . GLN B 1 83  ? 8.554   -14.474 -0.062  1.00 41.43 ? 84  GLN B O   1 
ATOM   1435 C CB  . GLN B 1 83  ? 9.314   -17.134 -1.694  1.00 54.75 ? 84  GLN B CB  1 
ATOM   1436 C CG  . GLN B 1 83  ? 10.487  -16.154 -1.837  1.00 56.34 ? 84  GLN B CG  1 
ATOM   1437 C CD  . GLN B 1 83  ? 10.922  -15.918 -3.274  1.00 54.25 ? 84  GLN B CD  1 
ATOM   1438 O OE1 . GLN B 1 83  ? 10.965  -14.767 -3.739  1.00 47.93 ? 84  GLN B OE1 1 
ATOM   1439 N NE2 . GLN B 1 83  ? 11.244  -17.000 -3.986  1.00 44.52 ? 84  GLN B NE2 1 
ATOM   1440 N N   . GLY B 1 84  ? 9.500   -15.965 1.340   1.00 45.54 ? 85  GLY B N   1 
ATOM   1441 C CA  . GLY B 1 84  ? 10.171  -14.975 2.174   1.00 46.94 ? 85  GLY B CA  1 
ATOM   1442 C C   . GLY B 1 84  ? 9.290   -14.302 3.226   1.00 44.06 ? 85  GLY B C   1 
ATOM   1443 O O   . GLY B 1 84  ? 9.704   -13.336 3.871   1.00 32.46 ? 85  GLY B O   1 
ATOM   1444 N N   . GLY B 1 85  ? 8.079   -14.833 3.417   1.00 41.71 ? 86  GLY B N   1 
ATOM   1445 C CA  . GLY B 1 85  ? 7.164   -14.331 4.404   1.00 38.16 ? 86  GLY B CA  1 
ATOM   1446 C C   . GLY B 1 85  ? 5.920   -15.170 4.489   1.00 41.81 ? 86  GLY B C   1 
ATOM   1447 O O   . GLY B 1 85  ? 5.526   -15.857 3.530   1.00 47.68 ? 86  GLY B O   1 
ATOM   1448 N N   . LYS B 1 86  ? 5.291   -15.116 5.668   1.00 44.17 ? 87  LYS B N   1 
ATOM   1449 C CA  . LYS B 1 86  ? 3.983   -15.701 5.918   1.00 41.73 ? 87  LYS B CA  1 
ATOM   1450 C C   . LYS B 1 86  ? 2.957   -14.573 5.978   1.00 36.65 ? 87  LYS B C   1 
ATOM   1451 O O   . LYS B 1 86  ? 1.926   -14.640 5.319   1.00 47.38 ? 87  LYS B O   1 
ATOM   1452 C CB  . LYS B 1 86  ? 3.989   -16.532 7.211   1.00 42.02 ? 87  LYS B CB  1 
ATOM   1453 C CG  . LYS B 1 86  ? 2.644   -17.151 7.564   1.00 54.99 ? 87  LYS B CG  1 
ATOM   1454 C CD  . LYS B 1 86  ? 2.005   -17.867 6.377   1.00 56.24 ? 87  LYS B CD  1 
ATOM   1455 C CE  . LYS B 1 86  ? 1.044   -18.952 6.836   1.00 54.35 ? 87  LYS B CE  1 
ATOM   1456 N NZ  . LYS B 1 86  ? 0.243   -19.453 5.692   1.00 61.05 ? 87  LYS B NZ  1 
ATOM   1457 N N   . SER B 1 87  ? 3.248   -13.544 6.784   1.00 31.96 ? 88  SER B N   1 
ATOM   1458 C CA  . SER B 1 87  ? 2.423   -12.338 6.861   1.00 30.72 ? 88  SER B CA  1 
ATOM   1459 C C   . SER B 1 87  ? 3.320   -11.123 6.947   1.00 27.43 ? 88  SER B C   1 
ATOM   1460 O O   . SER B 1 87  ? 4.534   -11.255 7.120   1.00 21.56 ? 88  SER B O   1 
ATOM   1461 C CB  . SER B 1 87  ? 1.473   -12.355 8.058   1.00 30.45 ? 88  SER B CB  1 
ATOM   1462 O OG  . SER B 1 87  ? 2.194   -12.249 9.262   1.00 37.39 ? 88  SER B OG  1 
ATOM   1463 N N   . GLY B 1 88  ? 2.715   -9.939  6.825   1.00 25.52 ? 89  GLY B N   1 
ATOM   1464 C CA  . GLY B 1 88  ? 3.466   -8.706  6.827   1.00 23.43 ? 89  GLY B CA  1 
ATOM   1465 C C   . GLY B 1 88  ? 2.633   -7.462  6.730   1.00 21.99 ? 89  GLY B C   1 
ATOM   1466 O O   . GLY B 1 88  ? 1.400   -7.525  6.775   1.00 16.84 ? 89  GLY B O   1 
ATOM   1467 N N   . VAL B 1 89  ? 3.331   -6.332  6.562   1.00 19.73 ? 90  VAL B N   1 
ATOM   1468 C CA  . VAL B 1 89  ? 2.738   -5.021  6.400   1.00 20.07 ? 90  VAL B CA  1 
ATOM   1469 C C   . VAL B 1 89  ? 3.397   -4.307  5.228   1.00 20.33 ? 90  VAL B C   1 
ATOM   1470 O O   . VAL B 1 89  ? 4.643   -4.240  5.138   1.00 17.67 ? 90  VAL B O   1 
ATOM   1471 C CB  . VAL B 1 89  ? 2.914   -4.183  7.680   1.00 21.82 ? 90  VAL B CB  1 
ATOM   1472 C CG1 . VAL B 1 89  ? 2.527   -2.716  7.450   1.00 22.17 ? 90  VAL B CG1 1 
ATOM   1473 C CG2 . VAL B 1 89  ? 2.122   -4.787  8.826   1.00 24.14 ? 90  VAL B CG2 1 
ATOM   1474 N N   . VAL B 1 90  ? 2.558   -3.756  4.343   1.00 18.57 ? 91  VAL B N   1 
ATOM   1475 C CA  . VAL B 1 90  ? 2.997   -2.910  3.253   1.00 19.43 ? 91  VAL B CA  1 
ATOM   1476 C C   . VAL B 1 90  ? 2.793   -1.472  3.700   1.00 20.01 ? 91  VAL B C   1 
ATOM   1477 O O   . VAL B 1 90  ? 1.700   -1.095  4.101   1.00 18.65 ? 91  VAL B O   1 
ATOM   1478 C CB  . VAL B 1 90  ? 2.269   -3.240  1.931   1.00 23.33 ? 91  VAL B CB  1 
ATOM   1479 C CG1 . VAL B 1 90  ? 2.479   -2.161  0.872   1.00 23.84 ? 91  VAL B CG1 1 
ATOM   1480 C CG2 . VAL B 1 90  ? 2.764   -4.585  1.409   1.00 21.60 ? 91  VAL B CG2 1 
ATOM   1481 N N   . VAL B 1 91  ? 3.893   -0.706  3.689   1.00 19.36 ? 92  VAL B N   1 
ATOM   1482 C CA  . VAL B 1 91  ? 3.933   0.685   4.093   1.00 19.44 ? 92  VAL B CA  1 
ATOM   1483 C C   . VAL B 1 91  ? 4.018   1.524   2.835   1.00 19.74 ? 92  VAL B C   1 
ATOM   1484 O O   . VAL B 1 91  ? 4.884   1.273   1.998   1.00 19.42 ? 92  VAL B O   1 
ATOM   1485 C CB  . VAL B 1 91  ? 5.202   0.979   4.936   1.00 18.65 ? 92  VAL B CB  1 
ATOM   1486 C CG1 . VAL B 1 91  ? 5.180   2.406   5.454   1.00 20.23 ? 92  VAL B CG1 1 
ATOM   1487 C CG2 . VAL B 1 91  ? 5.307   0.009   6.091   1.00 22.09 ? 92  VAL B CG2 1 
ATOM   1488 N N   . THR B 1 92  ? 3.136   2.528   2.708   1.00 21.94 ? 93  THR B N   1 
ATOM   1489 C CA  . THR B 1 92  ? 3.274   3.552   1.666   1.00 23.13 ? 93  THR B CA  1 
ATOM   1490 C C   . THR B 1 92  ? 3.282   4.925   2.314   1.00 27.41 ? 93  THR B C   1 
ATOM   1491 O O   . THR B 1 92  ? 2.407   5.223   3.134   1.00 26.54 ? 93  THR B O   1 
ATOM   1492 C CB  . THR B 1 92  ? 2.173   3.500   0.572   1.00 22.42 ? 93  THR B CB  1 
ATOM   1493 O OG1 . THR B 1 92  ? 0.901   3.791   1.148   1.00 23.36 ? 93  THR B OG1 1 
ATOM   1494 C CG2 . THR B 1 92  ? 2.124   2.138   -0.104  1.00 21.79 ? 93  THR B CG2 1 
ATOM   1495 N N   . VAL B 1 93  ? 4.271   5.742   1.911   1.00 25.48 ? 94  VAL B N   1 
ATOM   1496 C CA  . VAL B 1 93  ? 4.508   7.075   2.450   1.00 25.74 ? 94  VAL B CA  1 
ATOM   1497 C C   . VAL B 1 93  ? 4.389   8.103   1.327   1.00 26.79 ? 94  VAL B C   1 
ATOM   1498 O O   . VAL B 1 93  ? 5.121   8.046   0.336   1.00 20.76 ? 94  VAL B O   1 
ATOM   1499 C CB  . VAL B 1 93  ? 5.909   7.182   3.102   1.00 27.58 ? 94  VAL B CB  1 
ATOM   1500 C CG1 . VAL B 1 93  ? 6.061   8.502   3.840   1.00 26.30 ? 94  VAL B CG1 1 
ATOM   1501 C CG2 . VAL B 1 93  ? 6.137   6.039   4.089   1.00 25.54 ? 94  VAL B CG2 1 
ATOM   1502 N N   . ARG B 1 94  ? 3.436   9.031   1.487   1.00 29.83 ? 95  ARG B N   1 
ATOM   1503 C CA  . ARG B 1 94  ? 3.181   10.117  0.547   1.00 29.25 ? 95  ARG B CA  1 
ATOM   1504 C C   . ARG B 1 94  ? 3.602   11.447  1.149   1.00 29.51 ? 95  ARG B C   1 
ATOM   1505 O O   . ARG B 1 94  ? 3.129   11.809  2.223   1.00 28.23 ? 95  ARG B O   1 
ATOM   1506 C CB  . ARG B 1 94  ? 1.700   10.171  0.213   1.00 32.04 ? 95  ARG B CB  1 
ATOM   1507 C CG  . ARG B 1 94  ? 1.382   11.121  -0.914  1.00 36.61 ? 95  ARG B CG  1 
ATOM   1508 C CD  . ARG B 1 94  ? -0.065  10.973  -1.346  1.00 40.37 ? 95  ARG B CD  1 
ATOM   1509 N NE  . ARG B 1 94  ? -0.325  11.704  -2.580  1.00 48.40 ? 95  ARG B NE  1 
ATOM   1510 C CZ  . ARG B 1 94  ? -0.103  11.241  -3.810  1.00 59.03 ? 95  ARG B CZ  1 
ATOM   1511 N NH1 . ARG B 1 94  ? 0.388   10.016  -4.017  1.00 51.80 ? 95  ARG B NH1 1 
ATOM   1512 N NH2 . ARG B 1 94  ? -0.383  12.019  -4.852  1.00 65.57 ? 95  ARG B NH2 1 
ATOM   1513 N N   . ASP B 1 95  ? 4.486   12.171  0.450   1.00 32.54 ? 96  ASP B N   1 
ATOM   1514 C CA  . ASP B 1 95  ? 4.932   13.511  0.858   1.00 44.74 ? 96  ASP B CA  1 
ATOM   1515 C C   . ASP B 1 95  ? 3.902   14.557  0.395   1.00 43.17 ? 96  ASP B C   1 
ATOM   1516 O O   . ASP B 1 95  ? 3.812   14.849  -0.792  1.00 40.96 ? 96  ASP B O   1 
ATOM   1517 C CB  . ASP B 1 95  ? 6.307   13.812  0.257   1.00 43.40 ? 96  ASP B CB  1 
ATOM   1518 C CG  . ASP B 1 95  ? 6.910   15.101  0.775   1.00 46.45 ? 96  ASP B CG  1 
ATOM   1519 O OD1 . ASP B 1 95  ? 6.158   15.970  1.271   1.00 47.56 ? 96  ASP B OD1 1 
ATOM   1520 O OD2 . ASP B 1 95  ? 8.151   15.250  0.671   1.00 52.04 ? 96  ASP B OD2 1 
ATOM   1521 N N   . MET B 1 96  ? 3.125   15.098  1.343   1.00 47.13 ? 97  MET B N   1 
ATOM   1522 C CA  . MET B 1 96  ? 2.053   16.040  1.029   1.00 51.98 ? 97  MET B CA  1 
ATOM   1523 C C   . MET B 1 96  ? 2.518   17.491  1.028   1.00 61.99 ? 97  MET B C   1 
ATOM   1524 O O   . MET B 1 96  ? 1.987   18.298  0.268   1.00 69.68 ? 97  MET B O   1 
ATOM   1525 C CB  . MET B 1 96  ? 0.888   15.910  2.009   1.00 54.11 ? 97  MET B CB  1 
ATOM   1526 C CG  . MET B 1 96  ? 0.101   14.613  1.907   1.00 57.41 ? 97  MET B CG  1 
ATOM   1527 S SD  . MET B 1 96  ? -0.600  14.219  0.289   1.00 59.83 ? 97  MET B SD  1 
ATOM   1528 C CE  . MET B 1 96  ? -1.664  15.633  0.020   1.00 64.26 ? 97  MET B CE  1 
ATOM   1529 N N   . THR B 1 97  ? 3.450   17.822  1.929   1.00 63.09 ? 98  THR B N   1 
ATOM   1530 C CA  . THR B 1 97  ? 3.911   19.195  2.187   1.00 64.48 ? 98  THR B CA  1 
ATOM   1531 C C   . THR B 1 97  ? 3.070   20.320  1.537   1.00 61.27 ? 98  THR B C   1 
ATOM   1532 O O   . THR B 1 97  ? 3.227   20.661  0.358   1.00 51.57 ? 98  THR B O   1 
ATOM   1533 C CB  . THR B 1 97  ? 5.403   19.345  1.816   1.00 65.98 ? 98  THR B CB  1 
ATOM   1534 O OG1 . THR B 1 97  ? 6.153   18.290  2.432   1.00 62.15 ? 98  THR B OG1 1 
ATOM   1535 C CG2 . THR B 1 97  ? 5.952   20.682  2.293   1.00 63.84 ? 98  THR B CG2 1 
HETATM 1536 O O   . HOH C 2 .   ? 2.623   3.523   -3.468  1.00 21.95 ? 201 HOH A O   1 
HETATM 1537 O O   . HOH C 2 .   ? 18.984  -10.692 -3.756  1.00 27.90 ? 202 HOH A O   1 
HETATM 1538 O O   . HOH C 2 .   ? 13.801  -4.102  -2.639  1.00 22.53 ? 203 HOH A O   1 
HETATM 1539 O O   . HOH C 2 .   ? -2.620  0.104   1.386   1.00 19.68 ? 204 HOH A O   1 
HETATM 1540 O O   . HOH C 2 .   ? -6.429  1.467   -13.284 1.00 20.18 ? 205 HOH A O   1 
HETATM 1541 O O   . HOH C 2 .   ? -10.332 1.159   1.089   1.00 25.79 ? 206 HOH A O   1 
HETATM 1542 O O   . HOH C 2 .   ? 12.946  -14.176 -5.924  1.00 22.73 ? 207 HOH A O   1 
HETATM 1543 O O   . HOH C 2 .   ? -12.005 3.216   2.205   1.00 31.56 ? 208 HOH A O   1 
HETATM 1544 O O   . HOH C 2 .   ? -5.163  2.414   -16.636 1.00 21.87 ? 209 HOH A O   1 
HETATM 1545 O O   . HOH C 2 .   ? 13.230  -12.780 -8.894  1.00 20.80 ? 210 HOH A O   1 
HETATM 1546 O O   . HOH C 2 .   ? 10.237  -9.782  -1.595  1.00 24.81 ? 211 HOH A O   1 
HETATM 1547 O O   . HOH C 2 .   ? -0.653  -13.204 -3.156  1.00 37.96 ? 212 HOH A O   1 
HETATM 1548 O O   . HOH C 2 .   ? 11.801  -12.034 -2.148  1.00 23.92 ? 213 HOH A O   1 
HETATM 1549 O O   . HOH C 2 .   ? 9.187   -5.394  -17.315 1.00 44.61 ? 214 HOH A O   1 
HETATM 1550 O O   . HOH C 2 .   ? -7.743  -7.311  3.512   1.00 26.79 ? 215 HOH A O   1 
HETATM 1551 O O   . HOH C 2 .   ? 0.902   1.671   -4.080  1.00 25.62 ? 216 HOH A O   1 
HETATM 1552 O O   . HOH C 2 .   ? -13.952 9.684   -11.999 1.00 25.97 ? 217 HOH A O   1 
HETATM 1553 O O   . HOH C 2 .   ? -25.631 6.517   10.116  1.00 45.03 ? 218 HOH A O   1 
HETATM 1554 O O   . HOH D 2 .   ? 12.011  -12.708 2.775   1.00 28.06 ? 201 HOH B O   1 
HETATM 1555 O O   . HOH D 2 .   ? 7.126   9.166   17.939  1.00 27.53 ? 202 HOH B O   1 
HETATM 1556 O O   . HOH D 2 .   ? -5.636  -6.466  4.987   1.00 31.34 ? 203 HOH B O   1 
HETATM 1557 O O   . HOH D 2 .   ? -3.766  -1.962  16.580  1.00 26.53 ? 204 HOH B O   1 
HETATM 1558 O O   . HOH D 2 .   ? 14.100  -1.855  -5.269  1.00 22.97 ? 205 HOH B O   1 
HETATM 1559 O O   . HOH D 2 .   ? 11.689  -3.129  9.713   1.00 29.48 ? 206 HOH B O   1 
HETATM 1560 O O   . HOH D 2 .   ? 8.839   3.223   18.218  1.00 24.45 ? 207 HOH B O   1 
HETATM 1561 O O   . HOH D 2 .   ? 7.854   4.423   20.479  1.00 35.99 ? 208 HOH B O   1 
HETATM 1562 O O   . HOH D 2 .   ? 7.015   12.534  14.872  1.00 43.22 ? 209 HOH B O   1 
# 
